data_7T5U
# 
_entry.id   7T5U 
# 
_audit_conform.dict_name       mmcif_pdbx.dic 
_audit_conform.dict_version    5.389 
_audit_conform.dict_location   http://mmcif.pdb.org/dictionaries/ascii/mmcif_pdbx.dic 
# 
loop_
_database_2.database_id 
_database_2.database_code 
_database_2.pdbx_database_accession 
_database_2.pdbx_DOI 
PDB   7T5U         pdb_00007t5u 10.2210/pdb7t5u/pdb 
WWPDB D_1000261716 ?            ?                   
# 
loop_
_pdbx_audit_revision_history.ordinal 
_pdbx_audit_revision_history.data_content_type 
_pdbx_audit_revision_history.major_revision 
_pdbx_audit_revision_history.minor_revision 
_pdbx_audit_revision_history.revision_date 
1 'Structure model' 1 0 2022-09-14 
2 'Structure model' 1 1 2022-10-12 
3 'Structure model' 1 2 2022-11-30 
4 'Structure model' 1 3 2024-04-03 
# 
_pdbx_audit_revision_details.ordinal             1 
_pdbx_audit_revision_details.revision_ordinal    1 
_pdbx_audit_revision_details.data_content_type   'Structure model' 
_pdbx_audit_revision_details.provider            repository 
_pdbx_audit_revision_details.type                'Initial release' 
_pdbx_audit_revision_details.description         ? 
_pdbx_audit_revision_details.details             ? 
# 
loop_
_pdbx_audit_revision_group.ordinal 
_pdbx_audit_revision_group.revision_ordinal 
_pdbx_audit_revision_group.data_content_type 
_pdbx_audit_revision_group.group 
1 2 'Structure model' 'Database references'    
2 3 'Structure model' 'Database references'    
3 4 'Structure model' 'Data collection'        
4 4 'Structure model' 'Refinement description' 
# 
loop_
_pdbx_audit_revision_category.ordinal 
_pdbx_audit_revision_category.revision_ordinal 
_pdbx_audit_revision_category.data_content_type 
_pdbx_audit_revision_category.category 
1 2 'Structure model' citation                      
2 2 'Structure model' citation_author               
3 3 'Structure model' citation                      
4 4 'Structure model' chem_comp_atom                
5 4 'Structure model' chem_comp_bond                
6 4 'Structure model' pdbx_initial_refinement_model 
# 
loop_
_pdbx_audit_revision_item.ordinal 
_pdbx_audit_revision_item.revision_ordinal 
_pdbx_audit_revision_item.data_content_type 
_pdbx_audit_revision_item.item 
1 2 'Structure model' '_citation.page_first'              
2 2 'Structure model' '_citation.page_last'               
3 2 'Structure model' '_citation.pdbx_database_id_DOI'    
4 2 'Structure model' '_citation.pdbx_database_id_PubMed' 
5 2 'Structure model' '_citation.title'                   
6 2 'Structure model' '_citation_author.identifier_ORCID' 
7 3 'Structure model' '_citation.journal_volume'          
# 
_pdbx_database_status.status_code                     REL 
_pdbx_database_status.status_code_sf                  REL 
_pdbx_database_status.status_code_mr                  ? 
_pdbx_database_status.entry_id                        7T5U 
_pdbx_database_status.recvd_initial_deposition_date   2021-12-13 
_pdbx_database_status.SG_entry                        N 
_pdbx_database_status.deposit_site                    RCSB 
_pdbx_database_status.process_site                    RCSB 
_pdbx_database_status.status_code_cs                  ? 
_pdbx_database_status.status_code_nmr_data            ? 
_pdbx_database_status.methods_development_category    ? 
_pdbx_database_status.pdb_format_compatible           Y 
# 
_pdbx_contact_author.id                 2 
_pdbx_contact_author.email              kcorbett@ucsd.edu 
_pdbx_contact_author.name_first         Kevin 
_pdbx_contact_author.name_last          Corbett 
_pdbx_contact_author.name_mi            D 
_pdbx_contact_author.role               'principal investigator/group leader' 
_pdbx_contact_author.identifier_ORCID   0000-0001-5854-2388 
# 
loop_
_audit_author.name 
_audit_author.pdbx_ordinal 
_audit_author.identifier_ORCID 
'Lau, R.K.'     1 ? 
'Corbett, K.D.' 2 ? 
# 
_citation.abstract                  ? 
_citation.abstract_id_CAS           ? 
_citation.book_id_ISBN              ? 
_citation.book_publisher            ? 
_citation.book_publisher_city       ? 
_citation.book_title                ? 
_citation.coordinate_linkage        ? 
_citation.country                   UK 
_citation.database_id_Medline       ? 
_citation.details                   ? 
_citation.id                        primary 
_citation.journal_abbrev            'Embo J.' 
_citation.journal_id_ASTM           EMJODG 
_citation.journal_id_CSD            0897 
_citation.journal_id_ISSN           1460-2075 
_citation.journal_full              ? 
_citation.journal_issue             ? 
_citation.journal_volume            41 
_citation.language                  ? 
_citation.page_first                e111540 
_citation.page_last                 e111540 
_citation.title                     
'A conserved signaling pathway activates bacterial CBASS immune signaling in response to DNA damage.' 
_citation.year                      2022 
_citation.database_id_CSD           ? 
_citation.pdbx_database_id_DOI      10.15252/embj.2022111540 
_citation.pdbx_database_id_PubMed   36156805 
_citation.pdbx_database_id_patent   ? 
_citation.unpublished_flag          ? 
# 
loop_
_citation_author.citation_id 
_citation_author.name 
_citation_author.ordinal 
_citation_author.identifier_ORCID 
primary 'Lau, R.K.'     1 0000-0002-4182-4394 
primary 'Enustun, E.'   2 0000-0001-7550-7752 
primary 'Gu, Y.'        3 0000-0002-1514-1477 
primary 'Nguyen, J.V.'  4 ?                   
primary 'Corbett, K.D.' 5 0000-0001-5854-2388 
# 
loop_
_entity.id 
_entity.type 
_entity.src_method 
_entity.pdbx_description 
_entity.formula_weight 
_entity.pdbx_number_of_molecules 
_entity.pdbx_ec 
_entity.pdbx_mutation 
_entity.pdbx_fragment 
_entity.details 
1 polymer     man 'Helix-turn-helix domain-containing protein' 7678.672 1  ? ? 'HTH cro/C1-type domain, residues 2-67' ? 
2 non-polymer syn 'SULFATE ION'                                96.063   2  ? ? ?                                       ? 
3 water       nat water                                        18.015   87 ? ? ?                                       ? 
# 
_entity_name_com.entity_id   1 
_entity_name_com.name        
'Helix-turn-helix transcriptional regulator,Transcriptional regulator,XRE family transcriptional regulator' 
# 
_entity_poly.entity_id                      1 
_entity_poly.type                           'polypeptide(L)' 
_entity_poly.nstd_linkage                   no 
_entity_poly.nstd_monomer                   no 
_entity_poly.pdbx_seq_one_letter_code       SNAATRLGEKLRDLRKQRGLTLEKLADMAGLSKSYLWELENRESQRPSAEKLTALADALGVGTSFFLED 
_entity_poly.pdbx_seq_one_letter_code_can   SNAATRLGEKLRDLRKQRGLTLEKLADMAGLSKSYLWELENRESQRPSAEKLTALADALGVGTSFFLED 
_entity_poly.pdbx_strand_id                 A 
_entity_poly.pdbx_target_identifier         ? 
# 
loop_
_pdbx_entity_nonpoly.entity_id 
_pdbx_entity_nonpoly.name 
_pdbx_entity_nonpoly.comp_id 
2 'SULFATE ION' SO4 
3 water         HOH 
# 
loop_
_entity_poly_seq.entity_id 
_entity_poly_seq.num 
_entity_poly_seq.mon_id 
_entity_poly_seq.hetero 
1 1  SER n 
1 2  ASN n 
1 3  ALA n 
1 4  ALA n 
1 5  THR n 
1 6  ARG n 
1 7  LEU n 
1 8  GLY n 
1 9  GLU n 
1 10 LYS n 
1 11 LEU n 
1 12 ARG n 
1 13 ASP n 
1 14 LEU n 
1 15 ARG n 
1 16 LYS n 
1 17 GLN n 
1 18 ARG n 
1 19 GLY n 
1 20 LEU n 
1 21 THR n 
1 22 LEU n 
1 23 GLU n 
1 24 LYS n 
1 25 LEU n 
1 26 ALA n 
1 27 ASP n 
1 28 MET n 
1 29 ALA n 
1 30 GLY n 
1 31 LEU n 
1 32 SER n 
1 33 LYS n 
1 34 SER n 
1 35 TYR n 
1 36 LEU n 
1 37 TRP n 
1 38 GLU n 
1 39 LEU n 
1 40 GLU n 
1 41 ASN n 
1 42 ARG n 
1 43 GLU n 
1 44 SER n 
1 45 GLN n 
1 46 ARG n 
1 47 PRO n 
1 48 SER n 
1 49 ALA n 
1 50 GLU n 
1 51 LYS n 
1 52 LEU n 
1 53 THR n 
1 54 ALA n 
1 55 LEU n 
1 56 ALA n 
1 57 ASP n 
1 58 ALA n 
1 59 LEU n 
1 60 GLY n 
1 61 VAL n 
1 62 GLY n 
1 63 THR n 
1 64 SER n 
1 65 PHE n 
1 66 PHE n 
1 67 LEU n 
1 68 GLU n 
1 69 ASP n 
# 
_entity_src_gen.entity_id                          1 
_entity_src_gen.pdbx_src_id                        1 
_entity_src_gen.pdbx_alt_source_flag               sample 
_entity_src_gen.pdbx_seq_type                      'Biological sequence' 
_entity_src_gen.pdbx_beg_seq_num                   1 
_entity_src_gen.pdbx_end_seq_num                   69 
_entity_src_gen.gene_src_common_name               ? 
_entity_src_gen.gene_src_genus                     ? 
_entity_src_gen.pdbx_gene_src_gene                 'nadR_1, BHS87_27750, D9K17_19515, GRQ19_13110, HV109_14215, NCTC13216_00230' 
_entity_src_gen.gene_src_species                   ? 
_entity_src_gen.gene_src_strain                    ? 
_entity_src_gen.gene_src_tissue                    ? 
_entity_src_gen.gene_src_tissue_fraction           ? 
_entity_src_gen.gene_src_details                   ? 
_entity_src_gen.pdbx_gene_src_fragment             ? 
_entity_src_gen.pdbx_gene_src_scientific_name      'Escherichia coli' 
_entity_src_gen.pdbx_gene_src_ncbi_taxonomy_id     562 
_entity_src_gen.pdbx_gene_src_variant              ? 
_entity_src_gen.pdbx_gene_src_cell_line            ? 
_entity_src_gen.pdbx_gene_src_atcc                 ? 
_entity_src_gen.pdbx_gene_src_organ                ? 
_entity_src_gen.pdbx_gene_src_organelle            ? 
_entity_src_gen.pdbx_gene_src_cell                 ? 
_entity_src_gen.pdbx_gene_src_cellular_location    ? 
_entity_src_gen.host_org_common_name               ? 
_entity_src_gen.pdbx_host_org_scientific_name      'Escherichia coli' 
_entity_src_gen.pdbx_host_org_ncbi_taxonomy_id     562 
_entity_src_gen.host_org_genus                     ? 
_entity_src_gen.pdbx_host_org_gene                 ? 
_entity_src_gen.pdbx_host_org_organ                ? 
_entity_src_gen.host_org_species                   ? 
_entity_src_gen.pdbx_host_org_tissue               ? 
_entity_src_gen.pdbx_host_org_tissue_fraction      ? 
_entity_src_gen.pdbx_host_org_strain               ? 
_entity_src_gen.pdbx_host_org_variant              ? 
_entity_src_gen.pdbx_host_org_cell_line            ? 
_entity_src_gen.pdbx_host_org_atcc                 ? 
_entity_src_gen.pdbx_host_org_culture_collection   ? 
_entity_src_gen.pdbx_host_org_cell                 ? 
_entity_src_gen.pdbx_host_org_organelle            ? 
_entity_src_gen.pdbx_host_org_cellular_location    ? 
_entity_src_gen.pdbx_host_org_vector_type          ? 
_entity_src_gen.pdbx_host_org_vector               ? 
_entity_src_gen.host_org_details                   ? 
_entity_src_gen.expression_system_id               ? 
_entity_src_gen.plasmid_name                       ? 
_entity_src_gen.plasmid_details                    ? 
_entity_src_gen.pdbx_description                   ? 
# 
loop_
_chem_comp.id 
_chem_comp.type 
_chem_comp.mon_nstd_flag 
_chem_comp.name 
_chem_comp.pdbx_synonyms 
_chem_comp.formula 
_chem_comp.formula_weight 
ALA 'L-peptide linking' y ALANINE         ? 'C3 H7 N O2'     89.093  
ARG 'L-peptide linking' y ARGININE        ? 'C6 H15 N4 O2 1' 175.209 
ASN 'L-peptide linking' y ASPARAGINE      ? 'C4 H8 N2 O3'    132.118 
ASP 'L-peptide linking' y 'ASPARTIC ACID' ? 'C4 H7 N O4'     133.103 
GLN 'L-peptide linking' y GLUTAMINE       ? 'C5 H10 N2 O3'   146.144 
GLU 'L-peptide linking' y 'GLUTAMIC ACID' ? 'C5 H9 N O4'     147.129 
GLY 'peptide linking'   y GLYCINE         ? 'C2 H5 N O2'     75.067  
HOH non-polymer         . WATER           ? 'H2 O'           18.015  
LEU 'L-peptide linking' y LEUCINE         ? 'C6 H13 N O2'    131.173 
LYS 'L-peptide linking' y LYSINE          ? 'C6 H15 N2 O2 1' 147.195 
MET 'L-peptide linking' y METHIONINE      ? 'C5 H11 N O2 S'  149.211 
PHE 'L-peptide linking' y PHENYLALANINE   ? 'C9 H11 N O2'    165.189 
PRO 'L-peptide linking' y PROLINE         ? 'C5 H9 N O2'     115.130 
SER 'L-peptide linking' y SERINE          ? 'C3 H7 N O3'     105.093 
SO4 non-polymer         . 'SULFATE ION'   ? 'O4 S -2'        96.063  
THR 'L-peptide linking' y THREONINE       ? 'C4 H9 N O3'     119.119 
TRP 'L-peptide linking' y TRYPTOPHAN      ? 'C11 H12 N2 O2'  204.225 
TYR 'L-peptide linking' y TYROSINE        ? 'C9 H11 N O3'    181.189 
VAL 'L-peptide linking' y VALINE          ? 'C5 H11 N O2'    117.146 
# 
loop_
_pdbx_poly_seq_scheme.asym_id 
_pdbx_poly_seq_scheme.entity_id 
_pdbx_poly_seq_scheme.seq_id 
_pdbx_poly_seq_scheme.mon_id 
_pdbx_poly_seq_scheme.ndb_seq_num 
_pdbx_poly_seq_scheme.pdb_seq_num 
_pdbx_poly_seq_scheme.auth_seq_num 
_pdbx_poly_seq_scheme.pdb_mon_id 
_pdbx_poly_seq_scheme.auth_mon_id 
_pdbx_poly_seq_scheme.pdb_strand_id 
_pdbx_poly_seq_scheme.pdb_ins_code 
_pdbx_poly_seq_scheme.hetero 
A 1 1  SER 1  -1 ?  ?   ?   A . n 
A 1 2  ASN 2  0  ?  ?   ?   A . n 
A 1 3  ALA 3  1  ?  ?   ?   A . n 
A 1 4  ALA 4  2  2  ALA ALA A . n 
A 1 5  THR 5  3  3  THR THR A . n 
A 1 6  ARG 6  4  4  ARG ARG A . n 
A 1 7  LEU 7  5  5  LEU LEU A . n 
A 1 8  GLY 8  6  6  GLY GLY A . n 
A 1 9  GLU 9  7  7  GLU GLU A . n 
A 1 10 LYS 10 8  8  LYS LYS A . n 
A 1 11 LEU 11 9  9  LEU LEU A . n 
A 1 12 ARG 12 10 10 ARG ARG A . n 
A 1 13 ASP 13 11 11 ASP ASP A . n 
A 1 14 LEU 14 12 12 LEU LEU A . n 
A 1 15 ARG 15 13 13 ARG ARG A . n 
A 1 16 LYS 16 14 14 LYS LYS A . n 
A 1 17 GLN 17 15 15 GLN GLN A . n 
A 1 18 ARG 18 16 16 ARG ARG A . n 
A 1 19 GLY 19 17 17 GLY GLY A . n 
A 1 20 LEU 20 18 18 LEU LEU A . n 
A 1 21 THR 21 19 19 THR THR A . n 
A 1 22 LEU 22 20 20 LEU LEU A . n 
A 1 23 GLU 23 21 21 GLU GLU A . n 
A 1 24 LYS 24 22 22 LYS LYS A . n 
A 1 25 LEU 25 23 23 LEU LEU A . n 
A 1 26 ALA 26 24 24 ALA ALA A . n 
A 1 27 ASP 27 25 25 ASP ASP A . n 
A 1 28 MET 28 26 26 MET MET A . n 
A 1 29 ALA 29 27 27 ALA ALA A . n 
A 1 30 GLY 30 28 28 GLY GLY A . n 
A 1 31 LEU 31 29 29 LEU LEU A . n 
A 1 32 SER 32 30 30 SER SER A . n 
A 1 33 LYS 33 31 31 LYS LYS A . n 
A 1 34 SER 34 32 32 SER SER A . n 
A 1 35 TYR 35 33 33 TYR TYR A . n 
A 1 36 LEU 36 34 34 LEU LEU A . n 
A 1 37 TRP 37 35 35 TRP TRP A . n 
A 1 38 GLU 38 36 36 GLU GLU A . n 
A 1 39 LEU 39 37 37 LEU LEU A . n 
A 1 40 GLU 40 38 38 GLU GLU A . n 
A 1 41 ASN 41 39 39 ASN ASN A . n 
A 1 42 ARG 42 40 40 ARG ARG A . n 
A 1 43 GLU 43 41 41 GLU GLU A . n 
A 1 44 SER 44 42 42 SER SER A . n 
A 1 45 GLN 45 43 43 GLN GLN A . n 
A 1 46 ARG 46 44 44 ARG ARG A . n 
A 1 47 PRO 47 45 45 PRO PRO A . n 
A 1 48 SER 48 46 46 SER SER A . n 
A 1 49 ALA 49 47 47 ALA ALA A . n 
A 1 50 GLU 50 48 48 GLU GLU A . n 
A 1 51 LYS 51 49 49 LYS LYS A . n 
A 1 52 LEU 52 50 50 LEU LEU A . n 
A 1 53 THR 53 51 51 THR THR A . n 
A 1 54 ALA 54 52 52 ALA ALA A . n 
A 1 55 LEU 55 53 53 LEU LEU A . n 
A 1 56 ALA 56 54 54 ALA ALA A . n 
A 1 57 ASP 57 55 55 ASP ASP A . n 
A 1 58 ALA 58 56 56 ALA ALA A . n 
A 1 59 LEU 59 57 57 LEU LEU A . n 
A 1 60 GLY 60 58 58 GLY GLY A . n 
A 1 61 VAL 61 59 59 VAL VAL A . n 
A 1 62 GLY 62 60 60 GLY GLY A . n 
A 1 63 THR 63 61 61 THR THR A . n 
A 1 64 SER 64 62 62 SER SER A . n 
A 1 65 PHE 65 63 63 PHE PHE A . n 
A 1 66 PHE 66 64 64 PHE PHE A . n 
A 1 67 LEU 67 65 65 LEU LEU A . n 
A 1 68 GLU 68 66 66 GLU GLU A . n 
A 1 69 ASP 69 67 67 ASP ASP A . n 
# 
loop_
_pdbx_nonpoly_scheme.asym_id 
_pdbx_nonpoly_scheme.entity_id 
_pdbx_nonpoly_scheme.mon_id 
_pdbx_nonpoly_scheme.ndb_seq_num 
_pdbx_nonpoly_scheme.pdb_seq_num 
_pdbx_nonpoly_scheme.auth_seq_num 
_pdbx_nonpoly_scheme.pdb_mon_id 
_pdbx_nonpoly_scheme.auth_mon_id 
_pdbx_nonpoly_scheme.pdb_strand_id 
_pdbx_nonpoly_scheme.pdb_ins_code 
B 2 SO4 1  101 101 SO4 SO4 A . 
C 2 SO4 1  102 102 SO4 SO4 A . 
D 3 HOH 1  201 47  HOH HOH A . 
D 3 HOH 2  202 73  HOH HOH A . 
D 3 HOH 3  203 45  HOH HOH A . 
D 3 HOH 4  204 31  HOH HOH A . 
D 3 HOH 5  205 56  HOH HOH A . 
D 3 HOH 6  206 11  HOH HOH A . 
D 3 HOH 7  207 38  HOH HOH A . 
D 3 HOH 8  208 29  HOH HOH A . 
D 3 HOH 9  209 86  HOH HOH A . 
D 3 HOH 10 210 75  HOH HOH A . 
D 3 HOH 11 211 35  HOH HOH A . 
D 3 HOH 12 212 26  HOH HOH A . 
D 3 HOH 13 213 66  HOH HOH A . 
D 3 HOH 14 214 27  HOH HOH A . 
D 3 HOH 15 215 18  HOH HOH A . 
D 3 HOH 16 216 5   HOH HOH A . 
D 3 HOH 17 217 65  HOH HOH A . 
D 3 HOH 18 218 69  HOH HOH A . 
D 3 HOH 19 219 1   HOH HOH A . 
D 3 HOH 20 220 10  HOH HOH A . 
D 3 HOH 21 221 4   HOH HOH A . 
D 3 HOH 22 222 33  HOH HOH A . 
D 3 HOH 23 223 25  HOH HOH A . 
D 3 HOH 24 224 9   HOH HOH A . 
D 3 HOH 25 225 55  HOH HOH A . 
D 3 HOH 26 226 64  HOH HOH A . 
D 3 HOH 27 227 74  HOH HOH A . 
D 3 HOH 28 228 83  HOH HOH A . 
D 3 HOH 29 229 20  HOH HOH A . 
D 3 HOH 30 230 13  HOH HOH A . 
D 3 HOH 31 231 50  HOH HOH A . 
D 3 HOH 32 232 59  HOH HOH A . 
D 3 HOH 33 233 58  HOH HOH A . 
D 3 HOH 34 234 2   HOH HOH A . 
D 3 HOH 35 235 53  HOH HOH A . 
D 3 HOH 36 236 28  HOH HOH A . 
D 3 HOH 37 237 37  HOH HOH A . 
D 3 HOH 38 238 62  HOH HOH A . 
D 3 HOH 39 239 39  HOH HOH A . 
D 3 HOH 40 240 46  HOH HOH A . 
D 3 HOH 41 241 52  HOH HOH A . 
D 3 HOH 42 242 30  HOH HOH A . 
D 3 HOH 43 243 23  HOH HOH A . 
D 3 HOH 44 244 48  HOH HOH A . 
D 3 HOH 45 245 34  HOH HOH A . 
D 3 HOH 46 246 51  HOH HOH A . 
D 3 HOH 47 247 57  HOH HOH A . 
D 3 HOH 48 248 6   HOH HOH A . 
D 3 HOH 49 249 16  HOH HOH A . 
D 3 HOH 50 250 3   HOH HOH A . 
D 3 HOH 51 251 12  HOH HOH A . 
D 3 HOH 52 252 22  HOH HOH A . 
D 3 HOH 53 253 7   HOH HOH A . 
D 3 HOH 54 254 43  HOH HOH A . 
D 3 HOH 55 255 61  HOH HOH A . 
D 3 HOH 56 256 79  HOH HOH A . 
D 3 HOH 57 257 15  HOH HOH A . 
D 3 HOH 58 258 54  HOH HOH A . 
D 3 HOH 59 259 17  HOH HOH A . 
D 3 HOH 60 260 71  HOH HOH A . 
D 3 HOH 61 261 49  HOH HOH A . 
D 3 HOH 62 262 85  HOH HOH A . 
D 3 HOH 63 263 42  HOH HOH A . 
D 3 HOH 64 264 60  HOH HOH A . 
D 3 HOH 65 265 14  HOH HOH A . 
D 3 HOH 66 266 19  HOH HOH A . 
D 3 HOH 67 267 72  HOH HOH A . 
D 3 HOH 68 268 82  HOH HOH A . 
D 3 HOH 69 269 87  HOH HOH A . 
D 3 HOH 70 270 84  HOH HOH A . 
D 3 HOH 71 271 32  HOH HOH A . 
D 3 HOH 72 272 80  HOH HOH A . 
D 3 HOH 73 273 21  HOH HOH A . 
D 3 HOH 74 274 88  HOH HOH A . 
D 3 HOH 75 275 68  HOH HOH A . 
D 3 HOH 76 276 36  HOH HOH A . 
D 3 HOH 77 277 77  HOH HOH A . 
D 3 HOH 78 278 78  HOH HOH A . 
D 3 HOH 79 279 44  HOH HOH A . 
D 3 HOH 80 280 76  HOH HOH A . 
D 3 HOH 81 281 40  HOH HOH A . 
D 3 HOH 82 282 67  HOH HOH A . 
D 3 HOH 83 283 70  HOH HOH A . 
D 3 HOH 84 284 41  HOH HOH A . 
D 3 HOH 85 285 24  HOH HOH A . 
D 3 HOH 86 286 63  HOH HOH A . 
D 3 HOH 87 287 81  HOH HOH A . 
# 
loop_
_pdbx_unobs_or_zero_occ_atoms.id 
_pdbx_unobs_or_zero_occ_atoms.PDB_model_num 
_pdbx_unobs_or_zero_occ_atoms.polymer_flag 
_pdbx_unobs_or_zero_occ_atoms.occupancy_flag 
_pdbx_unobs_or_zero_occ_atoms.auth_asym_id 
_pdbx_unobs_or_zero_occ_atoms.auth_comp_id 
_pdbx_unobs_or_zero_occ_atoms.auth_seq_id 
_pdbx_unobs_or_zero_occ_atoms.PDB_ins_code 
_pdbx_unobs_or_zero_occ_atoms.auth_atom_id 
_pdbx_unobs_or_zero_occ_atoms.label_alt_id 
_pdbx_unobs_or_zero_occ_atoms.label_asym_id 
_pdbx_unobs_or_zero_occ_atoms.label_comp_id 
_pdbx_unobs_or_zero_occ_atoms.label_seq_id 
_pdbx_unobs_or_zero_occ_atoms.label_atom_id 
1 1 Y 1 A ASP 67 ? CG  ? A ASP 69 CG  
2 1 Y 1 A ASP 67 ? OD1 ? A ASP 69 OD1 
3 1 Y 1 A ASP 67 ? OD2 ? A ASP 69 OD2 
# 
loop_
_software.citation_id 
_software.classification 
_software.compiler_name 
_software.compiler_version 
_software.contact_author 
_software.contact_author_email 
_software.date 
_software.description 
_software.dependencies 
_software.hardware 
_software.language 
_software.location 
_software.mods 
_software.name 
_software.os 
_software.os_version 
_software.type 
_software.version 
_software.pdbx_ordinal 
? refinement       ? ? ? ? ? ? ? ? ? ? ? PHENIX ? ? ? 1.19.1_4122 1 
? 'data reduction' ? ? ? ? ? ? ? ? ? ? ? DIALS  ? ? ? .           2 
? 'data scaling'   ? ? ? ? ? ? ? ? ? ? ? DIALS  ? ? ? .           3 
? phasing          ? ? ? ? ? ? ? ? ? ? ? PHASER ? ? ? .           4 
# 
_cell.angle_alpha                  90.000 
_cell.angle_alpha_esd              ? 
_cell.angle_beta                   90.000 
_cell.angle_beta_esd               ? 
_cell.angle_gamma                  90.000 
_cell.angle_gamma_esd              ? 
_cell.entry_id                     7T5U 
_cell.details                      ? 
_cell.formula_units_Z              ? 
_cell.length_a                     32.374 
_cell.length_a_esd                 ? 
_cell.length_b                     39.715 
_cell.length_b_esd                 ? 
_cell.length_c                     47.231 
_cell.length_c_esd                 ? 
_cell.volume                       60725.516 
_cell.volume_esd                   ? 
_cell.Z_PDB                        4 
_cell.reciprocal_angle_alpha       ? 
_cell.reciprocal_angle_beta        ? 
_cell.reciprocal_angle_gamma       ? 
_cell.reciprocal_angle_alpha_esd   ? 
_cell.reciprocal_angle_beta_esd    ? 
_cell.reciprocal_angle_gamma_esd   ? 
_cell.reciprocal_length_a          ? 
_cell.reciprocal_length_b          ? 
_cell.reciprocal_length_c          ? 
_cell.reciprocal_length_a_esd      ? 
_cell.reciprocal_length_b_esd      ? 
_cell.reciprocal_length_c_esd      ? 
_cell.pdbx_unique_axis             ? 
# 
_symmetry.entry_id                         7T5U 
_symmetry.cell_setting                     ? 
_symmetry.Int_Tables_number                19 
_symmetry.space_group_name_Hall            'P 2ac 2ab' 
_symmetry.space_group_name_H-M             'P 21 21 21' 
_symmetry.pdbx_full_space_group_name_H-M   ? 
# 
_exptl.absorpt_coefficient_mu     ? 
_exptl.absorpt_correction_T_max   ? 
_exptl.absorpt_correction_T_min   ? 
_exptl.absorpt_correction_type    ? 
_exptl.absorpt_process_details    ? 
_exptl.entry_id                   7T5U 
_exptl.crystals_number            1 
_exptl.details                    ? 
_exptl.method                     'X-RAY DIFFRACTION' 
_exptl.method_details             ? 
# 
_exptl_crystal.colour                      ? 
_exptl_crystal.density_diffrn              ? 
_exptl_crystal.density_Matthews            1.98 
_exptl_crystal.density_method              ? 
_exptl_crystal.density_percent_sol         37.79 
_exptl_crystal.description                 ? 
_exptl_crystal.F_000                       ? 
_exptl_crystal.id                          1 
_exptl_crystal.preparation                 ? 
_exptl_crystal.size_max                    ? 
_exptl_crystal.size_mid                    ? 
_exptl_crystal.size_min                    ? 
_exptl_crystal.size_rad                    ? 
_exptl_crystal.colour_lustre               ? 
_exptl_crystal.colour_modifier             ? 
_exptl_crystal.colour_primary              ? 
_exptl_crystal.density_meas                ? 
_exptl_crystal.density_meas_esd            ? 
_exptl_crystal.density_meas_gt             ? 
_exptl_crystal.density_meas_lt             ? 
_exptl_crystal.density_meas_temp           ? 
_exptl_crystal.density_meas_temp_esd       ? 
_exptl_crystal.density_meas_temp_gt        ? 
_exptl_crystal.density_meas_temp_lt        ? 
_exptl_crystal.pdbx_crystal_image_url      ? 
_exptl_crystal.pdbx_crystal_image_format   ? 
_exptl_crystal.pdbx_mosaicity              ? 
_exptl_crystal.pdbx_mosaicity_esd          ? 
# 
_exptl_crystal_grow.apparatus       ? 
_exptl_crystal_grow.atmosphere      ? 
_exptl_crystal_grow.crystal_id      1 
_exptl_crystal_grow.details         ? 
_exptl_crystal_grow.method          'VAPOR DIFFUSION, HANGING DROP' 
_exptl_crystal_grow.method_ref      ? 
_exptl_crystal_grow.pH              ? 
_exptl_crystal_grow.pressure        ? 
_exptl_crystal_grow.pressure_esd    ? 
_exptl_crystal_grow.seeding         ? 
_exptl_crystal_grow.seeding_ref     ? 
_exptl_crystal_grow.temp            293 
_exptl_crystal_grow.temp_details    ? 
_exptl_crystal_grow.temp_esd        ? 
_exptl_crystal_grow.time            ? 
_exptl_crystal_grow.pdbx_details    '0.1 M acetate pH 4.5, 2 M ammonium sulfate' 
_exptl_crystal_grow.pdbx_pH_range   ? 
# 
_diffrn.ambient_environment              ? 
_diffrn.ambient_temp                     100 
_diffrn.ambient_temp_details             ? 
_diffrn.ambient_temp_esd                 ? 
_diffrn.crystal_id                       1 
_diffrn.crystal_support                  ? 
_diffrn.crystal_treatment                ? 
_diffrn.details                          ? 
_diffrn.id                               1 
_diffrn.ambient_pressure                 ? 
_diffrn.ambient_pressure_esd             ? 
_diffrn.ambient_pressure_gt              ? 
_diffrn.ambient_pressure_lt              ? 
_diffrn.ambient_temp_gt                  ? 
_diffrn.ambient_temp_lt                  ? 
_diffrn.pdbx_serial_crystal_experiment   N 
# 
_diffrn_detector.details                      ? 
_diffrn_detector.detector                     PIXEL 
_diffrn_detector.diffrn_id                    1 
_diffrn_detector.type                         'DECTRIS PILATUS3 6M' 
_diffrn_detector.area_resol_mean              ? 
_diffrn_detector.dtime                        ? 
_diffrn_detector.pdbx_frames_total            ? 
_diffrn_detector.pdbx_collection_time_total   ? 
_diffrn_detector.pdbx_collection_date         2021-04-25 
_diffrn_detector.pdbx_frequency               ? 
# 
_diffrn_radiation.collimation                      ? 
_diffrn_radiation.diffrn_id                        1 
_diffrn_radiation.filter_edge                      ? 
_diffrn_radiation.inhomogeneity                    ? 
_diffrn_radiation.monochromator                    ? 
_diffrn_radiation.polarisn_norm                    ? 
_diffrn_radiation.polarisn_ratio                   ? 
_diffrn_radiation.probe                            ? 
_diffrn_radiation.type                             ? 
_diffrn_radiation.xray_symbol                      ? 
_diffrn_radiation.wavelength_id                    1 
_diffrn_radiation.pdbx_monochromatic_or_laue_m_l   M 
_diffrn_radiation.pdbx_wavelength_list             ? 
_diffrn_radiation.pdbx_wavelength                  ? 
_diffrn_radiation.pdbx_diffrn_protocol             'SINGLE WAVELENGTH' 
_diffrn_radiation.pdbx_analyzer                    ? 
_diffrn_radiation.pdbx_scattering_type             x-ray 
# 
_diffrn_radiation_wavelength.id           1 
_diffrn_radiation_wavelength.wavelength   1.00003 
_diffrn_radiation_wavelength.wt           1.0 
# 
_diffrn_source.current                     ? 
_diffrn_source.details                     ? 
_diffrn_source.diffrn_id                   1 
_diffrn_source.power                       ? 
_diffrn_source.size                        ? 
_diffrn_source.source                      SYNCHROTRON 
_diffrn_source.target                      ? 
_diffrn_source.type                        'ALS BEAMLINE 5.0.2' 
_diffrn_source.voltage                     ? 
_diffrn_source.take-off_angle              ? 
_diffrn_source.pdbx_wavelength_list        1.00003 
_diffrn_source.pdbx_wavelength             ? 
_diffrn_source.pdbx_synchrotron_beamline   5.0.2 
_diffrn_source.pdbx_synchrotron_site       ALS 
# 
_reflns.B_iso_Wilson_estimate                          8.99 
_reflns.entry_id                                       7T5U 
_reflns.data_reduction_details                         ? 
_reflns.data_reduction_method                          ? 
_reflns.d_resolution_high                              1.02 
_reflns.d_resolution_low                               39.72 
_reflns.details                                        ? 
_reflns.limit_h_max                                    ? 
_reflns.limit_h_min                                    ? 
_reflns.limit_k_max                                    ? 
_reflns.limit_k_min                                    ? 
_reflns.limit_l_max                                    ? 
_reflns.limit_l_min                                    ? 
_reflns.number_all                                     ? 
_reflns.number_obs                                     25495 
_reflns.observed_criterion                             ? 
_reflns.observed_criterion_F_max                       ? 
_reflns.observed_criterion_F_min                       ? 
_reflns.observed_criterion_I_max                       ? 
_reflns.observed_criterion_I_min                       ? 
_reflns.observed_criterion_sigma_F                     ? 
_reflns.observed_criterion_sigma_I                     ? 
_reflns.percent_possible_obs                           80.8 
_reflns.R_free_details                                 ? 
_reflns.Rmerge_F_all                                   ? 
_reflns.Rmerge_F_obs                                   ? 
_reflns.Friedel_coverage                               ? 
_reflns.number_gt                                      ? 
_reflns.threshold_expression                           ? 
_reflns.pdbx_redundancy                                5.6 
_reflns.pdbx_Rmerge_I_obs                              0.067 
_reflns.pdbx_Rmerge_I_all                              ? 
_reflns.pdbx_Rsym_value                                ? 
_reflns.pdbx_netI_over_av_sigmaI                       ? 
_reflns.pdbx_netI_over_sigmaI                          12.5 
_reflns.pdbx_res_netI_over_av_sigmaI_2                 ? 
_reflns.pdbx_res_netI_over_sigmaI_2                    ? 
_reflns.pdbx_chi_squared                               ? 
_reflns.pdbx_scaling_rejects                           ? 
_reflns.pdbx_d_res_high_opt                            ? 
_reflns.pdbx_d_res_low_opt                             ? 
_reflns.pdbx_d_res_opt_method                          ? 
_reflns.phase_calculation_details                      ? 
_reflns.pdbx_Rrim_I_all                                ? 
_reflns.pdbx_Rpim_I_all                                0.03 
_reflns.pdbx_d_opt                                     ? 
_reflns.pdbx_number_measured_all                       ? 
_reflns.pdbx_diffrn_id                                 1 
_reflns.pdbx_ordinal                                   1 
_reflns.pdbx_CC_half                                   0.997 
_reflns.pdbx_CC_star                                   ? 
_reflns.pdbx_R_split                                   ? 
_reflns.pdbx_aniso_diffraction_limit_axis_1_ortho[1]   ? 
_reflns.pdbx_aniso_diffraction_limit_axis_1_ortho[2]   ? 
_reflns.pdbx_aniso_diffraction_limit_axis_1_ortho[3]   ? 
_reflns.pdbx_aniso_diffraction_limit_axis_2_ortho[1]   ? 
_reflns.pdbx_aniso_diffraction_limit_axis_2_ortho[2]   ? 
_reflns.pdbx_aniso_diffraction_limit_axis_2_ortho[3]   ? 
_reflns.pdbx_aniso_diffraction_limit_axis_3_ortho[1]   ? 
_reflns.pdbx_aniso_diffraction_limit_axis_3_ortho[2]   ? 
_reflns.pdbx_aniso_diffraction_limit_axis_3_ortho[3]   ? 
_reflns.pdbx_aniso_diffraction_limit_1                 ? 
_reflns.pdbx_aniso_diffraction_limit_2                 ? 
_reflns.pdbx_aniso_diffraction_limit_3                 ? 
_reflns.pdbx_aniso_B_tensor_eigenvector_1_ortho[1]     ? 
_reflns.pdbx_aniso_B_tensor_eigenvector_1_ortho[2]     ? 
_reflns.pdbx_aniso_B_tensor_eigenvector_1_ortho[3]     ? 
_reflns.pdbx_aniso_B_tensor_eigenvector_2_ortho[1]     ? 
_reflns.pdbx_aniso_B_tensor_eigenvector_2_ortho[2]     ? 
_reflns.pdbx_aniso_B_tensor_eigenvector_2_ortho[3]     ? 
_reflns.pdbx_aniso_B_tensor_eigenvector_3_ortho[1]     ? 
_reflns.pdbx_aniso_B_tensor_eigenvector_3_ortho[2]     ? 
_reflns.pdbx_aniso_B_tensor_eigenvector_3_ortho[3]     ? 
_reflns.pdbx_aniso_B_tensor_eigenvalue_1               ? 
_reflns.pdbx_aniso_B_tensor_eigenvalue_2               ? 
_reflns.pdbx_aniso_B_tensor_eigenvalue_3               ? 
_reflns.pdbx_orthogonalization_convention              ? 
_reflns.pdbx_percent_possible_ellipsoidal              ? 
_reflns.pdbx_percent_possible_spherical                ? 
_reflns.pdbx_percent_possible_ellipsoidal_anomalous    ? 
_reflns.pdbx_percent_possible_spherical_anomalous      ? 
_reflns.pdbx_redundancy_anomalous                      ? 
_reflns.pdbx_CC_half_anomalous                         ? 
_reflns.pdbx_absDiff_over_sigma_anomalous              ? 
_reflns.pdbx_percent_possible_anomalous                ? 
_reflns.pdbx_observed_signal_threshold                 ? 
_reflns.pdbx_signal_type                               ? 
_reflns.pdbx_signal_details                            ? 
_reflns.pdbx_signal_software_id                        ? 
# 
_reflns_shell.d_res_high                                    1.02 
_reflns_shell.d_res_low                                     1.04 
_reflns_shell.meanI_over_sigI_all                           ? 
_reflns_shell.meanI_over_sigI_obs                           2.0 
_reflns_shell.number_measured_all                           ? 
_reflns_shell.number_measured_obs                           ? 
_reflns_shell.number_possible                               ? 
_reflns_shell.number_unique_all                             ? 
_reflns_shell.number_unique_obs                             136 
_reflns_shell.percent_possible_all                          8.7 
_reflns_shell.percent_possible_obs                          ? 
_reflns_shell.Rmerge_F_all                                  ? 
_reflns_shell.Rmerge_F_obs                                  ? 
_reflns_shell.Rmerge_I_all                                  ? 
_reflns_shell.Rmerge_I_obs                                  0.398 
_reflns_shell.meanI_over_sigI_gt                            ? 
_reflns_shell.meanI_over_uI_all                             ? 
_reflns_shell.meanI_over_uI_gt                              ? 
_reflns_shell.number_measured_gt                            ? 
_reflns_shell.number_unique_gt                              ? 
_reflns_shell.percent_possible_gt                           ? 
_reflns_shell.Rmerge_F_gt                                   ? 
_reflns_shell.Rmerge_I_gt                                   ? 
_reflns_shell.pdbx_redundancy                               ? 
_reflns_shell.pdbx_Rsym_value                               ? 
_reflns_shell.pdbx_chi_squared                              ? 
_reflns_shell.pdbx_netI_over_sigmaI_all                     ? 
_reflns_shell.pdbx_netI_over_sigmaI_obs                     ? 
_reflns_shell.pdbx_Rrim_I_all                               ? 
_reflns_shell.pdbx_Rpim_I_all                               0.298 
_reflns_shell.pdbx_rejects                                  ? 
_reflns_shell.pdbx_ordinal                                  1 
_reflns_shell.pdbx_diffrn_id                                1 
_reflns_shell.pdbx_CC_half                                  0.754 
_reflns_shell.pdbx_CC_star                                  ? 
_reflns_shell.pdbx_R_split                                  ? 
_reflns_shell.pdbx_percent_possible_ellipsoidal             ? 
_reflns_shell.pdbx_percent_possible_spherical               ? 
_reflns_shell.pdbx_percent_possible_ellipsoidal_anomalous   ? 
_reflns_shell.pdbx_percent_possible_spherical_anomalous     ? 
_reflns_shell.pdbx_redundancy_anomalous                     ? 
_reflns_shell.pdbx_CC_half_anomalous                        ? 
_reflns_shell.pdbx_absDiff_over_sigma_anomalous             ? 
_reflns_shell.pdbx_percent_possible_anomalous               ? 
# 
_refine.aniso_B[1][1]                            ? 
_refine.aniso_B[1][2]                            ? 
_refine.aniso_B[1][3]                            ? 
_refine.aniso_B[2][2]                            ? 
_refine.aniso_B[2][3]                            ? 
_refine.aniso_B[3][3]                            ? 
_refine.B_iso_max                                ? 
_refine.B_iso_mean                               12.21 
_refine.B_iso_min                                ? 
_refine.correlation_coeff_Fo_to_Fc               ? 
_refine.correlation_coeff_Fo_to_Fc_free          ? 
_refine.details                                  ? 
_refine.diff_density_max                         ? 
_refine.diff_density_max_esd                     ? 
_refine.diff_density_min                         ? 
_refine.diff_density_min_esd                     ? 
_refine.diff_density_rms                         ? 
_refine.diff_density_rms_esd                     ? 
_refine.entry_id                                 7T5U 
_refine.pdbx_refine_id                           'X-RAY DIFFRACTION' 
_refine.ls_abs_structure_details                 ? 
_refine.ls_abs_structure_Flack                   ? 
_refine.ls_abs_structure_Flack_esd               ? 
_refine.ls_abs_structure_Rogers                  ? 
_refine.ls_abs_structure_Rogers_esd              ? 
_refine.ls_d_res_high                            1.02 
_refine.ls_d_res_low                             30.40 
_refine.ls_extinction_coef                       ? 
_refine.ls_extinction_coef_esd                   ? 
_refine.ls_extinction_expression                 ? 
_refine.ls_extinction_method                     ? 
_refine.ls_goodness_of_fit_all                   ? 
_refine.ls_goodness_of_fit_all_esd               ? 
_refine.ls_goodness_of_fit_obs                   ? 
_refine.ls_goodness_of_fit_obs_esd               ? 
_refine.ls_hydrogen_treatment                    ? 
_refine.ls_matrix_type                           ? 
_refine.ls_number_constraints                    ? 
_refine.ls_number_parameters                     ? 
_refine.ls_number_reflns_all                     ? 
_refine.ls_number_reflns_obs                     25448 
_refine.ls_number_reflns_R_free                  1197 
_refine.ls_number_reflns_R_work                  24251 
_refine.ls_number_restraints                     ? 
_refine.ls_percent_reflns_obs                    80.65 
_refine.ls_percent_reflns_R_free                 4.70 
_refine.ls_R_factor_all                          ? 
_refine.ls_R_factor_obs                          0.1637 
_refine.ls_R_factor_R_free                       0.1764 
_refine.ls_R_factor_R_free_error                 ? 
_refine.ls_R_factor_R_free_error_details         ? 
_refine.ls_R_factor_R_work                       0.1630 
_refine.ls_R_Fsqd_factor_obs                     ? 
_refine.ls_R_I_factor_obs                        ? 
_refine.ls_redundancy_reflns_all                 ? 
_refine.ls_redundancy_reflns_obs                 ? 
_refine.ls_restrained_S_all                      ? 
_refine.ls_restrained_S_obs                      ? 
_refine.ls_shift_over_esd_max                    ? 
_refine.ls_shift_over_esd_mean                   ? 
_refine.ls_structure_factor_coef                 ? 
_refine.ls_weighting_details                     ? 
_refine.ls_weighting_scheme                      ? 
_refine.ls_wR_factor_all                         ? 
_refine.ls_wR_factor_obs                         ? 
_refine.ls_wR_factor_R_free                      ? 
_refine.ls_wR_factor_R_work                      ? 
_refine.occupancy_max                            ? 
_refine.occupancy_min                            ? 
_refine.solvent_model_details                    'FLAT BULK SOLVENT MODEL' 
_refine.solvent_model_param_bsol                 ? 
_refine.solvent_model_param_ksol                 ? 
_refine.pdbx_R_complete                          ? 
_refine.ls_R_factor_gt                           ? 
_refine.ls_goodness_of_fit_gt                    ? 
_refine.ls_goodness_of_fit_ref                   ? 
_refine.ls_shift_over_su_max                     ? 
_refine.ls_shift_over_su_max_lt                  ? 
_refine.ls_shift_over_su_mean                    ? 
_refine.ls_shift_over_su_mean_lt                 ? 
_refine.pdbx_ls_sigma_I                          ? 
_refine.pdbx_ls_sigma_F                          1.39 
_refine.pdbx_ls_sigma_Fsqd                       ? 
_refine.pdbx_data_cutoff_high_absF               ? 
_refine.pdbx_data_cutoff_high_rms_absF           ? 
_refine.pdbx_data_cutoff_low_absF                ? 
_refine.pdbx_isotropic_thermal_model             ? 
_refine.pdbx_ls_cross_valid_method               'FREE R-VALUE' 
_refine.pdbx_method_to_determine_struct          'MOLECULAR REPLACEMENT' 
_refine.pdbx_starting_model                      'ideal alpha helix' 
_refine.pdbx_stereochemistry_target_values       'GeoStd + Monomer Library + CDL v1.2' 
_refine.pdbx_R_Free_selection_details            ? 
_refine.pdbx_stereochem_target_val_spec_case     ? 
_refine.pdbx_overall_ESU_R                       ? 
_refine.pdbx_overall_ESU_R_Free                  ? 
_refine.pdbx_solvent_vdw_probe_radii             1.1100 
_refine.pdbx_solvent_ion_probe_radii             ? 
_refine.pdbx_solvent_shrinkage_radii             0.9000 
_refine.pdbx_real_space_R                        ? 
_refine.pdbx_density_correlation                 ? 
_refine.pdbx_pd_number_of_powder_patterns        ? 
_refine.pdbx_pd_number_of_points                 ? 
_refine.pdbx_pd_meas_number_of_points            ? 
_refine.pdbx_pd_proc_ls_prof_R_factor            ? 
_refine.pdbx_pd_proc_ls_prof_wR_factor           ? 
_refine.pdbx_pd_Marquardt_correlation_coeff      ? 
_refine.pdbx_pd_Fsqrd_R_factor                   ? 
_refine.pdbx_pd_ls_matrix_band_width             ? 
_refine.pdbx_overall_phase_error                 19.4139 
_refine.pdbx_overall_SU_R_free_Cruickshank_DPI   ? 
_refine.pdbx_overall_SU_R_free_Blow_DPI          ? 
_refine.pdbx_overall_SU_R_Blow_DPI               ? 
_refine.pdbx_TLS_residual_ADP_flag               ? 
_refine.pdbx_diffrn_id                           1 
_refine.overall_SU_B                             ? 
_refine.overall_SU_ML                            0.0825 
_refine.overall_SU_R_Cruickshank_DPI             ? 
_refine.overall_SU_R_free                        ? 
_refine.overall_FOM_free_R_set                   ? 
_refine.overall_FOM_work_R_set                   ? 
_refine.pdbx_average_fsc_overall                 ? 
_refine.pdbx_average_fsc_work                    ? 
_refine.pdbx_average_fsc_free                    ? 
# 
_refine_hist.pdbx_refine_id                   'X-RAY DIFFRACTION' 
_refine_hist.cycle_id                         LAST 
_refine_hist.details                          ? 
_refine_hist.d_res_high                       1.02 
_refine_hist.d_res_low                        30.40 
_refine_hist.number_atoms_solvent             87 
_refine_hist.number_atoms_total               614 
_refine_hist.number_reflns_all                ? 
_refine_hist.number_reflns_obs                ? 
_refine_hist.number_reflns_R_free             ? 
_refine_hist.number_reflns_R_work             ? 
_refine_hist.R_factor_all                     ? 
_refine_hist.R_factor_obs                     ? 
_refine_hist.R_factor_R_free                  ? 
_refine_hist.R_factor_R_work                  ? 
_refine_hist.pdbx_number_residues_total       ? 
_refine_hist.pdbx_B_iso_mean_ligand           ? 
_refine_hist.pdbx_B_iso_mean_solvent          ? 
_refine_hist.pdbx_number_atoms_protein        517 
_refine_hist.pdbx_number_atoms_nucleic_acid   0 
_refine_hist.pdbx_number_atoms_ligand         10 
_refine_hist.pdbx_number_atoms_lipid          ? 
_refine_hist.pdbx_number_atoms_carb           ? 
_refine_hist.pdbx_pseudo_atom_details         ? 
# 
loop_
_refine_ls_restr.pdbx_refine_id 
_refine_ls_restr.criterion 
_refine_ls_restr.dev_ideal 
_refine_ls_restr.dev_ideal_target 
_refine_ls_restr.number 
_refine_ls_restr.rejects 
_refine_ls_restr.type 
_refine_ls_restr.weight 
_refine_ls_restr.pdbx_restraint_function 
'X-RAY DIFFRACTION' ? 0.0083  ? 547 ? f_bond_d           ? ? 
'X-RAY DIFFRACTION' ? 0.9929  ? 738 ? f_angle_d          ? ? 
'X-RAY DIFFRACTION' ? 0.0690  ? 81  ? f_chiral_restr     ? ? 
'X-RAY DIFFRACTION' ? 0.0092  ? 94  ? f_plane_restr      ? ? 
'X-RAY DIFFRACTION' ? 13.8966 ? 211 ? f_dihedral_angle_d ? ? 
# 
loop_
_refine_ls_shell.pdbx_refine_id 
_refine_ls_shell.d_res_high 
_refine_ls_shell.d_res_low 
_refine_ls_shell.number_reflns_all 
_refine_ls_shell.number_reflns_obs 
_refine_ls_shell.number_reflns_R_free 
_refine_ls_shell.number_reflns_R_work 
_refine_ls_shell.percent_reflns_obs 
_refine_ls_shell.percent_reflns_R_free 
_refine_ls_shell.R_factor_all 
_refine_ls_shell.R_factor_obs 
_refine_ls_shell.R_factor_R_free 
_refine_ls_shell.R_factor_R_free_error 
_refine_ls_shell.R_factor_R_work 
_refine_ls_shell.redundancy_reflns_all 
_refine_ls_shell.redundancy_reflns_obs 
_refine_ls_shell.wR_factor_all 
_refine_ls_shell.wR_factor_obs 
_refine_ls_shell.wR_factor_R_free 
_refine_ls_shell.wR_factor_R_work 
_refine_ls_shell.pdbx_R_complete 
_refine_ls_shell.pdbx_total_number_of_bins_used 
_refine_ls_shell.pdbx_phase_error 
_refine_ls_shell.pdbx_fsc_work 
_refine_ls_shell.pdbx_fsc_free 
'X-RAY DIFFRACTION' 1.02 1.06  . . 14  507  15.13 . . . 0.1700 . 0.1777 . . . . . . . . . . . 
'X-RAY DIFFRACTION' 1.06 1.11  . . 68  1420 43.13 . . . 0.1555 . 0.1522 . . . . . . . . . . . 
'X-RAY DIFFRACTION' 1.11 1.17  . . 109 2427 73.15 . . . 0.1302 . 0.1335 . . . . . . . . . . . 
'X-RAY DIFFRACTION' 1.17 1.24  . . 154 3195 96.21 . . . 0.1784 . 0.1284 . . . . . . . . . . . 
'X-RAY DIFFRACTION' 1.24 1.34  . . 156 3244 98.41 . . . 0.1331 . 0.1289 . . . . . . . . . . . 
'X-RAY DIFFRACTION' 1.34 1.47  . . 168 3273 98.48 . . . 0.1809 . 0.1312 . . . . . . . . . . . 
'X-RAY DIFFRACTION' 1.47 1.69  . . 168 3299 98.94 . . . 0.1574 . 0.1361 . . . . . . . . . . . 
'X-RAY DIFFRACTION' 1.69 2.12  . . 164 3383 99.89 . . . 0.1673 . 0.1628 . . . . . . . . . . . 
'X-RAY DIFFRACTION' 2.13 30.40 . . 196 3503 99.97 . . . 0.1954 . 0.1911 . . . . . . . . . . . 
# 
_struct.entry_id                     7T5U 
_struct.title                        'Structure of E. coli MS115-1 CapH N-terminal domain' 
_struct.pdbx_model_details           ? 
_struct.pdbx_formula_weight          ? 
_struct.pdbx_formula_weight_method   ? 
_struct.pdbx_model_type_details      ? 
_struct.pdbx_CASP_flag               N 
# 
_struct_keywords.entry_id        7T5U 
_struct_keywords.text            'Helix turn helix, HTH, DdrO, DNA BINDING PROTEIN' 
_struct_keywords.pdbx_keywords   'DNA BINDING PROTEIN' 
# 
loop_
_struct_asym.id 
_struct_asym.pdbx_blank_PDB_chainid_flag 
_struct_asym.pdbx_modified 
_struct_asym.entity_id 
_struct_asym.details 
A N N 1 ? 
B N N 2 ? 
C N N 2 ? 
D N N 3 ? 
# 
_struct_ref.id                         1 
_struct_ref.db_name                    UNP 
_struct_ref.db_code                    A0A1X1LKI5_ECOLX 
_struct_ref.pdbx_db_accession          A0A1X1LKI5 
_struct_ref.pdbx_db_isoform            ? 
_struct_ref.entity_id                  1 
_struct_ref.pdbx_seq_one_letter_code   ATRLGEKLRDLRKQRGLTLEKLADMAGLSKSYLWELENRESQRPSAEKLTALADALGVGTSFFLED 
_struct_ref.pdbx_align_begin           2 
# 
_struct_ref_seq.align_id                      1 
_struct_ref_seq.ref_id                        1 
_struct_ref_seq.pdbx_PDB_id_code              7T5U 
_struct_ref_seq.pdbx_strand_id                A 
_struct_ref_seq.seq_align_beg                 4 
_struct_ref_seq.pdbx_seq_align_beg_ins_code   ? 
_struct_ref_seq.seq_align_end                 69 
_struct_ref_seq.pdbx_seq_align_end_ins_code   ? 
_struct_ref_seq.pdbx_db_accession             A0A1X1LKI5 
_struct_ref_seq.db_align_beg                  2 
_struct_ref_seq.pdbx_db_align_beg_ins_code    ? 
_struct_ref_seq.db_align_end                  67 
_struct_ref_seq.pdbx_db_align_end_ins_code    ? 
_struct_ref_seq.pdbx_auth_seq_align_beg       2 
_struct_ref_seq.pdbx_auth_seq_align_end       67 
# 
loop_
_struct_ref_seq_dif.align_id 
_struct_ref_seq_dif.pdbx_pdb_id_code 
_struct_ref_seq_dif.mon_id 
_struct_ref_seq_dif.pdbx_pdb_strand_id 
_struct_ref_seq_dif.seq_num 
_struct_ref_seq_dif.pdbx_pdb_ins_code 
_struct_ref_seq_dif.pdbx_seq_db_name 
_struct_ref_seq_dif.pdbx_seq_db_accession_code 
_struct_ref_seq_dif.db_mon_id 
_struct_ref_seq_dif.pdbx_seq_db_seq_num 
_struct_ref_seq_dif.details 
_struct_ref_seq_dif.pdbx_auth_seq_num 
_struct_ref_seq_dif.pdbx_ordinal 
1 7T5U SER A 1 ? UNP A0A1X1LKI5 ? ? 'expression tag' -1 1 
1 7T5U ASN A 2 ? UNP A0A1X1LKI5 ? ? 'expression tag' 0  2 
1 7T5U ALA A 3 ? UNP A0A1X1LKI5 ? ? 'expression tag' 1  3 
# 
_pdbx_struct_assembly.id                   1 
_pdbx_struct_assembly.details              author_defined_assembly 
_pdbx_struct_assembly.method_details       ? 
_pdbx_struct_assembly.oligomeric_details   monomeric 
_pdbx_struct_assembly.oligomeric_count     1 
# 
_pdbx_struct_assembly_gen.assembly_id       1 
_pdbx_struct_assembly_gen.oper_expression   1 
_pdbx_struct_assembly_gen.asym_id_list      A,B,C,D 
# 
_pdbx_struct_assembly_auth_evidence.id                     1 
_pdbx_struct_assembly_auth_evidence.assembly_id            1 
_pdbx_struct_assembly_auth_evidence.experimental_support   'gel filtration' 
_pdbx_struct_assembly_auth_evidence.details                ? 
# 
_pdbx_struct_oper_list.id                   1 
_pdbx_struct_oper_list.type                 'identity operation' 
_pdbx_struct_oper_list.name                 1_555 
_pdbx_struct_oper_list.symmetry_operation   x,y,z 
_pdbx_struct_oper_list.matrix[1][1]         1.0000000000 
_pdbx_struct_oper_list.matrix[1][2]         0.0000000000 
_pdbx_struct_oper_list.matrix[1][3]         0.0000000000 
_pdbx_struct_oper_list.vector[1]            0.0000000000 
_pdbx_struct_oper_list.matrix[2][1]         0.0000000000 
_pdbx_struct_oper_list.matrix[2][2]         1.0000000000 
_pdbx_struct_oper_list.matrix[2][3]         0.0000000000 
_pdbx_struct_oper_list.vector[2]            0.0000000000 
_pdbx_struct_oper_list.matrix[3][1]         0.0000000000 
_pdbx_struct_oper_list.matrix[3][2]         0.0000000000 
_pdbx_struct_oper_list.matrix[3][3]         1.0000000000 
_pdbx_struct_oper_list.vector[3]            0.0000000000 
# 
loop_
_struct_conf.conf_type_id 
_struct_conf.id 
_struct_conf.pdbx_PDB_helix_id 
_struct_conf.beg_label_comp_id 
_struct_conf.beg_label_asym_id 
_struct_conf.beg_label_seq_id 
_struct_conf.pdbx_beg_PDB_ins_code 
_struct_conf.end_label_comp_id 
_struct_conf.end_label_asym_id 
_struct_conf.end_label_seq_id 
_struct_conf.pdbx_end_PDB_ins_code 
_struct_conf.beg_auth_comp_id 
_struct_conf.beg_auth_asym_id 
_struct_conf.beg_auth_seq_id 
_struct_conf.end_auth_comp_id 
_struct_conf.end_auth_asym_id 
_struct_conf.end_auth_seq_id 
_struct_conf.pdbx_PDB_helix_class 
_struct_conf.details 
_struct_conf.pdbx_PDB_helix_length 
HELX_P HELX_P1 AA1 THR A 5  ? ARG A 18 ? THR A 3  ARG A 16 1 ? 14 
HELX_P HELX_P2 AA2 THR A 21 ? GLY A 30 ? THR A 19 GLY A 28 1 ? 10 
HELX_P HELX_P3 AA3 SER A 32 ? ARG A 42 ? SER A 30 ARG A 40 1 ? 11 
HELX_P HELX_P4 AA4 SER A 48 ? GLY A 60 ? SER A 46 GLY A 58 1 ? 13 
HELX_P HELX_P5 AA5 THR A 63 ? GLU A 68 ? THR A 61 GLU A 66 1 ? 6  
# 
_struct_conf_type.id          HELX_P 
_struct_conf_type.criteria    ? 
_struct_conf_type.reference   ? 
# 
loop_
_pdbx_validate_close_contact.id 
_pdbx_validate_close_contact.PDB_model_num 
_pdbx_validate_close_contact.auth_atom_id_1 
_pdbx_validate_close_contact.auth_asym_id_1 
_pdbx_validate_close_contact.auth_comp_id_1 
_pdbx_validate_close_contact.auth_seq_id_1 
_pdbx_validate_close_contact.PDB_ins_code_1 
_pdbx_validate_close_contact.label_alt_id_1 
_pdbx_validate_close_contact.auth_atom_id_2 
_pdbx_validate_close_contact.auth_asym_id_2 
_pdbx_validate_close_contact.auth_comp_id_2 
_pdbx_validate_close_contact.auth_seq_id_2 
_pdbx_validate_close_contact.PDB_ins_code_2 
_pdbx_validate_close_contact.label_alt_id_2 
_pdbx_validate_close_contact.dist 
1 1 O   A HOH 257 ? ? O A HOH 279 ? ? 1.98 
2 1 OD2 A ASP 25  ? A O A HOH 201 ? ? 2.07 
3 1 O   A HOH 202 ? ? O A HOH 271 ? ? 2.09 
4 1 O   A HOH 275 ? ? O A HOH 287 ? ? 2.10 
# 
_pdbx_validate_symm_contact.id                1 
_pdbx_validate_symm_contact.PDB_model_num     1 
_pdbx_validate_symm_contact.auth_atom_id_1    OE1 
_pdbx_validate_symm_contact.auth_asym_id_1    A 
_pdbx_validate_symm_contact.auth_comp_id_1    GLN 
_pdbx_validate_symm_contact.auth_seq_id_1     15 
_pdbx_validate_symm_contact.PDB_ins_code_1    ? 
_pdbx_validate_symm_contact.label_alt_id_1    B 
_pdbx_validate_symm_contact.site_symmetry_1   1_555 
_pdbx_validate_symm_contact.auth_atom_id_2    NH1 
_pdbx_validate_symm_contact.auth_asym_id_2    A 
_pdbx_validate_symm_contact.auth_comp_id_2    ARG 
_pdbx_validate_symm_contact.auth_seq_id_2     40 
_pdbx_validate_symm_contact.PDB_ins_code_2    ? 
_pdbx_validate_symm_contact.label_alt_id_2    ? 
_pdbx_validate_symm_contact.site_symmetry_2   3_545 
_pdbx_validate_symm_contact.dist              1.93 
# 
loop_
_space_group_symop.id 
_space_group_symop.operation_xyz 
1 x,y,z           
2 x+1/2,-y+1/2,-z 
3 -x,y+1/2,-z+1/2 
4 -x+1/2,-y,z+1/2 
# 
_pdbx_entry_details.entry_id                 7T5U 
_pdbx_entry_details.has_ligand_of_interest   N 
_pdbx_entry_details.compound_details         ? 
_pdbx_entry_details.source_details           ? 
_pdbx_entry_details.nonpolymer_details       ? 
_pdbx_entry_details.sequence_details         ? 
# 
loop_
_pdbx_unobs_or_zero_occ_residues.id 
_pdbx_unobs_or_zero_occ_residues.PDB_model_num 
_pdbx_unobs_or_zero_occ_residues.polymer_flag 
_pdbx_unobs_or_zero_occ_residues.occupancy_flag 
_pdbx_unobs_or_zero_occ_residues.auth_asym_id 
_pdbx_unobs_or_zero_occ_residues.auth_comp_id 
_pdbx_unobs_or_zero_occ_residues.auth_seq_id 
_pdbx_unobs_or_zero_occ_residues.PDB_ins_code 
_pdbx_unobs_or_zero_occ_residues.label_asym_id 
_pdbx_unobs_or_zero_occ_residues.label_comp_id 
_pdbx_unobs_or_zero_occ_residues.label_seq_id 
1 1 Y 1 A SER -1 ? A SER 1 
2 1 Y 1 A ASN 0  ? A ASN 2 
3 1 Y 1 A ALA 1  ? A ALA 3 
# 
loop_
_chem_comp_atom.comp_id 
_chem_comp_atom.atom_id 
_chem_comp_atom.type_symbol 
_chem_comp_atom.pdbx_aromatic_flag 
_chem_comp_atom.pdbx_stereo_config 
_chem_comp_atom.pdbx_ordinal 
ALA N    N N N 1   
ALA CA   C N S 2   
ALA C    C N N 3   
ALA O    O N N 4   
ALA CB   C N N 5   
ALA OXT  O N N 6   
ALA H    H N N 7   
ALA H2   H N N 8   
ALA HA   H N N 9   
ALA HB1  H N N 10  
ALA HB2  H N N 11  
ALA HB3  H N N 12  
ALA HXT  H N N 13  
ARG N    N N N 14  
ARG CA   C N S 15  
ARG C    C N N 16  
ARG O    O N N 17  
ARG CB   C N N 18  
ARG CG   C N N 19  
ARG CD   C N N 20  
ARG NE   N N N 21  
ARG CZ   C N N 22  
ARG NH1  N N N 23  
ARG NH2  N N N 24  
ARG OXT  O N N 25  
ARG H    H N N 26  
ARG H2   H N N 27  
ARG HA   H N N 28  
ARG HB2  H N N 29  
ARG HB3  H N N 30  
ARG HG2  H N N 31  
ARG HG3  H N N 32  
ARG HD2  H N N 33  
ARG HD3  H N N 34  
ARG HE   H N N 35  
ARG HH11 H N N 36  
ARG HH12 H N N 37  
ARG HH21 H N N 38  
ARG HH22 H N N 39  
ARG HXT  H N N 40  
ASN N    N N N 41  
ASN CA   C N S 42  
ASN C    C N N 43  
ASN O    O N N 44  
ASN CB   C N N 45  
ASN CG   C N N 46  
ASN OD1  O N N 47  
ASN ND2  N N N 48  
ASN OXT  O N N 49  
ASN H    H N N 50  
ASN H2   H N N 51  
ASN HA   H N N 52  
ASN HB2  H N N 53  
ASN HB3  H N N 54  
ASN HD21 H N N 55  
ASN HD22 H N N 56  
ASN HXT  H N N 57  
ASP N    N N N 58  
ASP CA   C N S 59  
ASP C    C N N 60  
ASP O    O N N 61  
ASP CB   C N N 62  
ASP CG   C N N 63  
ASP OD1  O N N 64  
ASP OD2  O N N 65  
ASP OXT  O N N 66  
ASP H    H N N 67  
ASP H2   H N N 68  
ASP HA   H N N 69  
ASP HB2  H N N 70  
ASP HB3  H N N 71  
ASP HD2  H N N 72  
ASP HXT  H N N 73  
GLN N    N N N 74  
GLN CA   C N S 75  
GLN C    C N N 76  
GLN O    O N N 77  
GLN CB   C N N 78  
GLN CG   C N N 79  
GLN CD   C N N 80  
GLN OE1  O N N 81  
GLN NE2  N N N 82  
GLN OXT  O N N 83  
GLN H    H N N 84  
GLN H2   H N N 85  
GLN HA   H N N 86  
GLN HB2  H N N 87  
GLN HB3  H N N 88  
GLN HG2  H N N 89  
GLN HG3  H N N 90  
GLN HE21 H N N 91  
GLN HE22 H N N 92  
GLN HXT  H N N 93  
GLU N    N N N 94  
GLU CA   C N S 95  
GLU C    C N N 96  
GLU O    O N N 97  
GLU CB   C N N 98  
GLU CG   C N N 99  
GLU CD   C N N 100 
GLU OE1  O N N 101 
GLU OE2  O N N 102 
GLU OXT  O N N 103 
GLU H    H N N 104 
GLU H2   H N N 105 
GLU HA   H N N 106 
GLU HB2  H N N 107 
GLU HB3  H N N 108 
GLU HG2  H N N 109 
GLU HG3  H N N 110 
GLU HE2  H N N 111 
GLU HXT  H N N 112 
GLY N    N N N 113 
GLY CA   C N N 114 
GLY C    C N N 115 
GLY O    O N N 116 
GLY OXT  O N N 117 
GLY H    H N N 118 
GLY H2   H N N 119 
GLY HA2  H N N 120 
GLY HA3  H N N 121 
GLY HXT  H N N 122 
HOH O    O N N 123 
HOH H1   H N N 124 
HOH H2   H N N 125 
LEU N    N N N 126 
LEU CA   C N S 127 
LEU C    C N N 128 
LEU O    O N N 129 
LEU CB   C N N 130 
LEU CG   C N N 131 
LEU CD1  C N N 132 
LEU CD2  C N N 133 
LEU OXT  O N N 134 
LEU H    H N N 135 
LEU H2   H N N 136 
LEU HA   H N N 137 
LEU HB2  H N N 138 
LEU HB3  H N N 139 
LEU HG   H N N 140 
LEU HD11 H N N 141 
LEU HD12 H N N 142 
LEU HD13 H N N 143 
LEU HD21 H N N 144 
LEU HD22 H N N 145 
LEU HD23 H N N 146 
LEU HXT  H N N 147 
LYS N    N N N 148 
LYS CA   C N S 149 
LYS C    C N N 150 
LYS O    O N N 151 
LYS CB   C N N 152 
LYS CG   C N N 153 
LYS CD   C N N 154 
LYS CE   C N N 155 
LYS NZ   N N N 156 
LYS OXT  O N N 157 
LYS H    H N N 158 
LYS H2   H N N 159 
LYS HA   H N N 160 
LYS HB2  H N N 161 
LYS HB3  H N N 162 
LYS HG2  H N N 163 
LYS HG3  H N N 164 
LYS HD2  H N N 165 
LYS HD3  H N N 166 
LYS HE2  H N N 167 
LYS HE3  H N N 168 
LYS HZ1  H N N 169 
LYS HZ2  H N N 170 
LYS HZ3  H N N 171 
LYS HXT  H N N 172 
MET N    N N N 173 
MET CA   C N S 174 
MET C    C N N 175 
MET O    O N N 176 
MET CB   C N N 177 
MET CG   C N N 178 
MET SD   S N N 179 
MET CE   C N N 180 
MET OXT  O N N 181 
MET H    H N N 182 
MET H2   H N N 183 
MET HA   H N N 184 
MET HB2  H N N 185 
MET HB3  H N N 186 
MET HG2  H N N 187 
MET HG3  H N N 188 
MET HE1  H N N 189 
MET HE2  H N N 190 
MET HE3  H N N 191 
MET HXT  H N N 192 
PHE N    N N N 193 
PHE CA   C N S 194 
PHE C    C N N 195 
PHE O    O N N 196 
PHE CB   C N N 197 
PHE CG   C Y N 198 
PHE CD1  C Y N 199 
PHE CD2  C Y N 200 
PHE CE1  C Y N 201 
PHE CE2  C Y N 202 
PHE CZ   C Y N 203 
PHE OXT  O N N 204 
PHE H    H N N 205 
PHE H2   H N N 206 
PHE HA   H N N 207 
PHE HB2  H N N 208 
PHE HB3  H N N 209 
PHE HD1  H N N 210 
PHE HD2  H N N 211 
PHE HE1  H N N 212 
PHE HE2  H N N 213 
PHE HZ   H N N 214 
PHE HXT  H N N 215 
PRO N    N N N 216 
PRO CA   C N S 217 
PRO C    C N N 218 
PRO O    O N N 219 
PRO CB   C N N 220 
PRO CG   C N N 221 
PRO CD   C N N 222 
PRO OXT  O N N 223 
PRO H    H N N 224 
PRO HA   H N N 225 
PRO HB2  H N N 226 
PRO HB3  H N N 227 
PRO HG2  H N N 228 
PRO HG3  H N N 229 
PRO HD2  H N N 230 
PRO HD3  H N N 231 
PRO HXT  H N N 232 
SER N    N N N 233 
SER CA   C N S 234 
SER C    C N N 235 
SER O    O N N 236 
SER CB   C N N 237 
SER OG   O N N 238 
SER OXT  O N N 239 
SER H    H N N 240 
SER H2   H N N 241 
SER HA   H N N 242 
SER HB2  H N N 243 
SER HB3  H N N 244 
SER HG   H N N 245 
SER HXT  H N N 246 
SO4 S    S N N 247 
SO4 O1   O N N 248 
SO4 O2   O N N 249 
SO4 O3   O N N 250 
SO4 O4   O N N 251 
THR N    N N N 252 
THR CA   C N S 253 
THR C    C N N 254 
THR O    O N N 255 
THR CB   C N R 256 
THR OG1  O N N 257 
THR CG2  C N N 258 
THR OXT  O N N 259 
THR H    H N N 260 
THR H2   H N N 261 
THR HA   H N N 262 
THR HB   H N N 263 
THR HG1  H N N 264 
THR HG21 H N N 265 
THR HG22 H N N 266 
THR HG23 H N N 267 
THR HXT  H N N 268 
TRP N    N N N 269 
TRP CA   C N S 270 
TRP C    C N N 271 
TRP O    O N N 272 
TRP CB   C N N 273 
TRP CG   C Y N 274 
TRP CD1  C Y N 275 
TRP CD2  C Y N 276 
TRP NE1  N Y N 277 
TRP CE2  C Y N 278 
TRP CE3  C Y N 279 
TRP CZ2  C Y N 280 
TRP CZ3  C Y N 281 
TRP CH2  C Y N 282 
TRP OXT  O N N 283 
TRP H    H N N 284 
TRP H2   H N N 285 
TRP HA   H N N 286 
TRP HB2  H N N 287 
TRP HB3  H N N 288 
TRP HD1  H N N 289 
TRP HE1  H N N 290 
TRP HE3  H N N 291 
TRP HZ2  H N N 292 
TRP HZ3  H N N 293 
TRP HH2  H N N 294 
TRP HXT  H N N 295 
TYR N    N N N 296 
TYR CA   C N S 297 
TYR C    C N N 298 
TYR O    O N N 299 
TYR CB   C N N 300 
TYR CG   C Y N 301 
TYR CD1  C Y N 302 
TYR CD2  C Y N 303 
TYR CE1  C Y N 304 
TYR CE2  C Y N 305 
TYR CZ   C Y N 306 
TYR OH   O N N 307 
TYR OXT  O N N 308 
TYR H    H N N 309 
TYR H2   H N N 310 
TYR HA   H N N 311 
TYR HB2  H N N 312 
TYR HB3  H N N 313 
TYR HD1  H N N 314 
TYR HD2  H N N 315 
TYR HE1  H N N 316 
TYR HE2  H N N 317 
TYR HH   H N N 318 
TYR HXT  H N N 319 
VAL N    N N N 320 
VAL CA   C N S 321 
VAL C    C N N 322 
VAL O    O N N 323 
VAL CB   C N N 324 
VAL CG1  C N N 325 
VAL CG2  C N N 326 
VAL OXT  O N N 327 
VAL H    H N N 328 
VAL H2   H N N 329 
VAL HA   H N N 330 
VAL HB   H N N 331 
VAL HG11 H N N 332 
VAL HG12 H N N 333 
VAL HG13 H N N 334 
VAL HG21 H N N 335 
VAL HG22 H N N 336 
VAL HG23 H N N 337 
VAL HXT  H N N 338 
# 
loop_
_chem_comp_bond.comp_id 
_chem_comp_bond.atom_id_1 
_chem_comp_bond.atom_id_2 
_chem_comp_bond.value_order 
_chem_comp_bond.pdbx_aromatic_flag 
_chem_comp_bond.pdbx_stereo_config 
_chem_comp_bond.pdbx_ordinal 
ALA N   CA   sing N N 1   
ALA N   H    sing N N 2   
ALA N   H2   sing N N 3   
ALA CA  C    sing N N 4   
ALA CA  CB   sing N N 5   
ALA CA  HA   sing N N 6   
ALA C   O    doub N N 7   
ALA C   OXT  sing N N 8   
ALA CB  HB1  sing N N 9   
ALA CB  HB2  sing N N 10  
ALA CB  HB3  sing N N 11  
ALA OXT HXT  sing N N 12  
ARG N   CA   sing N N 13  
ARG N   H    sing N N 14  
ARG N   H2   sing N N 15  
ARG CA  C    sing N N 16  
ARG CA  CB   sing N N 17  
ARG CA  HA   sing N N 18  
ARG C   O    doub N N 19  
ARG C   OXT  sing N N 20  
ARG CB  CG   sing N N 21  
ARG CB  HB2  sing N N 22  
ARG CB  HB3  sing N N 23  
ARG CG  CD   sing N N 24  
ARG CG  HG2  sing N N 25  
ARG CG  HG3  sing N N 26  
ARG CD  NE   sing N N 27  
ARG CD  HD2  sing N N 28  
ARG CD  HD3  sing N N 29  
ARG NE  CZ   sing N N 30  
ARG NE  HE   sing N N 31  
ARG CZ  NH1  sing N N 32  
ARG CZ  NH2  doub N N 33  
ARG NH1 HH11 sing N N 34  
ARG NH1 HH12 sing N N 35  
ARG NH2 HH21 sing N N 36  
ARG NH2 HH22 sing N N 37  
ARG OXT HXT  sing N N 38  
ASN N   CA   sing N N 39  
ASN N   H    sing N N 40  
ASN N   H2   sing N N 41  
ASN CA  C    sing N N 42  
ASN CA  CB   sing N N 43  
ASN CA  HA   sing N N 44  
ASN C   O    doub N N 45  
ASN C   OXT  sing N N 46  
ASN CB  CG   sing N N 47  
ASN CB  HB2  sing N N 48  
ASN CB  HB3  sing N N 49  
ASN CG  OD1  doub N N 50  
ASN CG  ND2  sing N N 51  
ASN ND2 HD21 sing N N 52  
ASN ND2 HD22 sing N N 53  
ASN OXT HXT  sing N N 54  
ASP N   CA   sing N N 55  
ASP N   H    sing N N 56  
ASP N   H2   sing N N 57  
ASP CA  C    sing N N 58  
ASP CA  CB   sing N N 59  
ASP CA  HA   sing N N 60  
ASP C   O    doub N N 61  
ASP C   OXT  sing N N 62  
ASP CB  CG   sing N N 63  
ASP CB  HB2  sing N N 64  
ASP CB  HB3  sing N N 65  
ASP CG  OD1  doub N N 66  
ASP CG  OD2  sing N N 67  
ASP OD2 HD2  sing N N 68  
ASP OXT HXT  sing N N 69  
GLN N   CA   sing N N 70  
GLN N   H    sing N N 71  
GLN N   H2   sing N N 72  
GLN CA  C    sing N N 73  
GLN CA  CB   sing N N 74  
GLN CA  HA   sing N N 75  
GLN C   O    doub N N 76  
GLN C   OXT  sing N N 77  
GLN CB  CG   sing N N 78  
GLN CB  HB2  sing N N 79  
GLN CB  HB3  sing N N 80  
GLN CG  CD   sing N N 81  
GLN CG  HG2  sing N N 82  
GLN CG  HG3  sing N N 83  
GLN CD  OE1  doub N N 84  
GLN CD  NE2  sing N N 85  
GLN NE2 HE21 sing N N 86  
GLN NE2 HE22 sing N N 87  
GLN OXT HXT  sing N N 88  
GLU N   CA   sing N N 89  
GLU N   H    sing N N 90  
GLU N   H2   sing N N 91  
GLU CA  C    sing N N 92  
GLU CA  CB   sing N N 93  
GLU CA  HA   sing N N 94  
GLU C   O    doub N N 95  
GLU C   OXT  sing N N 96  
GLU CB  CG   sing N N 97  
GLU CB  HB2  sing N N 98  
GLU CB  HB3  sing N N 99  
GLU CG  CD   sing N N 100 
GLU CG  HG2  sing N N 101 
GLU CG  HG3  sing N N 102 
GLU CD  OE1  doub N N 103 
GLU CD  OE2  sing N N 104 
GLU OE2 HE2  sing N N 105 
GLU OXT HXT  sing N N 106 
GLY N   CA   sing N N 107 
GLY N   H    sing N N 108 
GLY N   H2   sing N N 109 
GLY CA  C    sing N N 110 
GLY CA  HA2  sing N N 111 
GLY CA  HA3  sing N N 112 
GLY C   O    doub N N 113 
GLY C   OXT  sing N N 114 
GLY OXT HXT  sing N N 115 
HOH O   H1   sing N N 116 
HOH O   H2   sing N N 117 
LEU N   CA   sing N N 118 
LEU N   H    sing N N 119 
LEU N   H2   sing N N 120 
LEU CA  C    sing N N 121 
LEU CA  CB   sing N N 122 
LEU CA  HA   sing N N 123 
LEU C   O    doub N N 124 
LEU C   OXT  sing N N 125 
LEU CB  CG   sing N N 126 
LEU CB  HB2  sing N N 127 
LEU CB  HB3  sing N N 128 
LEU CG  CD1  sing N N 129 
LEU CG  CD2  sing N N 130 
LEU CG  HG   sing N N 131 
LEU CD1 HD11 sing N N 132 
LEU CD1 HD12 sing N N 133 
LEU CD1 HD13 sing N N 134 
LEU CD2 HD21 sing N N 135 
LEU CD2 HD22 sing N N 136 
LEU CD2 HD23 sing N N 137 
LEU OXT HXT  sing N N 138 
LYS N   CA   sing N N 139 
LYS N   H    sing N N 140 
LYS N   H2   sing N N 141 
LYS CA  C    sing N N 142 
LYS CA  CB   sing N N 143 
LYS CA  HA   sing N N 144 
LYS C   O    doub N N 145 
LYS C   OXT  sing N N 146 
LYS CB  CG   sing N N 147 
LYS CB  HB2  sing N N 148 
LYS CB  HB3  sing N N 149 
LYS CG  CD   sing N N 150 
LYS CG  HG2  sing N N 151 
LYS CG  HG3  sing N N 152 
LYS CD  CE   sing N N 153 
LYS CD  HD2  sing N N 154 
LYS CD  HD3  sing N N 155 
LYS CE  NZ   sing N N 156 
LYS CE  HE2  sing N N 157 
LYS CE  HE3  sing N N 158 
LYS NZ  HZ1  sing N N 159 
LYS NZ  HZ2  sing N N 160 
LYS NZ  HZ3  sing N N 161 
LYS OXT HXT  sing N N 162 
MET N   CA   sing N N 163 
MET N   H    sing N N 164 
MET N   H2   sing N N 165 
MET CA  C    sing N N 166 
MET CA  CB   sing N N 167 
MET CA  HA   sing N N 168 
MET C   O    doub N N 169 
MET C   OXT  sing N N 170 
MET CB  CG   sing N N 171 
MET CB  HB2  sing N N 172 
MET CB  HB3  sing N N 173 
MET CG  SD   sing N N 174 
MET CG  HG2  sing N N 175 
MET CG  HG3  sing N N 176 
MET SD  CE   sing N N 177 
MET CE  HE1  sing N N 178 
MET CE  HE2  sing N N 179 
MET CE  HE3  sing N N 180 
MET OXT HXT  sing N N 181 
PHE N   CA   sing N N 182 
PHE N   H    sing N N 183 
PHE N   H2   sing N N 184 
PHE CA  C    sing N N 185 
PHE CA  CB   sing N N 186 
PHE CA  HA   sing N N 187 
PHE C   O    doub N N 188 
PHE C   OXT  sing N N 189 
PHE CB  CG   sing N N 190 
PHE CB  HB2  sing N N 191 
PHE CB  HB3  sing N N 192 
PHE CG  CD1  doub Y N 193 
PHE CG  CD2  sing Y N 194 
PHE CD1 CE1  sing Y N 195 
PHE CD1 HD1  sing N N 196 
PHE CD2 CE2  doub Y N 197 
PHE CD2 HD2  sing N N 198 
PHE CE1 CZ   doub Y N 199 
PHE CE1 HE1  sing N N 200 
PHE CE2 CZ   sing Y N 201 
PHE CE2 HE2  sing N N 202 
PHE CZ  HZ   sing N N 203 
PHE OXT HXT  sing N N 204 
PRO N   CA   sing N N 205 
PRO N   CD   sing N N 206 
PRO N   H    sing N N 207 
PRO CA  C    sing N N 208 
PRO CA  CB   sing N N 209 
PRO CA  HA   sing N N 210 
PRO C   O    doub N N 211 
PRO C   OXT  sing N N 212 
PRO CB  CG   sing N N 213 
PRO CB  HB2  sing N N 214 
PRO CB  HB3  sing N N 215 
PRO CG  CD   sing N N 216 
PRO CG  HG2  sing N N 217 
PRO CG  HG3  sing N N 218 
PRO CD  HD2  sing N N 219 
PRO CD  HD3  sing N N 220 
PRO OXT HXT  sing N N 221 
SER N   CA   sing N N 222 
SER N   H    sing N N 223 
SER N   H2   sing N N 224 
SER CA  C    sing N N 225 
SER CA  CB   sing N N 226 
SER CA  HA   sing N N 227 
SER C   O    doub N N 228 
SER C   OXT  sing N N 229 
SER CB  OG   sing N N 230 
SER CB  HB2  sing N N 231 
SER CB  HB3  sing N N 232 
SER OG  HG   sing N N 233 
SER OXT HXT  sing N N 234 
SO4 S   O1   doub N N 235 
SO4 S   O2   doub N N 236 
SO4 S   O3   sing N N 237 
SO4 S   O4   sing N N 238 
THR N   CA   sing N N 239 
THR N   H    sing N N 240 
THR N   H2   sing N N 241 
THR CA  C    sing N N 242 
THR CA  CB   sing N N 243 
THR CA  HA   sing N N 244 
THR C   O    doub N N 245 
THR C   OXT  sing N N 246 
THR CB  OG1  sing N N 247 
THR CB  CG2  sing N N 248 
THR CB  HB   sing N N 249 
THR OG1 HG1  sing N N 250 
THR CG2 HG21 sing N N 251 
THR CG2 HG22 sing N N 252 
THR CG2 HG23 sing N N 253 
THR OXT HXT  sing N N 254 
TRP N   CA   sing N N 255 
TRP N   H    sing N N 256 
TRP N   H2   sing N N 257 
TRP CA  C    sing N N 258 
TRP CA  CB   sing N N 259 
TRP CA  HA   sing N N 260 
TRP C   O    doub N N 261 
TRP C   OXT  sing N N 262 
TRP CB  CG   sing N N 263 
TRP CB  HB2  sing N N 264 
TRP CB  HB3  sing N N 265 
TRP CG  CD1  doub Y N 266 
TRP CG  CD2  sing Y N 267 
TRP CD1 NE1  sing Y N 268 
TRP CD1 HD1  sing N N 269 
TRP CD2 CE2  doub Y N 270 
TRP CD2 CE3  sing Y N 271 
TRP NE1 CE2  sing Y N 272 
TRP NE1 HE1  sing N N 273 
TRP CE2 CZ2  sing Y N 274 
TRP CE3 CZ3  doub Y N 275 
TRP CE3 HE3  sing N N 276 
TRP CZ2 CH2  doub Y N 277 
TRP CZ2 HZ2  sing N N 278 
TRP CZ3 CH2  sing Y N 279 
TRP CZ3 HZ3  sing N N 280 
TRP CH2 HH2  sing N N 281 
TRP OXT HXT  sing N N 282 
TYR N   CA   sing N N 283 
TYR N   H    sing N N 284 
TYR N   H2   sing N N 285 
TYR CA  C    sing N N 286 
TYR CA  CB   sing N N 287 
TYR CA  HA   sing N N 288 
TYR C   O    doub N N 289 
TYR C   OXT  sing N N 290 
TYR CB  CG   sing N N 291 
TYR CB  HB2  sing N N 292 
TYR CB  HB3  sing N N 293 
TYR CG  CD1  doub Y N 294 
TYR CG  CD2  sing Y N 295 
TYR CD1 CE1  sing Y N 296 
TYR CD1 HD1  sing N N 297 
TYR CD2 CE2  doub Y N 298 
TYR CD2 HD2  sing N N 299 
TYR CE1 CZ   doub Y N 300 
TYR CE1 HE1  sing N N 301 
TYR CE2 CZ   sing Y N 302 
TYR CE2 HE2  sing N N 303 
TYR CZ  OH   sing N N 304 
TYR OH  HH   sing N N 305 
TYR OXT HXT  sing N N 306 
VAL N   CA   sing N N 307 
VAL N   H    sing N N 308 
VAL N   H2   sing N N 309 
VAL CA  C    sing N N 310 
VAL CA  CB   sing N N 311 
VAL CA  HA   sing N N 312 
VAL C   O    doub N N 313 
VAL C   OXT  sing N N 314 
VAL CB  CG1  sing N N 315 
VAL CB  CG2  sing N N 316 
VAL CB  HB   sing N N 317 
VAL CG1 HG11 sing N N 318 
VAL CG1 HG12 sing N N 319 
VAL CG1 HG13 sing N N 320 
VAL CG2 HG21 sing N N 321 
VAL CG2 HG22 sing N N 322 
VAL CG2 HG23 sing N N 323 
VAL OXT HXT  sing N N 324 
# 
_pdbx_audit_support.funding_organization   
'National Institutes of Health/National Institute Of Allergy and Infectious Diseases (NIH/NIAID)' 
_pdbx_audit_support.country                'United States' 
_pdbx_audit_support.grant_number           'R21 AI148814' 
_pdbx_audit_support.ordinal                1 
# 
_pdbx_initial_refinement_model.accession_code   ? 
_pdbx_initial_refinement_model.id               1 
_pdbx_initial_refinement_model.entity_id_list   ? 
_pdbx_initial_refinement_model.type             'in silico model' 
_pdbx_initial_refinement_model.source_name      Other 
_pdbx_initial_refinement_model.details          'ideal alpha helix' 
# 
_pdbx_related_exp_data_set.data_reference       10.15785/SBGRID/866 
_pdbx_related_exp_data_set.data_set_type        'diffraction image data' 
_pdbx_related_exp_data_set.details              ? 
_pdbx_related_exp_data_set.metadata_reference   10.15785/SBGRID/866 
_pdbx_related_exp_data_set.ordinal              1 
# 
_space_group.name_H-M_alt     'P 21 21 21' 
_space_group.name_Hall        'P 2ac 2ab' 
_space_group.IT_number        19 
_space_group.crystal_system   orthorhombic 
_space_group.id               1 
# 
_atom_sites.entry_id                    7T5U 
_atom_sites.Cartn_transf_matrix[1][1]   ? 
_atom_sites.Cartn_transf_matrix[1][2]   ? 
_atom_sites.Cartn_transf_matrix[1][3]   ? 
_atom_sites.Cartn_transf_matrix[2][1]   ? 
_atom_sites.Cartn_transf_matrix[2][2]   ? 
_atom_sites.Cartn_transf_matrix[2][3]   ? 
_atom_sites.Cartn_transf_matrix[3][1]   ? 
_atom_sites.Cartn_transf_matrix[3][2]   ? 
_atom_sites.Cartn_transf_matrix[3][3]   ? 
_atom_sites.Cartn_transf_vector[1]      ? 
_atom_sites.Cartn_transf_vector[2]      ? 
_atom_sites.Cartn_transf_vector[3]      ? 
_atom_sites.fract_transf_matrix[1][1]   0.01760799 
_atom_sites.fract_transf_matrix[1][2]   -0.02460470 
_atom_sites.fract_transf_matrix[1][3]   0.00622077 
_atom_sites.fract_transf_matrix[2][1]   0.01203953 
_atom_sites.fract_transf_matrix[2][2]   0.00307931 
_atom_sites.fract_transf_matrix[2][3]   -0.02189862 
_atom_sites.fract_transf_matrix[3][1]   0.01414665 
_atom_sites.fract_transf_matrix[3][2]   0.01253592 
_atom_sites.fract_transf_matrix[3][3]   0.00954037 
_atom_sites.fract_transf_vector[1]      -0.239559 
_atom_sites.fract_transf_vector[2]      -0.615744 
_atom_sites.fract_transf_vector[3]      0.407435 
_atom_sites.solution_primary            ? 
_atom_sites.solution_secondary          ? 
_atom_sites.solution_hydrogens          ? 
_atom_sites.special_details             ? 
# 
loop_
_atom_type.symbol 
_atom_type.scat_dispersion_real 
_atom_type.scat_dispersion_imag 
_atom_type.scat_Cromer_Mann_a1 
_atom_type.scat_Cromer_Mann_a2 
_atom_type.scat_Cromer_Mann_a3 
_atom_type.scat_Cromer_Mann_a4 
_atom_type.scat_Cromer_Mann_b1 
_atom_type.scat_Cromer_Mann_b2 
_atom_type.scat_Cromer_Mann_b3 
_atom_type.scat_Cromer_Mann_b4 
_atom_type.scat_Cromer_Mann_c 
_atom_type.scat_source 
_atom_type.scat_dispersion_source 
C ? ? 3.54356 2.42580 ?       ? 25.62398 1.50364  ?       ? 0.0 
;2-Gaussian fit: Grosse-Kunstleve RW, Sauter NK, Adams PD: Newsletter of the IUCr Commission on Crystallographic Computing 2004, 3, 22-31.
;
? 
H ? ? 0.53795 0.34799 0.11320 ? 10.08003 29.74760 2.57510 ? 0.0 
;3-Gaussian fit: Grosse-Kunstleve RW, Sauter NK, Adams PD: Newsletter of the IUCr Commission on Crystallographic Computing 2004, 3, 22-31.
;
? 
N ? ? 4.01032 2.96436 ?       ? 19.97189 1.75589  ?       ? 0.0 
;2-Gaussian fit: Grosse-Kunstleve RW, Sauter NK, Adams PD: Newsletter of the IUCr Commission on Crystallographic Computing 2004, 3, 22-31.
;
? 
O ? ? 4.49882 3.47563 ?       ? 15.80542 1.70748  ?       ? 0.0 
;2-Gaussian fit: Grosse-Kunstleve RW, Sauter NK, Adams PD: Newsletter of the IUCr Commission on Crystallographic Computing 2004, 3, 22-31.
;
? 
S ? ? 9.55732 6.39887 ?       ? 1.23737  29.19336 ?       ? 0.0 
;2-Gaussian fit: Grosse-Kunstleve RW, Sauter NK, Adams PD: Newsletter of the IUCr Commission on Crystallographic Computing 2004, 3, 22-31.
;
? 
# 
loop_
_atom_site.group_PDB 
_atom_site.id 
_atom_site.type_symbol 
_atom_site.label_atom_id 
_atom_site.label_alt_id 
_atom_site.label_comp_id 
_atom_site.label_asym_id 
_atom_site.label_entity_id 
_atom_site.label_seq_id 
_atom_site.pdbx_PDB_ins_code 
_atom_site.Cartn_x 
_atom_site.Cartn_y 
_atom_site.Cartn_z 
_atom_site.occupancy 
_atom_site.B_iso_or_equiv 
_atom_site.pdbx_formal_charge 
_atom_site.auth_seq_id 
_atom_site.auth_comp_id 
_atom_site.auth_asym_id 
_atom_site.auth_atom_id 
_atom_site.pdbx_PDB_model_num 
ATOM   1    N N    . ALA A 1 4  ? 6.31573   -10.97684 -8.17002  1.000 20.99294 ? 2   ALA A N    1 
ATOM   2    C CA   . ALA A 1 4  ? 5.83878   -9.89877  -7.31817  1.000 19.82571 ? 2   ALA A CA   1 
ATOM   3    C C    . ALA A 1 4  ? 7.02376   -9.02424  -6.88729  1.000 18.88454 ? 2   ALA A C    1 
ATOM   4    O O    . ALA A 1 4  ? 8.07005   -9.04493  -7.54287  1.000 18.73526 ? 2   ALA A O    1 
ATOM   5    C CB   . ALA A 1 4  ? 5.10614   -10.46735 -6.11286  1.000 19.68396 ? 2   ALA A CB   1 
ATOM   6    H HA   . ALA A 1 4  ? 5.20647   -9.34284  -7.79987  1.000 23.78904 ? 2   ALA A HA   1 
ATOM   7    H HB1  . ALA A 1 4  ? 4.63703   -9.74881  -5.66058  1.000 23.61894 ? 2   ALA A HB1  1 
ATOM   8    H HB2  . ALA A 1 4  ? 4.47287   -11.13700 -6.41522  1.000 23.61894 ? 2   ALA A HB2  1 
ATOM   9    H HB3  . ALA A 1 4  ? 5.75211   -10.87043 -5.51190  1.000 23.61894 ? 2   ALA A HB3  1 
ATOM   10   N N    . THR A 1 5  ? 6.85823   -8.25600  -5.80538  1.000 18.14899 ? 3   THR A N    1 
ATOM   11   C CA   . THR A 1 5  ? 7.87549   -7.31020  -5.34693  1.000 17.57315 ? 3   THR A CA   1 
ATOM   12   C C    . THR A 1 5  ? 7.81220   -7.18459  -3.83051  1.000 16.71162 ? 3   THR A C    1 
ATOM   13   O O    . THR A 1 5  ? 6.81958   -7.56633  -3.20768  1.000 16.33098 ? 3   THR A O    1 
ATOM   14   C CB   . THR A 1 5  ? 7.65284   -5.91069  -5.93000  1.000 18.13690 ? 3   THR A CB   1 
ATOM   15   O OG1  . THR A 1 5  ? 6.45159   -5.35276  -5.37780  1.000 18.07476 ? 3   THR A OG1  1 
ATOM   16   C CG2  . THR A 1 5  ? 7.55322   -5.95687  -7.45532  1.000 18.72523 ? 3   THR A CG2  1 
ATOM   17   H H    . THR A 1 5  ? 6.15308   -8.26573  -5.31316  1.000 21.77698 ? 3   THR A H    1 
ATOM   18   H HA   . THR A 1 5  ? 8.73735   -7.66209  -5.61944  1.000 21.08597 ? 3   THR A HA   1 
ATOM   19   H HB   . THR A 1 5  ? 8.40669   -5.34324  -5.70509  1.000 21.76247 ? 3   THR A HB   1 
ATOM   20   H HG1  . THR A 1 5  ? 6.07093   -4.86831  -5.94878  1.000 21.68790 ? 3   THR A HG1  1 
ATOM   21   H HG21 . THR A 1 5  ? 7.51808   -5.05589  -7.81293  1.000 22.46847 ? 3   THR A HG21 1 
ATOM   22   H HG22 . THR A 1 5  ? 8.32599   -6.41222  -7.82463  1.000 22.46847 ? 3   THR A HG22 1 
ATOM   23   H HG23 . THR A 1 5  ? 6.75076   -6.43258  -7.72114  1.000 22.46847 ? 3   THR A HG23 1 
ATOM   24   N N    . ARG A 1 6  ? 8.87135   -6.59440  -3.24615  1.000 16.16605 ? 4   ARG A N    1 
ATOM   25   C CA   . ARG A 1 6  ? 8.94873   -6.46287  -1.78955  1.000 15.28919 ? 4   ARG A CA   1 
ATOM   26   C C    . ARG A 1 6  ? 7.96549   -5.42470  -1.26216  1.000 13.27570 ? 4   ARG A C    1 
ATOM   27   O O    . ARG A 1 6  ? 7.19080   -5.71318  -0.34798  1.000 12.63819 ? 4   ARG A O    1 
ATOM   28   C CB   . ARG A 1 6  ? 10.37311  -6.14344  -1.33706  1.000 16.90184 ? 4   ARG A CB   1 
ATOM   29   C CG   . ARG A 1 6  ? 11.21474  -7.38184  -1.04269  1.000 17.29463 ? 4   ARG A CG   1 
ATOM   30   C CD   . ARG A 1 6  ? 10.77777  -8.11887  0.22821   1.000 17.73812 ? 4   ARG A CD   1 
ATOM   31   N NE   . ARG A 1 6  ? 11.16368  -7.43270  1.45957   1.000 17.64694 ? 4   ARG A NE   1 
ATOM   32   C CZ   . ARG A 1 6  ? 10.83535  -7.84391  2.68023   1.000 17.04602 ? 4   ARG A CZ   1 
ATOM   33   N NH1  . ARG A 1 6  ? 10.06477  -8.90703  2.86968   1.000 16.59156 ? 4   ARG A NH1  1 
ATOM   34   N NH2  . ARG A 1 6  ? 11.28612  -7.16972  3.73666   1.000 17.40623 ? 4   ARG A NH2  1 
ATOM   35   H H    . ARG A 1 6  ? 9.54581   -6.26825  -3.66842  1.000 19.39745 ? 4   ARG A H    1 
ATOM   36   H HA   . ARG A 1 6  ? 8.70993   -7.32098  -1.40544  1.000 18.34522 ? 4   ARG A HA   1 
ATOM   37   H HB2  . ARG A 1 6  ? 10.81829  -5.64218  -2.03810  1.000 20.28040 ? 4   ARG A HB2  1 
ATOM   38   H HB3  . ARG A 1 6  ? 10.33139  -5.61356  -0.52564  1.000 20.28040 ? 4   ARG A HB3  1 
ATOM   39   H HG2  . ARG A 1 6  ? 11.13745  -7.99941  -1.78669  1.000 20.75175 ? 4   ARG A HG2  1 
ATOM   40   H HG3  . ARG A 1 6  ? 12.14004  -7.11407  -0.92854  1.000 20.75175 ? 4   ARG A HG3  1 
ATOM   41   H HD2  . ARG A 1 6  ? 9.81143   -8.20296  0.22553   1.000 21.28394 ? 4   ARG A HD2  1 
ATOM   42   H HD3  . ARG A 1 6  ? 11.18728  -8.99814  0.23744   1.000 21.28394 ? 4   ARG A HD3  1 
ATOM   43   H HE   . ARG A 1 6  ? 11.63394  -6.71604  1.38985   1.000 21.17452 ? 4   ARG A HE   1 
ATOM   44   H HH11 . ARG A 1 6  ? 9.76564   -9.34718  2.19412   1.000 19.90806 ? 4   ARG A HH11 1 
ATOM   45   H HH12 . ARG A 1 6  ? 9.86437   -9.15606  3.66807   1.000 19.90806 ? 4   ARG A HH12 1 
ATOM   46   H HH21 . ARG A 1 6  ? 11.78345  -6.47712  3.62455   1.000 20.88566 ? 4   ARG A HH21 1 
ATOM   47   H HH22 . ARG A 1 6  ? 11.07984  -7.42696  4.53093   1.000 20.88566 ? 4   ARG A HH22 1 
ATOM   48   N N    . LEU A 1 7  ? 7.98044   -4.20234  -1.79860  1.000 13.48853 ? 5   LEU A N    1 
ATOM   49   C CA   . LEU A 1 7  ? 6.98018   -3.24080  -1.34352  1.000 13.70996 ? 5   LEU A CA   1 
ATOM   50   C C    . LEU A 1 7  ? 5.57271   -3.80624  -1.53126  1.000 12.65881 ? 5   LEU A C    1 
ATOM   51   O O    . LEU A 1 7  ? 4.72799   -3.68919  -0.63714  1.000 11.30086 ? 5   LEU A O    1 
ATOM   52   C CB   . LEU A 1 7  ? 7.16947   -1.87837  -2.01989  1.000 15.45395 ? 5   LEU A CB   1 
ATOM   53   C CG   . LEU A 1 7  ? 6.36896   -0.72879  -1.38774  1.000 16.94526 ? 5   LEU A CG   1 
ATOM   54   C CD1  . LEU A 1 7  ? 7.10425   0.60006   -1.46247  1.000 17.41476 ? 5   LEU A CD1  1 
ATOM   55   C CD2  . LEU A 1 7  ? 5.02933   -0.60839  -2.06613  1.000 17.78784 ? 5   LEU A CD2  1 
ATOM   56   H H    . LEU A 1 7  ? 8.53084   -3.92054  -2.39630  1.000 16.18443 ? 5   LEU A H    1 
ATOM   57   H HA   . LEU A 1 7  ? 7.10242   -3.07332  -0.39594  1.000 16.45014 ? 5   LEU A HA   1 
ATOM   58   H HB2  . LEU A 1 7  ? 8.10873   -1.64050  -1.97406  1.000 18.54293 ? 5   LEU A HB2  1 
ATOM   59   H HB3  . LEU A 1 7  ? 6.89117   -1.95387  -2.94603  1.000 18.54293 ? 5   LEU A HB3  1 
ATOM   60   H HG   . LEU A 1 7  ? 6.24517   -0.93250  -0.44748  1.000 20.33250 ? 5   LEU A HG   1 
ATOM   61   H HD11 . LEU A 1 7  ? 6.54249   1.29361   -1.08260  1.000 20.89590 ? 5   LEU A HD11 1 
ATOM   62   H HD12 . LEU A 1 7  ? 7.93121   0.53208   -0.96008  1.000 20.89590 ? 5   LEU A HD12 1 
ATOM   63   H HD13 . LEU A 1 7  ? 7.29716   0.80244   -2.39130  1.000 20.89590 ? 5   LEU A HD13 1 
ATOM   64   H HD21 . LEU A 1 7  ? 4.56208   0.16248   -1.70789  1.000 21.34360 ? 5   LEU A HD21 1 
ATOM   65   H HD22 . LEU A 1 7  ? 5.16714   -0.49786  -3.01991  1.000 21.34360 ? 5   LEU A HD22 1 
ATOM   66   H HD23 . LEU A 1 7  ? 4.51627   -1.41408  -1.89722  1.000 21.34360 ? 5   LEU A HD23 1 
ATOM   67   N N    . GLY A 1 8  ? 5.32945   -4.49659  -2.65165  1.000 13.54978 ? 6   GLY A N    1 
ATOM   68   C CA   . GLY A 1 8  ? 3.99628   -5.02006  -2.91940  1.000 13.56607 ? 6   GLY A CA   1 
ATOM   69   C C    . GLY A 1 8  ? 3.59178   -6.16848  -2.01017  1.000 12.98351 ? 6   GLY A C    1 
ATOM   70   O O    . GLY A 1 8  ? 2.42703   -6.26823  -1.61631  1.000 13.03834 ? 6   GLY A O    1 
ATOM   71   H H    . GLY A 1 8  ? 5.91172   -4.67065  -3.26013  1.000 16.25793 ? 6   GLY A H    1 
ATOM   72   H HA2  . GLY A 1 8  ? 3.34903   -4.30650  -2.80625  1.000 16.27748 ? 6   GLY A HA2  1 
ATOM   73   H HA3  . GLY A 1 8  ? 3.96028   -5.33673  -3.83555  1.000 16.27748 ? 6   GLY A HA3  1 
ATOM   74   N N    . GLU A 1 9  ? 4.53558   -7.06792  -1.69693  1.000 12.70605 ? 7   GLU A N    1 
ATOM   75   C CA   . GLU A 1 9  ? 4.31484   -8.11803  -0.69722  1.000 13.08554 ? 7   GLU A CA   1 
ATOM   76   C C    . GLU A 1 9  ? 3.85693   -7.51735  0.61309   1.000 11.29611 ? 7   GLU A C    1 
ATOM   77   O O    . GLU A 1 9  ? 2.87142   -7.96165  1.21825   1.000 11.62020 ? 7   GLU A O    1 
ATOM   78   C CB   . GLU A 1 9  ? 5.62744   -8.88529  -0.43853  1.000 15.39602 ? 7   GLU A CB   1 
ATOM   79   C CG   . GLU A 1 9  ? 5.55112   -9.97799  0.67589   1.000 17.17370 ? 7   GLU A CG   1 
ATOM   80   C CD   . GLU A 1 9  ? 6.88607   -10.27539 1.38057   1.000 18.79308 ? 7   GLU A CD   1 
ATOM   81   O OE1  . GLU A 1 9  ? 7.96967   -9.93627  0.84419   1.000 19.38395 ? 7   GLU A OE1  1 
ATOM   82   O OE2  . GLU A 1 9  ? 6.84620   -10.86317 2.49075   1.000 20.19182 ? 7   GLU A OE2  1 
ATOM   83   H H    . GLU A 1 9  ? 5.31834   -7.09110  -2.05239  1.000 15.24545 ? 7   GLU A H    1 
ATOM   84   H HA   . GLU A 1 9  ? 3.64258   -8.72776  -1.03954  1.000 15.70084 ? 7   GLU A HA   1 
ATOM   85   H HB2  . GLU A 1 9  ? 5.89064   -9.32759  -1.26072  1.000 18.47341 ? 7   GLU A HB2  1 
ATOM   86   H HB3  . GLU A 1 9  ? 6.30781   -8.24707  -0.17267  1.000 18.47341 ? 7   GLU A HB3  1 
ATOM   87   H HG2  . GLU A 1 9  ? 4.92320   -9.68334  1.35397   1.000 20.60664 ? 7   GLU A HG2  1 
ATOM   88   H HG3  . GLU A 1 9  ? 5.24255   -10.80576 0.27528   1.000 20.60664 ? 7   GLU A HG3  1 
ATOM   89   N N    . LYS A 1 10 ? 4.59215   -6.50759  1.07426   1.000 10.42356 ? 8   LYS A N    1 
ATOM   90   C CA   . LYS A 1 10 ? 4.32221   -5.90297  2.36691   1.000 10.13247 ? 8   LYS A CA   1 
ATOM   91   C C    . LYS A 1 10 ? 2.97074   -5.25111  2.35465   1.000 9.79813  ? 8   LYS A C    1 
ATOM   92   O O    . LYS A 1 10 ? 2.17703   -5.40103  3.28585   1.000 10.03120 ? 8   LYS A O    1 
ATOM   93   C CB   . LYS A 1 10 ? 5.37662   -4.83899  2.64034   1.000 11.98348 ? 8   LYS A CB   1 
ATOM   94   C CG   . LYS A 1 10 ? 6.68175   -5.38540  3.10809   1.000 13.19345 ? 8   LYS A CG   1 
ATOM   95   C CD   . LYS A 1 10 ? 7.71451   -4.30773  3.18855   1.000 15.33567 ? 8   LYS A CD   1 
ATOM   96   C CE   . LYS A 1 10 ? 8.91587   -4.84760  3.88691   1.000 16.80079 ? 8   LYS A CE   1 
ATOM   97   N NZ   . LYS A 1 10 ? 10.04775  -3.94047  3.68381   1.000 17.47979 ? 8   LYS A NZ   1 
ATOM   98   H H    . LYS A 1 10 ? 5.25469   -6.15516  0.65421   1.000 12.50646 ? 8   LYS A H    1 
ATOM   99   H HA   . LYS A 1 10 ? 4.35208   -6.58203  3.05892   1.000 12.15715 ? 8   LYS A HA   1 
ATOM   100  H HB2  . LYS A 1 10 ? 5.53979   -4.34533  1.82146   1.000 14.37837 ? 8   LYS A HB2  1 
ATOM   101  H HB3  . LYS A 1 10 ? 5.04376   -4.24083  3.32759   1.000 14.37837 ? 8   LYS A HB3  1 
ATOM   102  H HG2  . LYS A 1 10 ? 6.57252   -5.77266  3.99070   1.000 15.83033 ? 8   LYS A HG2  1 
ATOM   103  H HG3  . LYS A 1 10 ? 6.99119   -6.06147  2.48514   1.000 15.83033 ? 8   LYS A HG3  1 
ATOM   104  H HD2  . LYS A 1 10 ? 7.96802   -4.02379  2.29635   1.000 18.40099 ? 8   LYS A HD2  1 
ATOM   105  H HD3  . LYS A 1 10 ? 7.36865   -3.55351  3.69098   1.000 18.40099 ? 8   LYS A HD3  1 
ATOM   106  H HE2  . LYS A 1 10 ? 8.73865   -4.91972  4.83785   1.000 20.15914 ? 8   LYS A HE2  1 
ATOM   107  H HE3  . LYS A 1 10 ? 9.14307   -5.71832  3.52480   1.000 20.15914 ? 8   LYS A HE3  1 
ATOM   108  H HZ1  . LYS A 1 10 ? 10.68053  -4.10325  4.28812   1.000 20.97394 ? 8   LYS A HZ1  1 
ATOM   109  H HZ2  . LYS A 1 10 ? 10.38879  -4.05672  2.87000   1.000 20.97394 ? 8   LYS A HZ2  1 
ATOM   110  H HZ3  . LYS A 1 10 ? 9.77963   -3.09588  3.76668   1.000 20.97394 ? 8   LYS A HZ3  1 
ATOM   111  N N    . LEU A 1 11 ? 2.70675   -4.49892  1.30397   1.000 9.13714  ? 9   LEU A N    1 
ATOM   112  C CA   . LEU A 1 11 ? 1.46428   -3.77168  1.22441   1.000 9.65405  ? 9   LEU A CA   1 
ATOM   113  C C    . LEU A 1 11 ? 0.28411   -4.73483  1.19589   1.000 8.06403  ? 9   LEU A C    1 
ATOM   114  O O    . LEU A 1 11 ? -0.68207  -4.57984  1.95246   1.000 8.69356  ? 9   LEU A O    1 
ATOM   115  C CB   . LEU A 1 11 ? 1.53731   -2.91566  -0.02980  1.000 11.34159 ? 9   LEU A CB   1 
ATOM   116  C CG   . LEU A 1 11 ? 0.39625   -1.96946  -0.30106  1.000 12.98296 ? 9   LEU A CG   1 
ATOM   117  C CD1  . LEU A 1 11 ? 0.13666   -1.09383  0.89984   1.000 13.74557 ? 9   LEU A CD1  1 
ATOM   118  C CD2  . LEU A 1 11 ? 0.74861   -1.14472  -1.51382  1.000 13.45377 ? 9   LEU A CD2  1 
ATOM   119  H H    . LEU A 1 11 ? 3.22864   -4.39453  0.62845   1.000 10.96275 ? 9   LEU A H    1 
ATOM   120  H HA   . LEU A 1 11 ? 1.33082   -3.19688  1.99427   1.000 11.58305 ? 9   LEU A HA   1 
ATOM   121  H HB2  . LEU A 1 11 ? 2.34089   -2.37542  0.02756   1.000 13.60809 ? 9   LEU A HB2  1 
ATOM   122  H HB3  . LEU A 1 11 ? 1.59269   -3.51274  -0.79225  1.000 13.60809 ? 9   LEU A HB3  1 
ATOM   123  H HG   . LEU A 1 11 ? -0.42358  -2.45840  -0.47344  1.000 15.57775 ? 9   LEU A HG   1 
ATOM   124  H HD11 . LEU A 1 11 ? -0.48096  -0.38910  0.64922   1.000 16.49287 ? 9   LEU A HD11 1 
ATOM   125  H HD12 . LEU A 1 11 ? -0.24780  -1.63436  1.60760   1.000 16.49287 ? 9   LEU A HD12 1 
ATOM   126  H HD13 . LEU A 1 11 ? 0.97570   -0.70819  1.19678   1.000 16.49287 ? 9   LEU A HD13 1 
ATOM   127  H HD21 . LEU A 1 11 ? 0.07423   -0.45823  -1.63567  1.000 16.14272 ? 9   LEU A HD21 1 
ATOM   128  H HD22 . LEU A 1 11 ? 1.61676   -0.73473  -1.37555  1.000 16.14272 ? 9   LEU A HD22 1 
ATOM   129  H HD23 . LEU A 1 11 ? 0.77615   -1.72319  -2.29198  1.000 16.14272 ? 9   LEU A HD23 1 
ATOM   130  N N    . ARG A 1 12 ? 0.33436   -5.74484  0.31959   1.000 7.67209  ? 10  ARG A N    1 
ATOM   131  C CA   . ARG A 1 12 ? -0.78241  -6.68014  0.22876   1.000 8.28486  ? 10  ARG A CA   1 
ATOM   132  C C    . ARG A 1 12 ? -0.95774  -7.47698  1.51768   1.000 7.67654  ? 10  ARG A C    1 
ATOM   133  O O    . ARG A 1 12 ? -2.08340  -7.67750  1.98598   1.000 7.74834  ? 10  ARG A O    1 
ATOM   134  C CB   . ARG A 1 12 ? -0.58088  -7.60612  -0.96403  1.000 9.55816  ? 10  ARG A CB   1 
ATOM   135  C CG   . ARG A 1 12 ? -1.69646  -8.57866  -1.16189  1.000 10.35232 ? 10  ARG A CG   1 
ATOM   136  C CD   . ARG A 1 12 ? -1.49562  -9.32730  -2.45581  1.000 12.03485 ? 10  ARG A CD   1 
ATOM   137  N NE   . ARG A 1 12 ? -2.50802  -10.35674 -2.64353  1.000 12.89038 ? 10  ARG A NE   1 
ATOM   138  C CZ   . ARG A 1 12 ? -2.49239  -11.54028 -2.05118  1.000 14.83634 ? 10  ARG A CZ   1 
ATOM   139  N NH1  . ARG A 1 12 ? -1.51895  -11.88825 -1.22311  1.000 15.65915 ? 10  ARG A NH1  1 
ATOM   140  N NH2  . ARG A 1 12 ? -3.47871  -12.39677 -2.29266  1.000 16.34638 ? 10  ARG A NH2  1 
ATOM   141  H H    . ARG A 1 12 ? 0.98692   -5.90365  -0.21757  1.000 9.20470  ? 10  ARG A H    1 
ATOM   142  H HA   . ARG A 1 12 ? -1.60086  -6.17911  0.08724   1.000 9.94003  ? 10  ARG A HA   1 
ATOM   143  H HB2  . ARG A 1 12 ? -0.50986  -7.06847  -1.76827  1.000 11.46798 ? 10  ARG A HB2  1 
ATOM   144  H HB3  . ARG A 1 12 ? 0.23503   -8.11358  -0.83108  1.000 11.46798 ? 10  ARG A HB3  1 
ATOM   145  H HG2  . ARG A 1 12 ? -1.70937  -9.21621  -0.43097  1.000 12.42097 ? 10  ARG A HG2  1 
ATOM   146  H HG3  . ARG A 1 12 ? -2.54161  -8.10441  -1.20342  1.000 12.42097 ? 10  ARG A HG3  1 
ATOM   147  H HD2  . ARG A 1 12 ? -1.55250  -8.70543  -3.19807  1.000 14.44001 ? 10  ARG A HD2  1 
ATOM   148  H HD3  . ARG A 1 12 ? -0.62487  -9.75466  -2.44701  1.000 14.44001 ? 10  ARG A HD3  1 
ATOM   149  H HE   . ARG A 1 12 ? -3.16099  -10.18392 -3.17584  1.000 15.46665 ? 10  ARG A HE   1 
ATOM   150  H HH11 . ARG A 1 12 ? -0.87705  -11.33982 -1.05945  1.000 18.78917 ? 10  ARG A HH11 1 
ATOM   151  H HH12 . ARG A 1 12 ? -1.52881  -12.66260 -0.84911  1.000 18.78917 ? 10  ARG A HH12 1 
ATOM   152  H HH21 . ARG A 1 12 ? -4.11589  -12.17911 -2.82766  1.000 19.61385 ? 10  ARG A HH21 1 
ATOM   153  H HH22 . ARG A 1 12 ? -3.48007  -13.16890 -1.91397  1.000 19.61385 ? 10  ARG A HH22 1 
ATOM   154  N N    . ASP A 1 13 ? 0.14082   -7.94807  2.10584   1.000 7.47992  ? 11  ASP A N    1 
ATOM   155  C CA   . ASP A 1 13 ? 0.04066   -8.72163  3.33901   1.000 7.77573  ? 11  ASP A CA   1 
ATOM   156  C C    . ASP A 1 13 ? -0.66247  -7.92668  4.42646   1.000 7.15666  ? 11  ASP A C    1 
ATOM   157  O O    . ASP A 1 13 ? -1.53110  -8.45716  5.13268   1.000 7.84269  ? 11  ASP A O    1 
ATOM   158  C CB   . ASP A 1 13 ? 1.43497   -9.11355  3.85263   1.000 9.36369  ? 11  ASP A CB   1 
ATOM   159  C CG   . ASP A 1 13 ? 2.08408   -10.23755 3.07163   1.000 11.34028 ? 11  ASP A CG   1 
ATOM   160  O OD1  . ASP A 1 13 ? 1.43272   -10.87880 2.22598   1.000 12.22960 ? 11  ASP A OD1  1 
ATOM   161  O OD2  . ASP A 1 13 ? 3.27730   -10.49406 3.34409   1.000 12.43607 ? 11  ASP A OD2  1 
ATOM   162  H H    . ASP A 1 13 ? 0.94256   -7.83547  1.81580   1.000 8.97410  ? 11  ASP A H    1 
ATOM   163  H HA   . ASP A 1 13 ? -0.46272  -9.52610  3.13814   1.000 9.32906  ? 11  ASP A HA   1 
ATOM   164  H HB2  . ASP A 1 13 ? 2.01710   -8.33980  3.79489   1.000 11.23462 ? 11  ASP A HB2  1 
ATOM   165  H HB3  . ASP A 1 13 ? 1.35729   -9.40215  4.77544   1.000 11.23462 ? 11  ASP A HB3  1 
ATOM   166  N N    . LEU A 1 14 ? -0.23946  -6.67575  4.63032   1.000 6.58964  ? 12  LEU A N    1 
ATOM   167  C CA   . LEU A 1 14 ? -0.81876  -5.88102  5.70560   1.000 7.01933  ? 12  LEU A CA   1 
ATOM   168  C C    . LEU A 1 14 ? -2.25778  -5.50973  5.39069   1.000 7.38174  ? 12  LEU A C    1 
ATOM   169  O O    . LEU A 1 14 ? -3.10738  -5.50622  6.28380   1.000 7.98492  ? 12  LEU A O    1 
ATOM   170  C CB   . LEU A 1 14 ? 0.02567   -4.63923  5.98086   1.000 8.51931  ? 12  LEU A CB   1 
ATOM   171  C CG   . LEU A 1 14 ? 1.03005   -4.78581  7.13696   1.000 11.56883 ? 12  LEU A CG   1 
ATOM   172  C CD1  . LEU A 1 14 ? 0.30920   -4.81892  8.49886   1.000 13.23199 ? 12  LEU A CD1  1 
ATOM   173  C CD2  . LEU A 1 14 ? 1.88455   -6.02229  6.98983   1.000 12.12030 ? 12  LEU A CD2  1 
ATOM   174  H H    . LEU A 1 14 ? 0.36704   -6.27638  4.16961   1.000 7.90575  ? 12  LEU A H    1 
ATOM   175  H HA   . LEU A 1 14 ? -0.81486  -6.40914  6.51923   1.000 8.42139  ? 12  LEU A HA   1 
ATOM   176  H HB2  . LEU A 1 14 ? 0.53038   -4.42727  5.18009   1.000 10.22136 ? 12  LEU A HB2  1 
ATOM   177  H HB3  . LEU A 1 14 ? -0.56949  -3.90582  6.20175   1.000 10.22136 ? 12  LEU A HB3  1 
ATOM   178  H HG   . LEU A 1 14 ? 1.61408   -4.01185  7.10879   1.000 13.88079 ? 12  LEU A HG   1 
ATOM   179  H HD11 . LEU A 1 14 ? 0.97160   -4.87041  9.20560   1.000 15.87657 ? 12  LEU A HD11 1 
ATOM   180  H HD12 . LEU A 1 14 ? -0.21728  -4.01019  8.59724   1.000 15.87657 ? 12  LEU A HD12 1 
ATOM   181  H HD13 . LEU A 1 14 ? -0.26980  -5.59649  8.53089   1.000 15.87657 ? 12  LEU A HD13 1 
ATOM   182  H HD21 . LEU A 1 14 ? 2.56085   -6.02337  7.68518   1.000 14.54255 ? 12  LEU A HD21 1 
ATOM   183  H HD22 . LEU A 1 14 ? 1.32129   -6.80739  7.07502   1.000 14.54255 ? 12  LEU A HD22 1 
ATOM   184  H HD23 . LEU A 1 14 ? 2.30755   -6.01181  6.11699   1.000 14.54255 ? 12  LEU A HD23 1 
ATOM   185  N N    . ARG A 1 15 ? -2.55363  -5.19632  4.12939   1.000 6.92171  ? 13  ARG A N    1 
ATOM   186  C CA   . ARG A 1 15 ? -3.92307  -4.85696  3.76846   1.000 7.05434  ? 13  ARG A CA   1 
ATOM   187  C C    . ARG A 1 15 ? -4.86453  -6.00728  4.09035   1.000 7.52202  ? 13  ARG A C    1 
ATOM   188  O O    . ARG A 1 15 ? -5.92094  -5.81846  4.70535   1.000 8.94567  ? 13  ARG A O    1 
ATOM   189  C CB   . ARG A 1 15 ? -3.98874  -4.51244  2.28077   1.000 7.11681  ? 13  ARG A CB   1 
ATOM   190  C CG   . ARG A 1 15 ? -5.39875  -4.19424  1.82707   1.000 6.86347  ? 13  ARG A CG   1 
ATOM   191  C CD   . ARG A 1 15 ? -5.53593  -3.90410  0.35332   1.000 7.17619  ? 13  ARG A CD   1 
ATOM   192  N NE   . ARG A 1 15 ? -5.05897  -4.96187  -0.52702  1.000 7.40205  ? 13  ARG A NE   1 
ATOM   193  C CZ   . ARG A 1 15 ? -5.71303  -6.08158  -0.79902  1.000 7.63148  ? 13  ARG A CZ   1 
ATOM   194  N NH1  . ARG A 1 15 ? -6.82709  -6.41184  -0.16094  1.000 7.77461  ? 13  ARG A NH1  1 
ATOM   195  N NH2  . ARG A 1 15 ? -5.23559  -6.89484  -1.73509  1.000 8.85278  ? 13  ARG A NH2  1 
ATOM   196  H H    . ARG A 1 15 ? -1.99071  -5.17387  3.47960   1.000 8.30425  ? 13  ARG A H    1 
ATOM   197  H HA   . ARG A 1 15 ? -4.20592  -4.08031  4.27611   1.000 8.46340  ? 13  ARG A HA   1 
ATOM   198  H HB2  . ARG A 1 15 ? -3.43345  -3.73570  2.10986   1.000 8.53836  ? 13  ARG A HB2  1 
ATOM   199  H HB3  . ARG A 1 15 ? -3.66857  -5.26909  1.76514   1.000 8.53836  ? 13  ARG A HB3  1 
ATOM   200  H HG2  . ARG A 1 15 ? -5.96710  -4.95405  2.02848   1.000 8.23435  ? 13  ARG A HG2  1 
ATOM   201  H HG3  . ARG A 1 15 ? -5.70892  -3.41116  2.30819   1.000 8.23435  ? 13  ARG A HG3  1 
ATOM   202  H HD2  . ARG A 1 15 ? -6.47429  -3.76095  0.15364   1.000 8.60962  ? 13  ARG A HD2  1 
ATOM   203  H HD3  . ARG A 1 15 ? -5.02729  -3.10402  0.14827   1.000 8.60962  ? 13  ARG A HD3  1 
ATOM   204  H HE   . ARG A 1 15 ? -4.29198  -4.85085  -0.89985  1.000 8.88065  ? 13  ARG A HE   1 
ATOM   205  H HH11 . ARG A 1 15 ? -7.14367  -5.89353  0.44794   1.000 9.32773  ? 13  ARG A HH11 1 
ATOM   206  H HH12 . ARG A 1 15 ? -7.23324  -7.14440  -0.35586  1.000 9.32773  ? 13  ARG A HH12 1 
ATOM   207  H HH21 . ARG A 1 15 ? -4.51260  -6.69097  -2.15382  1.000 10.62153 ? 13  ARG A HH21 1 
ATOM   208  H HH22 . ARG A 1 15 ? -5.64956  -7.62505  -1.92222  1.000 10.62153 ? 13  ARG A HH22 1 
ATOM   209  N N    . LYS A 1 16 ? -4.47778  -7.21989  3.69119   1.000 8.22825  ? 14  LYS A N    1 
ATOM   210  C CA   . LYS A 1 16 ? -5.34177  -8.37358  3.89419   1.000 10.10079 ? 14  LYS A CA   1 
ATOM   211  C C    . LYS A 1 16 ? -5.47085  -8.69687  5.37593   1.000 12.02992 ? 14  LYS A C    1 
ATOM   212  O O    . LYS A 1 16 ? -6.55449  -9.06277  5.83099   1.000 13.08161 ? 14  LYS A O    1 
ATOM   213  C CB   . LYS A 1 16 ? -4.84341  -9.55387  3.04944   1.000 11.02995 ? 14  LYS A CB   1 
ATOM   214  C CG   . LYS A 1 16 ? -4.94780  -9.29946  1.54118   1.000 11.42108 ? 14  LYS A CG   1 
ATOM   215  C CD   . LYS A 1 16 ? -4.30248  -10.40964 0.71214   1.000 12.80997 ? 14  LYS A CD   1 
ATOM   216  C CE   . LYS A 1 16 ? -5.10522  -11.70833 0.72415   1.000 13.95953 ? 14  LYS A CE   1 
ATOM   217  N NZ   . LYS A 1 16 ? -6.40139  -11.56658 0.00173   1.000 14.63162 ? 14  LYS A NZ   1 
ATOM   218  H H    . LYS A 1 16 ? -3.72947  -7.39622  3.30579   1.000 9.87209  ? 14  LYS A H    1 
ATOM   219  H HA   . LYS A 1 16 ? -6.23934  -8.18343  3.57934   1.000 12.11914 ? 14  LYS A HA   1 
ATOM   220  H HB2  . LYS A 1 16 ? -3.91152  -9.72055  3.26083   1.000 13.23413 ? 14  LYS A HB2  1 
ATOM   221  H HB3  . LYS A 1 16 ? -5.37619  -10.33711 3.25821   1.000 13.23413 ? 14  LYS A HB3  1 
ATOM   222  H HG2  . LYS A 1 16 ? -5.88388  -9.24487  1.29286   1.000 13.70349 ? 14  LYS A HG2  1 
ATOM   223  H HG3  . LYS A 1 16 ? -4.49896  -8.46631  1.32832   1.000 13.70349 ? 14  LYS A HG3  1 
ATOM   224  H HD2  . LYS A 1 16 ? -4.22840  -10.11327 -0.20850  1.000 15.37015 ? 14  LYS A HD2  1 
ATOM   225  H HD3  . LYS A 1 16 ? -3.42175  -10.60005 1.07125   1.000 15.37015 ? 14  LYS A HD3  1 
ATOM   226  H HE2  . LYS A 1 16 ? -4.59048  -12.40641 0.28983   1.000 16.74962 ? 14  LYS A HE2  1 
ATOM   227  H HE3  . LYS A 1 16 ? -5.29509  -11.95837 1.64194   1.000 16.74962 ? 14  LYS A HE3  1 
ATOM   228  H HZ1  . LYS A 1 16 ? -6.79458  -12.36113 -0.07684  1.000 17.55613 ? 14  LYS A HZ1  1 
ATOM   229  H HZ2  . LYS A 1 16 ? -6.94177  -11.02000 0.45043   1.000 17.55613 ? 14  LYS A HZ2  1 
ATOM   230  H HZ3  . LYS A 1 16 ? -6.26186  -11.23174 -0.81100  1.000 17.55613 ? 14  LYS A HZ3  1 
ATOM   231  N N    . GLN A 1 17 ? -4.39854  -8.50943  6.14831   1.000 12.60466 ? 15  GLN A N    1 
ATOM   232  C CA   A GLN A 1 17 ? -4.47548  -8.74201  7.58308   0.553 13.31592 ? 15  GLN A CA   1 
ATOM   233  C CA   B GLN A 1 17 ? -4.45631  -8.71319  7.59596   0.447 13.52265 ? 15  GLN A CA   1 
ATOM   234  C C    . GLN A 1 17 ? -5.34944  -7.70212  8.28726   1.000 14.10920 ? 15  GLN A C    1 
ATOM   235  O O    . GLN A 1 17 ? -5.97333  -8.02561  9.30302   1.000 16.15811 ? 15  GLN A O    1 
ATOM   236  C CB   A GLN A 1 17 ? -3.06886  -8.82799  8.15630   0.553 12.65249 ? 15  GLN A CB   1 
ATOM   237  C CB   B GLN A 1 17 ? -3.07047  -8.52009  8.21889   0.447 13.42118 ? 15  GLN A CB   1 
ATOM   238  C CG   A GLN A 1 17 ? -2.99025  -9.22294  9.60273   0.553 11.82335 ? 15  GLN A CG   1 
ATOM   239  C CG   B GLN A 1 17 ? -2.16342  -9.67296  8.07392   0.447 12.74679 ? 15  GLN A CG   1 
ATOM   240  C CD   A GLN A 1 17 ? -3.32142  -10.67448 9.91988   0.553 10.55287 ? 15  GLN A CD   1 
ATOM   241  C CD   B GLN A 1 17 ? -2.84845  -10.93411 8.46888   0.447 12.46622 ? 15  GLN A CD   1 
ATOM   242  O OE1  A GLN A 1 17 ? -2.45263  -11.55176 9.87133   0.553 11.04450 ? 15  GLN A OE1  1 
ATOM   243  O OE1  B GLN A 1 17 ? -2.98527  -11.84395 7.65121   0.447 12.41404 ? 15  GLN A OE1  1 
ATOM   244  N NE2  A GLN A 1 17 ? -4.56175  -10.91985 10.31571  0.553 10.74482 ? 15  GLN A NE2  1 
ATOM   245  N NE2  B GLN A 1 17 ? -3.29101  -11.01734 9.71473   0.447 12.23855 ? 15  GLN A NE2  1 
ATOM   246  H H    . GLN A 1 17 ? -3.62646  -8.25187  5.87056   1.000 15.12379 ? 15  GLN A H    1 
ATOM   247  H HA   . GLN A 1 17 ? -4.89936  -9.59660  7.75882   1.000 16.22536 ? 15  GLN A HA   1 
ATOM   248  H HB2  A GLN A 1 17 ? -2.57113  -9.48760  7.64828   0.553 15.18118 ? 15  GLN A HB2  1 
ATOM   249  H HB2  B GLN A 1 17 ? -2.64520  -7.75871  7.79422   0.447 16.10361 ? 15  GLN A HB2  1 
ATOM   250  H HB3  A GLN A 1 17 ? -2.64958  -7.95752  8.07034   0.553 15.18118 ? 15  GLN A HB3  1 
ATOM   251  H HB3  B GLN A 1 17 ? -3.17999  -8.35221  9.16796   0.447 16.10361 ? 15  GLN A HB3  1 
ATOM   252  H HG2  A GLN A 1 17 ? -2.08498  -9.06247  9.91197   0.553 14.18621 ? 15  GLN A HG2  1 
ATOM   253  H HG2  B GLN A 1 17 ? -1.88346  -9.75057  7.14845   0.447 15.29434 ? 15  GLN A HG2  1 
ATOM   254  H HG3  A GLN A 1 17 ? -3.61376  -8.67225  10.10161  0.553 14.18621 ? 15  GLN A HG3  1 
ATOM   255  H HG3  B GLN A 1 17 ? -1.38940  -9.55011  8.64550   0.447 15.29434 ? 15  GLN A HG3  1 
ATOM   256  H HE21 A GLN A 1 17 ? -5.12770  -10.27560 10.38093  0.553 12.89198 ? 15  GLN A HE21 1 
ATOM   257  H HE21 B GLN A 1 17 ? -3.69223  -11.72957 9.98185   0.447 14.68445 ? 15  GLN A HE21 1 
ATOM   258  H HE22 A GLN A 1 17 ? -4.80093  -11.72337 10.50741  0.553 12.89198 ? 15  GLN A HE22 1 
ATOM   259  H HE22 B GLN A 1 17 ? -3.17710  -10.35914 10.25638  0.447 14.68445 ? 15  GLN A HE22 1 
ATOM   260  N N    . ARG A 1 18 ? -5.39718  -6.46159  7.78203   1.000 14.02763 ? 16  ARG A N    1 
ATOM   261  C CA   . ARG A 1 18 ? -6.25533  -5.41715  8.34165   1.000 14.75510 ? 16  ARG A CA   1 
ATOM   262  C C    . ARG A 1 18 ? -7.70790  -5.55856  7.89430   1.000 15.12004 ? 16  ARG A C    1 
ATOM   263  O O    . ARG A 1 18 ? -8.55343  -4.76330  8.31578   1.000 16.46452 ? 16  ARG A O    1 
ATOM   264  C CB   . ARG A 1 18 ? -5.72335  -4.01828  7.97794   1.000 14.88648 ? 16  ARG A CB   1 
ATOM   265  C CG   . ARG A 1 18 ? -4.35938  -3.63444  8.60957   1.000 15.92649 ? 16  ARG A CG   1 
ATOM   266  C CD   . ARG A 1 18 ? -4.44576  -3.10875  10.05642  1.000 16.30064 ? 16  ARG A CD   1 
ATOM   267  N NE   . ARG A 1 18 ? -4.83170  -1.70164  10.10989  1.000 16.26705 ? 16  ARG A NE   1 
ATOM   268  C CZ   . ARG A 1 18 ? -4.67053  -0.91059  11.16378  1.000 15.83070 ? 16  ARG A CZ   1 
ATOM   269  N NH1  . ARG A 1 18 ? -4.13082  -1.35148  12.28718  1.000 15.88512 ? 16  ARG A NH1  1 
ATOM   270  N NH2  . ARG A 1 18 ? -5.05455  0.35952   11.08613  1.000 16.37634 ? 16  ARG A NH2  1 
ATOM   271  H H    . ARG A 1 18 ? -4.93432  -6.20009  7.10602   1.000 16.83134 ? 16  ARG A H    1 
ATOM   272  H HA   . ARG A 1 18 ? -6.23021  -5.48252  9.30912   1.000 17.70431 ? 16  ARG A HA   1 
ATOM   273  H HB2  . ARG A 1 18 ? -5.61769  -3.97356  7.01474   1.000 17.86197 ? 16  ARG A HB2  1 
ATOM   274  H HB3  . ARG A 1 18 ? -6.37234  -3.35982  8.27143   1.000 17.86197 ? 16  ARG A HB3  1 
ATOM   275  H HG2  . ARG A 1 18 ? -3.79073  -4.42023  8.61849   1.000 19.10998 ? 16  ARG A HG2  1 
ATOM   276  H HG3  . ARG A 1 18 ? -3.95397  -2.93767  8.07008   1.000 19.10998 ? 16  ARG A HG3  1 
ATOM   277  H HD2  . ARG A 1 18 ? -5.10918  -3.62270  10.54288  1.000 19.55895 ? 16  ARG A HD2  1 
ATOM   278  H HD3  . ARG A 1 18 ? -3.57839  -3.20048  10.48087  1.000 19.55895 ? 16  ARG A HD3  1 
ATOM   279  H HE   . ARG A 1 18 ? -5.18995  -1.36000  9.40665   1.000 19.51865 ? 16  ARG A HE   1 
ATOM   280  H HH11 . ARG A 1 18 ? -3.87378  -2.16987  12.34853  1.000 19.06033 ? 16  ARG A HH11 1 
ATOM   281  H HH12 . ARG A 1 18 ? -4.03676  -0.81990  12.95664  1.000 19.06033 ? 16  ARG A HH12 1 
ATOM   282  H HH21 . ARG A 1 18 ? -5.40266  0.65982   10.35932  1.000 19.64980 ? 16  ARG A HH21 1 
ATOM   283  H HH22 . ARG A 1 18 ? -4.95490  0.88101   11.76267  1.000 19.64980 ? 16  ARG A HH22 1 
ATOM   284  N N    . GLY A 1 19 ? -8.01277  -6.54764  7.05629   1.000 14.10058 ? 17  GLY A N    1 
ATOM   285  C CA   . GLY A 1 19 ? -9.37438  -6.79084  6.62203   1.000 13.21912 ? 17  GLY A CA   1 
ATOM   286  C C    . GLY A 1 19 ? -9.90704  -5.82259  5.59301   1.000 11.99426 ? 17  GLY A C    1 
ATOM   287  O O    . GLY A 1 19 ? -11.12542 -5.66253  5.48788   1.000 13.30513 ? 17  GLY A O    1 
ATOM   288  H H    . GLY A 1 19 ? -7.43906  -7.09535  6.72394   1.000 16.91889 ? 17  GLY A H    1 
ATOM   289  H HA2  . GLY A 1 19 ? -9.42224  -7.68118  6.24007   1.000 15.86114 ? 17  GLY A HA2  1 
ATOM   290  H HA3  . GLY A 1 19 ? -9.95764  -6.74741  7.39586   1.000 15.86114 ? 17  GLY A HA3  1 
ATOM   291  N N    . LEU A 1 20 ? -9.03399  -5.16932  4.83209   1.000 9.29285  ? 18  LEU A N    1 
ATOM   292  C CA   . LEU A 1 20 ? -9.43179  -4.15411  3.86700   1.000 8.28818  ? 18  LEU A CA   1 
ATOM   293  C C    . LEU A 1 20 ? -9.35803  -4.73068  2.46116   1.000 7.57782  ? 18  LEU A C    1 
ATOM   294  O O    . LEU A 1 20 ? -8.38333  -5.39458  2.10580   1.000 8.27957  ? 18  LEU A O    1 
ATOM   295  C CB   . LEU A 1 20 ? -8.49966  -2.94483  3.95855   1.000 8.44183  ? 18  LEU A CB   1 
ATOM   296  C CG   . LEU A 1 20 ? -8.45177  -2.22671  5.30469   1.000 9.14820  ? 18  LEU A CG   1 
ATOM   297  C CD1  . LEU A 1 20 ? -7.33389  -1.21024  5.30040   1.000 10.49069 ? 18  LEU A CD1  1 
ATOM   298  C CD2  . LEU A 1 20 ? -9.76892  -1.55229  5.63510   1.000 10.44451 ? 18  LEU A CD2  1 
ATOM   299  H H    . LEU A 1 20 ? -8.18459  -5.30122  4.85861   1.000 11.14961 ? 18  LEU A H    1 
ATOM   300  H HA   . LEU A 1 20 ? -10.34181 -3.86930  4.04488   1.000 9.94401  ? 18  LEU A HA   1 
ATOM   301  H HB2  . LEU A 1 20 ? -7.59812  -3.24412  3.76219   1.000 10.12839 ? 18  LEU A HB2  1 
ATOM   302  H HB3  . LEU A 1 20 ? -8.78461  -2.29442  3.29775   1.000 10.12839 ? 18  LEU A HB3  1 
ATOM   303  H HG   . LEU A 1 20 ? -8.28718  -2.88528  5.99757   1.000 10.97603 ? 18  LEU A HG   1 
ATOM   304  H HD11 . LEU A 1 20 ? -7.29612  -0.77869  6.16830   1.000 12.58701 ? 18  LEU A HD11 1 
ATOM   305  H HD12 . LEU A 1 20 ? -6.49559  -1.66353  5.11962   1.000 12.58701 ? 18  LEU A HD12 1 
ATOM   306  H HD13 . LEU A 1 20 ? -7.50900  -0.55115  4.61059   1.000 12.58701 ? 18  LEU A HD13 1 
ATOM   307  H HD21 . LEU A 1 20 ? -9.66050  -1.02632  6.44288   1.000 12.53161 ? 18  LEU A HD21 1 
ATOM   308  H HD22 . LEU A 1 20 ? -10.02275 -0.97641  4.89698   1.000 12.53161 ? 18  LEU A HD22 1 
ATOM   309  H HD23 . LEU A 1 20 ? -10.44654 -2.23274  5.77192   1.000 12.53161 ? 18  LEU A HD23 1 
ATOM   310  N N    . THR A 1 21 ? -10.37517 -4.45894  1.65116   1.000 6.85333  ? 19  THR A N    1 
ATOM   311  C CA   . THR A 1 21 ? -10.29259 -4.81899  0.24906   1.000 6.76456  ? 19  THR A CA   1 
ATOM   312  C C    . THR A 1 21 ? -9.35234  -3.86797  -0.48243  1.000 6.29965  ? 19  THR A C    1 
ATOM   313  O O    . THR A 1 21 ? -9.01632  -2.77592  -0.00994  1.000 6.16963  ? 19  THR A O    1 
ATOM   314  C CB   . THR A 1 21 ? -11.65980 -4.75523  -0.41874  1.000 8.07724  ? 19  THR A CB   1 
ATOM   315  O OG1  . THR A 1 21 ? -12.10348 -3.40401  -0.39238  1.000 7.92015  ? 19  THR A OG1  1 
ATOM   316  C CG2  . THR A 1 21 ? -12.66861 -5.66931  0.26738   1.000 10.10465 ? 19  THR A CG2  1 
ATOM   317  H H    . THR A 1 21 ? -11.10746 -4.07468  1.88715   1.000 8.22218  ? 19  THR A H    1 
ATOM   318  H HA   . THR A 1 21 ? -9.95932  -5.72742  0.18127   1.000 8.11566  ? 19  THR A HA   1 
ATOM   319  H HB   . THR A 1 21 ? -11.59773 -5.06524  -1.33577  1.000 9.69088  ? 19  THR A HB   1 
ATOM   320  H HG1  . THR A 1 21 ? -12.88071 -3.35065  -0.70648  1.000 9.50237  ? 19  THR A HG1  1 
ATOM   321  H HG21 . THR A 1 21 ? -13.51911 -5.63300  -0.19763  1.000 12.12377 ? 19  THR A HG21 1 
ATOM   322  H HG22 . THR A 1 21 ? -12.34535 -6.58385  0.26139   1.000 12.12377 ? 19  THR A HG22 1 
ATOM   323  H HG23 . THR A 1 21 ? -12.79997 -5.38787  1.18631   1.000 12.12377 ? 19  THR A HG23 1 
ATOM   324  N N    . LEU A 1 22 ? -8.95440  -4.29589  -1.67655  1.000 6.64115  ? 20  LEU A N    1 
ATOM   325  C CA   . LEU A 1 22 ? -8.15782  -3.44674  -2.55109  1.000 6.44942  ? 20  LEU A CA   1 
ATOM   326  C C    . LEU A 1 22 ? -8.88184  -2.13394  -2.81404  1.000 6.42736  ? 20  LEU A C    1 
ATOM   327  O O    . LEU A 1 22 ? -8.29354  -1.05075  -2.71041  1.000 6.73866  ? 20  LEU A O    1 
ATOM   328  C CB   . LEU A 1 22 ? -7.92194  -4.20567  -3.85144  1.000 7.65533  ? 20  LEU A CB   1 
ATOM   329  C CG   . LEU A 1 22 ? -7.03732  -3.50724  -4.87546  1.000 9.10268  ? 20  LEU A CG   1 
ATOM   330  C CD1  . LEU A 1 22 ? -5.58075  -3.59661  -4.50301  1.000 10.72647 ? 20  LEU A CD1  1 
ATOM   331  C CD2  . LEU A 1 22 ? -7.31032  -4.14590  -6.22654  1.000 10.64868 ? 20  LEU A CD2  1 
ATOM   332  H H    . LEU A 1 22 ? -9.13195  -5.07156  -2.00277  1.000 7.96757  ? 20  LEU A H    1 
ATOM   333  H HA   . LEU A 1 22 ? -7.30258  -3.23787  -2.14388  1.000 7.73750  ? 20  LEU A HA   1 
ATOM   334  H HB2  . LEU A 1 22 ? -7.50017  -5.05223  -3.63615  1.000 9.18458  ? 20  LEU A HB2  1 
ATOM   335  H HB3  . LEU A 1 22 ? -8.78206  -4.36104  -4.27209  1.000 9.18458  ? 20  LEU A HB3  1 
ATOM   336  H HG   . LEU A 1 22 ? -7.23897  -2.55917  -4.91288  1.000 10.92140 ? 20  LEU A HG   1 
ATOM   337  H HD11 . LEU A 1 22 ? -5.06112  -3.07230  -5.13230  1.000 12.86996 ? 20  LEU A HD11 1 
ATOM   338  H HD12 . LEU A 1 22 ? -5.46237  -3.24854  -3.60539  1.000 12.86996 ? 20  LEU A HD12 1 
ATOM   339  H HD13 . LEU A 1 22 ? -5.30247  -4.52522  -4.53707  1.000 12.86996 ? 20  LEU A HD13 1 
ATOM   340  H HD21 . LEU A 1 22 ? -6.75106  -3.72093  -6.89552  1.000 12.77661 ? 20  LEU A HD21 1 
ATOM   341  H HD22 . LEU A 1 22 ? -7.10420  -5.09239  -6.17587  1.000 12.77661 ? 20  LEU A HD22 1 
ATOM   342  H HD23 . LEU A 1 22 ? -8.24596  -4.02268  -6.45082  1.000 12.77661 ? 20  LEU A HD23 1 
ATOM   343  N N    . GLU A 1 23 ? -10.17623 -2.21737  -3.14814  1.000 7.23038  ? 21  GLU A N    1 
ATOM   344  C CA   . GLU A 1 23 ? -10.95173 -1.01963  -3.44324  1.000 8.45648  ? 21  GLU A CA   1 
ATOM   345  C C    . GLU A 1 23 ? -11.02122 -0.10332  -2.23492  1.000 7.08038  ? 21  GLU A C    1 
ATOM   346  O O    . GLU A 1 23 ? -10.88313 1.11933   -2.36583  1.000 7.71200  ? 21  GLU A O    1 
ATOM   347  C CB   . GLU A 1 23 ? -12.35727 -1.41667  -3.89945  1.000 11.47798 ? 21  GLU A CB   1 
ATOM   348  C CG   . GLU A 1 23 ? -13.28372 -0.22986  -4.13291  1.000 15.73209 ? 21  GLU A CG   1 
ATOM   349  C CD   . GLU A 1 23 ? -14.64935 -0.63919  -4.66339  1.000 19.64769 ? 21  GLU A CD   1 
ATOM   350  O OE1  . GLU A 1 23 ? -14.72446 -1.57719  -5.48976  1.000 21.25508 ? 21  GLU A OE1  1 
ATOM   351  O OE2  . GLU A 1 23 ? -15.65626 -0.02151  -4.25373  1.000 21.47781 ? 21  GLU A OE2  1 
ATOM   352  H H    . GLU A 1 23 ? -10.62059 -2.95115  -3.20919  1.000 8.67465  ? 21  GLU A H    1 
ATOM   353  H HA   . GLU A 1 23 ? -10.52422 -0.53210  -4.16467  1.000 10.14596 ? 21  GLU A HA   1 
ATOM   354  H HB2  . GLU A 1 23 ? -12.28767 -1.90687  -4.73359  1.000 13.77176 ? 21  GLU A HB2  1 
ATOM   355  H HB3  . GLU A 1 23 ? -12.75978 -1.97724  -3.21781  1.000 13.77176 ? 21  GLU A HB3  1 
ATOM   356  H HG2  . GLU A 1 23 ? -13.41660 0.23655   -3.29286  1.000 18.87670 ? 21  GLU A HG2  1 
ATOM   357  H HG3  . GLU A 1 23 ? -12.87670 0.36510   -4.78195  1.000 18.87670 ? 21  GLU A HG3  1 
ATOM   358  N N    . LYS A 1 24 ? -11.18660 -0.67608  -1.04262  1.000 6.53794  ? 22  LYS A N    1 
ATOM   359  C CA   . LYS A 1 24 ? -11.31489 0.15683   0.14598   1.000 7.03486  ? 22  LYS A CA   1 
ATOM   360  C C    . LYS A 1 24 ? -10.00770 0.87336   0.46408   1.000 6.62837  ? 22  LYS A C    1 
ATOM   361  O O    . LYS A 1 24 ? -10.01201 2.07552   0.75165   1.000 7.06274  ? 22  LYS A O    1 
ATOM   362  C CB   . LYS A 1 24 ? -11.77798 -0.67319  1.34108   1.000 8.56683  ? 22  LYS A CB   1 
ATOM   363  C CG   . LYS A 1 24 ? -11.96669 0.12709   2.63465   1.000 9.59350  ? 22  LYS A CG   1 
ATOM   364  C CD   . LYS A 1 24 ? -13.00683 1.23234   2.51894   1.000 11.42047 ? 22  LYS A CD   1 
ATOM   365  C CE   . LYS A 1 24 ? -14.34277 0.67548   2.07034   1.000 13.32336 ? 22  LYS A CE   1 
ATOM   366  N NZ   . LYS A 1 24 ? -15.44797 1.65188   2.21477   1.000 14.70433 ? 22  LYS A NZ   1 
ATOM   367  H H    . LYS A 1 24 ? -11.22661 -1.52330  -0.90041  1.000 7.84371  ? 22  LYS A H    1 
ATOM   368  H HA   . LYS A 1 24 ? -11.99383 0.82761   -0.02716  1.000 8.44002  ? 22  LYS A HA   1 
ATOM   369  H HB2  . LYS A 1 24 ? -12.63011 -1.08162  1.12211   1.000 10.27839 ? 22  LYS A HB2  1 
ATOM   370  H HB3  . LYS A 1 24 ? -11.11581 -1.36024  1.51539   1.000 10.27839 ? 22  LYS A HB3  1 
ATOM   371  H HG2  . LYS A 1 24 ? -12.25283 -0.47659  3.33793   1.000 11.51039 ? 22  LYS A HG2  1 
ATOM   372  H HG3  . LYS A 1 24 ? -11.12196 0.53916   2.87450   1.000 11.51039 ? 22  LYS A HG3  1 
ATOM   373  H HD2  . LYS A 1 24 ? -13.12556 1.65629   3.38327   1.000 13.70275 ? 22  LYS A HD2  1 
ATOM   374  H HD3  . LYS A 1 24 ? -12.71212 1.88656   1.86621   1.000 13.70275 ? 22  LYS A HD3  1 
ATOM   375  H HE2  . LYS A 1 24 ? -14.28348 0.42601   1.13485   1.000 15.98622 ? 22  LYS A HE2  1 
ATOM   376  H HE3  . LYS A 1 24 ? -14.55791 -0.10255  2.60819   1.000 15.98622 ? 22  LYS A HE3  1 
ATOM   377  H HZ1  . LYS A 1 24 ? -16.20133 1.30956   1.88709   1.000 17.64338 ? 22  LYS A HZ1  1 
ATOM   378  H HZ2  . LYS A 1 24 ? -15.56995 1.84865   3.07412   1.000 17.64338 ? 22  LYS A HZ2  1 
ATOM   379  H HZ3  . LYS A 1 24 ? -15.25376 2.39915   1.77209   1.000 17.64338 ? 22  LYS A HZ3  1 
ATOM   380  N N    . LEU A 1 25 ? -8.87880  0.15713   0.45530   1.000 5.84095  ? 23  LEU A N    1 
ATOM   381  C CA   . LEU A 1 25 ? -7.61973  0.82413   0.77069   1.000 5.82613  ? 23  LEU A CA   1 
ATOM   382  C C    . LEU A 1 25 ? -7.30304  1.89418   -0.26280  1.000 5.57083  ? 23  LEU A C    1 
ATOM   383  O O    . LEU A 1 25 ? -6.78679  2.96415   0.08226   1.000 5.82262  ? 23  LEU A O    1 
ATOM   384  C CB   . LEU A 1 25 ? -6.47512  -0.18024  0.90330   1.000 5.90368  ? 23  LEU A CB   1 
ATOM   385  C CG   . LEU A 1 25 ? -5.12030  0.44508   1.27785   1.000 6.60723  ? 23  LEU A CG   1 
ATOM   386  C CD1  . LEU A 1 25 ? -5.18315  1.21037   2.59348   1.000 7.66149  ? 23  LEU A CD1  1 
ATOM   387  C CD2  . LEU A 1 25 ? -4.05057  -0.62312  1.33322   1.000 7.45163  ? 23  LEU A CD2  1 
ATOM   388  H H    . LEU A 1 25 ? -8.81992  -0.68210  0.27696   1.000 7.00733  ? 23  LEU A H    1 
ATOM   389  H HA   . LEU A 1 25 ? -7.70665  1.25388   1.63594   1.000 6.98955  ? 23  LEU A HA   1 
ATOM   390  H HB2  . LEU A 1 25 ? -6.70478  -0.82023  1.59508   1.000 7.08261  ? 23  LEU A HB2  1 
ATOM   391  H HB3  . LEU A 1 25 ? -6.36403  -0.63537  0.05394   1.000 7.08261  ? 23  LEU A HB3  1 
ATOM   392  H HG   . LEU A 1 25 ? -4.88569  1.08931   0.59169   1.000 7.92687  ? 23  LEU A HG   1 
ATOM   393  H HD11 . LEU A 1 25 ? -4.28459  1.46878   2.85175   1.000 9.19198  ? 23  LEU A HD11 1 
ATOM   394  H HD12 . LEU A 1 25 ? -5.73289  2.00046   2.47327   1.000 9.19198  ? 23  LEU A HD12 1 
ATOM   395  H HD13 . LEU A 1 25 ? -5.57108  0.63784   3.27364   1.000 9.19198  ? 23  LEU A HD13 1 
ATOM   396  H HD21 . LEU A 1 25 ? -3.20811  -0.21362  1.58519   1.000 8.94014  ? 23  LEU A HD21 1 
ATOM   397  H HD22 . LEU A 1 25 ? -4.30388  -1.28996  1.99053   1.000 8.94014  ? 23  LEU A HD22 1 
ATOM   398  H HD23 . LEU A 1 25 ? -3.96975  -1.03476  0.45862   1.000 8.94014  ? 23  LEU A HD23 1 
ATOM   399  N N    . ALA A 1 26 ? -7.58646  1.63215   -1.53841  1.000 5.67715  ? 24  ALA A N    1 
ATOM   400  C CA   . ALA A 1 26 ? -7.35216  2.64890   -2.55670  1.000 6.19032  ? 24  ALA A CA   1 
ATOM   401  C C    . ALA A 1 26 ? -8.18548  3.88974   -2.26807  1.000 6.37889  ? 24  ALA A C    1 
ATOM   402  O O    . ALA A 1 26 ? -7.68207  5.01849   -2.31245  1.000 7.13840  ? 24  ALA A O    1 
ATOM   403  C CB   . ALA A 1 26 ? -7.65378  2.09654   -3.94775  1.000 6.48522  ? 24  ALA A CB   1 
ATOM   404  H H    . ALA A 1 26 ? -7.90771  0.89053   -1.83235  1.000 6.81077  ? 24  ALA A H    1 
ATOM   405  H HA   . ALA A 1 26 ? -6.41468  2.89772   -2.54513  1.000 7.42658  ? 24  ALA A HA   1 
ATOM   406  H HB1  . ALA A 1 26 ? -7.47813  2.78659   -4.60646  1.000 7.78045  ? 24  ALA A HB1  1 
ATOM   407  H HB2  . ALA A 1 26 ? -7.08435  1.32886   -4.11301  1.000 7.78045  ? 24  ALA A HB2  1 
ATOM   408  H HB3  . ALA A 1 26 ? -8.58603  1.83143   -3.98696  1.000 7.78045  ? 24  ALA A HB3  1 
ATOM   409  N N    . ASP A 1 27 ? -9.46621  3.69255   -1.96121  1.000 6.93765  ? 25  ASP A N    1 
ATOM   410  C CA   A ASP A 1 27 ? -10.32673 4.81519   -1.62367  0.548 7.67060  ? 25  ASP A CA   1 
ATOM   411  C CA   B ASP A 1 27 ? -10.33612 4.81307   -1.60909  0.452 8.14944  ? 25  ASP A CA   1 
ATOM   412  C C    . ASP A 1 27 ? -9.78628  5.57723   -0.41280  1.000 7.52970  ? 25  ASP A C    1 
ATOM   413  O O    . ASP A 1 27 ? -9.74943  6.81572   -0.40450  1.000 7.99354  ? 25  ASP A O    1 
ATOM   414  C CB   A ASP A 1 27 ? -11.73545 4.29684   -1.37638  0.548 8.90111  ? 25  ASP A CB   1 
ATOM   415  C CB   B ASP A 1 27 ? -11.72949 4.30052   -1.24530  0.452 10.20367 ? 25  ASP A CB   1 
ATOM   416  C CG   A ASP A 1 27 ? -12.72323 5.39946   -1.15367  0.548 10.14627 ? 25  ASP A CG   1 
ATOM   417  C CG   B ASP A 1 27 ? -12.53934 3.90507   -2.43991  0.452 12.67883 ? 25  ASP A CG   1 
ATOM   418  O OD1  A ASP A 1 27 ? -12.97883 6.17484   -2.09833  0.548 10.69780 ? 25  ASP A OD1  1 
ATOM   419  O OD1  B ASP A 1 27 ? -12.12276 4.22388   -3.56790  0.452 13.31890 ? 25  ASP A OD1  1 
ATOM   420  O OD2  A ASP A 1 27 ? -13.24921 5.46740   -0.03486  0.548 10.15443 ? 25  ASP A OD2  1 
ATOM   421  O OD2  B ASP A 1 27 ? -13.59915 3.27967   -2.23927  0.452 13.85185 ? 25  ASP A OD2  1 
ATOM   422  H H    . ASP A 1 27 ? -9.85766  2.92706   -1.94123  1.000 8.32337  ? 25  ASP A H    1 
ATOM   423  H HA   . ASP A 1 27 ? -10.35876 5.44209   -2.36317  1.000 9.77752  ? 25  ASP A HA   1 
ATOM   424  H HB2  A ASP A 1 27 ? -12.02476 3.78538   -2.14814  0.548 10.67953 ? 25  ASP A HB2  1 
ATOM   425  H HB2  B ASP A 1 27 ? -11.63932 3.52144   -0.67451  0.452 12.24259 ? 25  ASP A HB2  1 
ATOM   426  H HB3  A ASP A 1 27 ? -11.73142 3.73289   -0.58717  0.548 10.67953 ? 25  ASP A HB3  1 
ATOM   427  H HB3  B ASP A 1 27 ? -12.21033 5.00090   -0.77715  0.452 12.24259 ? 25  ASP A HB3  1 
ATOM   428  N N    . MET A 1 28 ? -9.38143  4.85452   0.62711   1.000 6.84967  ? 26  MET A N    1 
ATOM   429  C CA   . MET A 1 28 ? -8.85754  5.49441   1.82739   1.000 6.87431  ? 26  MET A CA   1 
ATOM   430  C C    . MET A 1 28 ? -7.68855  6.39942   1.48946   1.000 6.78153  ? 26  MET A C    1 
ATOM   431  O O    . MET A 1 28 ? -7.62890  7.54757   1.94023   1.000 7.60812  ? 26  MET A O    1 
ATOM   432  C CB   . MET A 1 28 ? -8.41687  4.44807   2.85266   1.000 7.48329  ? 26  MET A CB   1 
ATOM   433  C CG   . MET A 1 28 ? -9.54965  3.68976   3.48322   1.000 9.06451  ? 26  MET A CG   1 
ATOM   434  S SD   . MET A 1 28 ? -9.00288  2.28259   4.44956   1.000 11.42601 ? 26  MET A SD   1 
ATOM   435  C CE   . MET A 1 28 ? -8.22626  3.11187   5.83235   1.000 12.65679 ? 26  MET A CE   1 
ATOM   436  H H    . MET A 1 28 ? -9.39939  3.99546   0.66320   1.000 8.21779  ? 26  MET A H    1 
ATOM   437  H HA   . MET A 1 28 ? -9.57455  6.01519   2.22184   1.000 8.24736  ? 26  MET A HA   1 
ATOM   438  H HB2  . MET A 1 28 ? -7.84137  3.80416   2.41099   1.000 8.97814  ? 26  MET A HB2  1 
ATOM   439  H HB3  . MET A 1 28 ? -7.93059  4.89529   3.56289   1.000 8.97814  ? 26  MET A HB3  1 
ATOM   440  H HG2  . MET A 1 28 ? -10.03731 4.28557   4.07322   1.000 10.87561 ? 26  MET A HG2  1 
ATOM   441  H HG3  . MET A 1 28 ? -10.13649 3.36171   2.78401   1.000 10.87561 ? 26  MET A HG3  1 
ATOM   442  H HE1  . MET A 1 28 ? -7.97632  2.45106   6.49700   1.000 15.18634 ? 26  MET A HE1  1 
ATOM   443  H HE2  . MET A 1 28 ? -7.43679  3.57923   5.51738   1.000 15.18634 ? 26  MET A HE2  1 
ATOM   444  H HE3  . MET A 1 28 ? -8.85457  3.74431   6.21465   1.000 15.18634 ? 26  MET A HE3  1 
ATOM   445  N N    . ALA A 1 29 ? -6.73405  5.89577   0.71237   1.000 6.39267  ? 27  ALA A N    1 
ATOM   446  C CA   . ALA A 1 29 ? -5.51400  6.64234   0.43123   1.000 6.97137  ? 27  ALA A CA   1 
ATOM   447  C C    . ALA A 1 29 ? -5.65230  7.62621   -0.72482  1.000 6.95912  ? 27  ALA A C    1 
ATOM   448  O O    . ALA A 1 29 ? -4.68189  8.31278   -1.04762  1.000 8.49291  ? 27  ALA A O    1 
ATOM   449  C CB   . ALA A 1 29 ? -4.35847  5.68529   0.15337   1.000 8.03992  ? 27  ALA A CB   1 
ATOM   450  H H    . ALA A 1 29 ? -6.77028  5.12318   0.33634   1.000 7.66939  ? 27  ALA A H    1 
ATOM   451  H HA   . ALA A 1 29 ? -5.29183  7.15627   1.22333   1.000 8.36384  ? 27  ALA A HA   1 
ATOM   452  H HB1  . ALA A 1 29 ? -3.56347  6.20146   -0.05264  1.000 9.64610  ? 27  ALA A HB1  1 
ATOM   453  H HB2  . ALA A 1 29 ? -4.20395  5.13983   0.94046   1.000 9.64610  ? 27  ALA A HB2  1 
ATOM   454  H HB3  . ALA A 1 29 ? -4.59055  5.12036   -0.60021  1.000 9.64610  ? 27  ALA A HB3  1 
ATOM   455  N N    . GLY A 1 30 ? -6.82751  7.73172   -1.32757  1.000 7.29887  ? 28  GLY A N    1 
ATOM   456  C CA   . GLY A 1 30 ? -7.01865  8.61694   -2.46445  1.000 8.30778  ? 28  GLY A CA   1 
ATOM   457  C C    . GLY A 1 30 ? -6.25328  8.17793   -3.69260  1.000 8.88087  ? 28  GLY A C    1 
ATOM   458  O O    . GLY A 1 30 ? -5.71469  9.02144   -4.41842  1.000 10.89966 ? 28  GLY A O    1 
ATOM   459  H H    . GLY A 1 30 ? -7.53393  7.29918   -1.09635  1.000 8.75683  ? 28  GLY A H    1 
ATOM   460  H HA2  . GLY A 1 30 ? -7.96176  8.64644   -2.68936  1.000 9.96753  ? 28  GLY A HA2  1 
ATOM   461  H HA3  . GLY A 1 30 ? -6.72286  9.50937   -2.22574  1.000 9.96753  ? 28  GLY A HA3  1 
ATOM   462  N N    . LEU A 1 31 ? -6.19447  6.87180   -3.93727  1.000 8.46699  ? 29  LEU A N    1 
ATOM   463  C CA   . LEU A 1 31 ? -5.52309  6.28189   -5.08151  1.000 8.38174  ? 29  LEU A CA   1 
ATOM   464  C C    . LEU A 1 31 ? -6.56303  5.62341   -5.96376  1.000 8.09070  ? 29  LEU A C    1 
ATOM   465  O O    . LEU A 1 31 ? -7.60369  5.17454   -5.47548  1.000 9.07289  ? 29  LEU A O    1 
ATOM   466  C CB   . LEU A 1 31 ? -4.57796  5.17134   -4.63343  1.000 9.50200  ? 29  LEU A CB   1 
ATOM   467  C CG   . LEU A 1 31 ? -3.53285  5.58387   -3.61788  1.000 11.28757 ? 29  LEU A CG   1 
ATOM   468  C CD1  . LEU A 1 31 ? -2.70211  4.39597   -3.21199  1.000 12.32692 ? 29  LEU A CD1  1 
ATOM   469  C CD2  . LEU A 1 31 ? -2.65992  6.66409   -4.20697  1.000 12.04738 ? 29  LEU A CD2  1 
ATOM   470  H H    . LEU A 1 31 ? -6.55531  6.28122   -3.42678  1.000 10.15857 ? 29  LEU A H    1 
ATOM   471  H HA   . LEU A 1 31 ? -5.03381  6.96826   -5.56152  1.000 10.05627 ? 29  LEU A HA   1 
ATOM   472  H HB2  . LEU A 1 31 ? -5.10676  4.46265   -4.23463  1.000 11.40059 ? 29  LEU A HB2  1 
ATOM   473  H HB3  . LEU A 1 31 ? -4.10875  4.83635   -5.41350  1.000 11.40059 ? 29  LEU A HB3  1 
ATOM   474  H HG   . LEU A 1 31 ? -3.96504  5.93112   -2.82194  1.000 13.54328 ? 29  LEU A HG   1 
ATOM   475  H HD11 . LEU A 1 31 ? -2.04303  4.67973   -2.55930  1.000 14.79050 ? 29  LEU A HD11 1 
ATOM   476  H HD12 . LEU A 1 31 ? -3.28254  3.72225   -2.82458  1.000 14.79050 ? 29  LEU A HD12 1 
ATOM   477  H HD13 . LEU A 1 31 ? -2.25791  4.03833   -3.99665  1.000 14.79050 ? 29  LEU A HD13 1 
ATOM   478  H HD21 . LEU A 1 31 ? -1.88826  6.79412   -3.63380  1.000 14.45505 ? 29  LEU A HD21 1 
ATOM   479  H HD22 . LEU A 1 31 ? -2.37226  6.39010   -5.09188  1.000 14.45505 ? 29  LEU A HD22 1 
ATOM   480  H HD23 . LEU A 1 31 ? -3.17106  7.48644   -4.26517  1.000 14.45505 ? 29  LEU A HD23 1 
ATOM   481  N N    . SER A 1 32 ? -6.25491  5.50307   -7.24851  1.000 7.97877  ? 30  SER A N    1 
ATOM   482  C CA   . SER A 1 32 ? -7.07785  4.65138   -8.08650  1.000 8.01096  ? 30  SER A CA   1 
ATOM   483  C C    . SER A 1 32 ? -6.85112  3.18690   -7.72886  1.000 7.59892  ? 30  SER A C    1 
ATOM   484  O O    . SER A 1 32 ? -5.79172  2.79114   -7.23345  1.000 7.03798  ? 30  SER A O    1 
ATOM   485  C CB   . SER A 1 32 ? -6.75895  4.87150   -9.55833  1.000 8.60237  ? 30  SER A CB   1 
ATOM   486  O OG   . SER A 1 32 ? -5.49401  4.33655   -9.87978  1.000 9.34576  ? 30  SER A OG   1 
ATOM   487  H H    . SER A 1 32 ? -5.59701  5.89133   -7.64351  1.000 9.57272  ? 30  SER A H    1 
ATOM   488  H HA   . SER A 1 32 ? -8.01264  4.86950   -7.94687  1.000 9.61134  ? 30  SER A HA   1 
ATOM   489  H HB2  . SER A 1 32 ? -7.43473  4.43175   -10.09764 1.000 10.32103 ? 30  SER A HB2  1 
ATOM   490  H HB3  . SER A 1 32 ? -6.75568  5.82389   -9.74231  1.000 10.32103 ? 30  SER A HB3  1 
ATOM   491  H HG   . SER A 1 32 ? -5.32453  4.46781   -10.69197 1.000 11.21311 ? 30  SER A HG   1 
ATOM   492  N N    . LYS A 1 33 ? -7.86844  2.37627   -7.99768  1.000 8.17435  ? 31  LYS A N    1 
ATOM   493  C CA   . LYS A 1 33 ? -7.74734  0.94672   -7.74992  1.000 8.40780  ? 31  LYS A CA   1 
ATOM   494  C C    . LYS A 1 33 ? -6.63225  0.33437   -8.58785  1.000 7.23208  ? 31  LYS A C    1 
ATOM   495  O O    . LYS A 1 33 ? -5.89364  -0.53511  -8.10773  1.000 6.75833  ? 31  LYS A O    1 
ATOM   496  C CB   . LYS A 1 33 ? -9.08290  0.25073   -8.01857  1.000 10.37115 ? 31  LYS A CB   1 
ATOM   497  C CG   . LYS A 1 33 ? -9.11403  -1.16814  -7.46311  1.000 13.52713 ? 31  LYS A CG   1 
ATOM   498  C CD   . LYS A 1 33 ? -10.51641 -1.70880  -7.29251  1.000 16.16598 ? 31  LYS A CD   1 
ATOM   499  C CE   . LYS A 1 33 ? -11.24331 -1.75567  -8.61085  1.000 18.20542 ? 31  LYS A CE   1 
ATOM   500  N NZ   . LYS A 1 33 ? -12.41297 -2.66775  -8.56805  1.000 19.04045 ? 31  LYS A NZ   1 
ATOM   501  H H    . LYS A 1 33 ? -8.62681  2.62428   -8.31857  1.000 9.80741  ? 31  LYS A H    1 
ATOM   502  H HA   . LYS A 1 33 ? -7.52565  0.80676   -6.81602  1.000 10.08755 ? 31  LYS A HA   1 
ATOM   503  H HB2  . LYS A 1 33 ? -9.79537  0.75656   -7.59735  1.000 12.44357 ? 31  LYS A HB2  1 
ATOM   504  H HB3  . LYS A 1 33 ? -9.23026  0.20438   -8.97619  1.000 12.44357 ? 31  LYS A HB3  1 
ATOM   505  H HG2  . LYS A 1 33 ? -8.64035  -1.75556  -8.07259  1.000 16.23074 ? 31  LYS A HG2  1 
ATOM   506  H HG3  . LYS A 1 33 ? -8.68401  -1.17564  -6.59368  1.000 16.23074 ? 31  LYS A HG3  1 
ATOM   507  H HD2  . LYS A 1 33 ? -10.47395 -2.60898  -6.93365  1.000 19.39736 ? 31  LYS A HD2  1 
ATOM   508  H HD3  . LYS A 1 33 ? -11.01279 -1.13413  -6.68898  1.000 19.39736 ? 31  LYS A HD3  1 
ATOM   509  H HE2  . LYS A 1 33 ? -11.56063 -0.86619  -8.83228  1.000 21.84469 ? 31  LYS A HE2  1 
ATOM   510  H HE3  . LYS A 1 33 ? -10.63709 -2.07243  -9.29863  1.000 21.84469 ? 31  LYS A HE3  1 
ATOM   511  H HZ1  . LYS A 1 33 ? -12.88498 -2.59289  -9.31886  1.000 22.84673 ? 31  LYS A HZ1  1 
ATOM   512  H HZ2  . LYS A 1 33 ? -12.13908 -3.51017  -8.48185  1.000 22.84673 ? 31  LYS A HZ2  1 
ATOM   513  H HZ3  . LYS A 1 33 ? -12.93468 -2.46152  -7.87713  1.000 22.84673 ? 31  LYS A HZ3  1 
ATOM   514  N N    . SER A 1 34 ? -6.49592  0.77471   -9.84300  1.000 7.66761  ? 32  SER A N    1 
ATOM   515  C CA   . SER A 1 34 ? -5.45376  0.21615   -10.68954 1.000 7.90057  ? 32  SER A CA   1 
ATOM   516  C C    . SER A 1 34 ? -4.06863  0.59280   -10.19175 1.000 7.28511  ? 32  SER A C    1 
ATOM   517  O O    . SER A 1 34 ? -3.14951  -0.22749  -10.26628 1.000 7.83113  ? 32  SER A O    1 
ATOM   518  C CB   . SER A 1 34 ? -5.64522  0.59622   -12.15884 1.000 10.07352 ? 32  SER A CB   1 
ATOM   519  O OG   . SER A 1 34 ? -5.47943  1.97207   -12.40419 1.000 11.28200 ? 32  SER A OG   1 
ATOM   520  H H    . SER A 1 34 ? -6.98283  1.37920   -10.21328 1.000 9.19932  ? 32  SER A H    1 
ATOM   521  H HA   . SER A 1 34 ? -5.53078  -0.74999  -10.65050 1.000 9.47888  ? 32  SER A HA   1 
ATOM   522  H HB2  . SER A 1 34 ? -4.99325  0.11046   -12.68786 1.000 12.08641 ? 32  SER A HB2  1 
ATOM   523  H HB3  . SER A 1 34 ? -6.54309  0.34401   -12.42550 1.000 12.08641 ? 32  SER A HB3  1 
ATOM   524  H HG   . SER A 1 34 ? -5.76906  2.16450   -13.16883 1.000 13.53659 ? 32  SER A HG   1 
ATOM   525  N N    . TYR A 1 35 ? -3.89342  1.82071   -9.69626  1.000 7.15210  ? 33  TYR A N    1 
ATOM   526  C CA   . TYR A 1 35 ? -2.59931  2.19067   -9.14749  1.000 7.17318  ? 33  TYR A CA   1 
ATOM   527  C C    . TYR A 1 35 ? -2.24842  1.34074   -7.93134  1.000 6.50158  ? 33  TYR A C    1 
ATOM   528  O O    . TYR A 1 35 ? -1.12102  0.85261   -7.81526  1.000 6.43443  ? 33  TYR A O    1 
ATOM   529  C CB   . TYR A 1 35 ? -2.57614  3.67201   -8.80250  1.000 7.94004  ? 33  TYR A CB   1 
ATOM   530  C CG   . TYR A 1 35 ? -1.27222  4.10747   -8.20206  1.000 8.97475  ? 33  TYR A CG   1 
ATOM   531  C CD1  . TYR A 1 35 ? -0.06198  3.89477   -8.85503  1.000 11.36397 ? 33  TYR A CD1  1 
ATOM   532  C CD2  . TYR A 1 35 ? -1.24395  4.72176   -6.97676  1.000 11.63748 ? 33  TYR A CD2  1 
ATOM   533  C CE1  . TYR A 1 35 ? 1.13631   4.30572   -8.29072  1.000 11.79396 ? 33  TYR A CE1  1 
ATOM   534  C CE2  . TYR A 1 35 ? -0.06142  5.13517   -6.40874  1.000 12.25567 ? 33  TYR A CE2  1 
ATOM   535  C CZ   . TYR A 1 35 ? 1.12729   4.93535   -7.06281  1.000 11.75581 ? 33  TYR A CZ   1 
ATOM   536  O OH   . TYR A 1 35 ? 2.30768   5.35751   -6.47340  1.000 12.21963 ? 33  TYR A OH   1 
ATOM   537  H H    . TYR A 1 35 ? -4.49299  2.43664   -9.66896  1.000 8.58071  ? 33  TYR A H    1 
ATOM   538  H HA   . TYR A 1 35 ? -1.91969  2.03587   -9.82205  1.000 8.60601  ? 33  TYR A HA   1 
ATOM   539  H HB2  . TYR A 1 35 ? -2.72105  4.18695   -9.61167  1.000 9.52624  ? 33  TYR A HB2  1 
ATOM   540  H HB3  . TYR A 1 35 ? -3.27930  3.85776   -8.16066  1.000 9.52624  ? 33  TYR A HB3  1 
ATOM   541  H HD1  . TYR A 1 35 ? -0.05663  3.47052   -9.68260  1.000 13.63495 ? 33  TYR A HD1  1 
ATOM   542  H HD2  . TYR A 1 35 ? -2.04165  4.86201   -6.51971  1.000 13.96316 ? 33  TYR A HD2  1 
ATOM   543  H HE1  . TYR A 1 35 ? 1.93928   4.15821   -8.73612  1.000 14.15095 ? 33  TYR A HE1  1 
ATOM   544  H HE2  . TYR A 1 35 ? -0.06802  5.55204   -5.57742  1.000 14.70500 ? 33  TYR A HE2  1 
ATOM   545  H HH   . TYR A 1 35 ? 2.96103   5.15293   -6.96010  1.000 14.66175 ? 33  TYR A HH   1 
ATOM   546  N N    . LEU A 1 36 ? -3.19317  1.13813   -7.01373  1.000 5.76112  ? 34  LEU A N    1 
ATOM   547  C CA   . LEU A 1 36 ? -2.86806  0.31150   -5.85806  1.000 5.58034  ? 34  LEU A CA   1 
ATOM   548  C C    . LEU A 1 36 ? -2.56832  -1.11419  -6.28559  1.000 5.44953  ? 34  LEU A C    1 
ATOM   549  O O    . LEU A 1 36 ? -1.64554  -1.74075  -5.76124  1.000 5.47335  ? 34  LEU A O    1 
ATOM   550  C CB   . LEU A 1 36 ? -3.98847  0.34581   -4.82957  1.000 5.70112  ? 34  LEU A CB   1 
ATOM   551  C CG   . LEU A 1 36 ? -3.71876  -0.47094  -3.56279  1.000 6.76118  ? 34  LEU A CG   1 
ATOM   552  C CD1  . LEU A 1 36 ? -2.44605  -0.01505  -2.84835  1.000 8.05800  ? 34  LEU A CD1  1 
ATOM   553  C CD2  . LEU A 1 36 ? -4.90026  -0.40024  -2.60977  1.000 7.70617  ? 34  LEU A CD2  1 
ATOM   554  H H    . LEU A 1 36 ? -3.99282  1.45379   -7.03678  1.000 6.91153  ? 34  LEU A H    1 
ATOM   555  H HA   . LEU A 1 36 ? -2.07895  0.67663   -5.42807  1.000 6.69459  ? 34  LEU A HA   1 
ATOM   556  H HB2  . LEU A 1 36 ? -4.13011  1.26667   -4.55966  1.000 6.83954  ? 34  LEU A HB2  1 
ATOM   557  H HB3  . LEU A 1 36 ? -4.79344  -0.00724  -5.23978  1.000 6.83954  ? 34  LEU A HB3  1 
ATOM   558  H HG   . LEU A 1 36 ? -3.59021  -1.39366  -3.83292  1.000 8.11161  ? 34  LEU A HG   1 
ATOM   559  H HD11 . LEU A 1 36 ? -2.40193  -0.44212  -1.97855  1.000 9.66779  ? 34  LEU A HD11 1 
ATOM   560  H HD12 . LEU A 1 36 ? -1.67643  -0.26943  -3.38116  1.000 9.66779  ? 34  LEU A HD12 1 
ATOM   561  H HD13 . LEU A 1 36 ? -2.47121  0.94884   -2.74270  1.000 9.66779  ? 34  LEU A HD13 1 
ATOM   562  H HD21 . LEU A 1 36 ? -4.72041  -0.96431  -1.84141  1.000 9.24560  ? 34  LEU A HD21 1 
ATOM   563  H HD22 . LEU A 1 36 ? -5.02116  0.51888   -2.32430  1.000 9.24560  ? 34  LEU A HD22 1 
ATOM   564  H HD23 . LEU A 1 36 ? -5.69581  -0.71122  -3.06942  1.000 9.24560  ? 34  LEU A HD23 1 
ATOM   565  N N    . TRP A 1 37 ? -3.32316  -1.63979  -7.25597  1.000 5.34667  ? 35  TRP A N    1 
ATOM   566  C CA   . TRP A 1 37 ? -3.03764  -2.97713  -7.75989  1.000 5.65058  ? 35  TRP A CA   1 
ATOM   567  C C    . TRP A 1 37 ? -1.62298  -3.04591  -8.31432  1.000 5.54180  ? 35  TRP A C    1 
ATOM   568  O O    . TRP A 1 37 ? -0.91912  -4.03547  -8.11146  1.000 5.79477  ? 35  TRP A O    1 
ATOM   569  C CB   . TRP A 1 37 ? -4.06251  -3.34667  -8.83755  1.000 6.04162  ? 35  TRP A CB   1 
ATOM   570  C CG   . TRP A 1 37 ? -4.00894  -4.77583  -9.30991  1.000 5.95021  ? 35  TRP A CG   1 
ATOM   571  C CD1  . TRP A 1 37 ? -4.78072  -5.81106  -8.87883  1.000 6.50486  ? 35  TRP A CD1  1 
ATOM   572  C CD2  . TRP A 1 37 ? -3.15846  -5.30665  -10.33164 1.000 6.11397  ? 35  TRP A CD2  1 
ATOM   573  N NE1  . TRP A 1 37 ? -4.47544  -6.95465  -9.57593  1.000 6.63490  ? 35  TRP A NE1  1 
ATOM   574  C CE2  . TRP A 1 37 ? -3.47110  -6.67052  -10.46604 1.000 6.23128  ? 35  TRP A CE2  1 
ATOM   575  C CE3  . TRP A 1 37 ? -2.16178  -4.76013  -11.14720 1.000 6.44375  ? 35  TRP A CE3  1 
ATOM   576  C CZ2  . TRP A 1 37 ? -2.82084  -7.49601  -11.38343 1.000 6.46504  ? 35  TRP A CZ2  1 
ATOM   577  C CZ3  . TRP A 1 37 ? -1.50612  -5.57638  -12.03807 1.000 6.89085  ? 35  TRP A CZ3  1 
ATOM   578  C CH2  . TRP A 1 37 ? -1.83867  -6.93268  -12.15101 1.000 6.95335  ? 35  TRP A CH2  1 
ATOM   579  H H    . TRP A 1 37 ? -3.99161  -1.24817  -7.62934  1.000 6.41419  ? 35  TRP A H    1 
ATOM   580  H HA   . TRP A 1 37 ? -3.11283  -3.62239  -7.03955  1.000 6.77889  ? 35  TRP A HA   1 
ATOM   581  H HB2  . TRP A 1 37 ? -4.95127  -3.19239  -8.48091  1.000 7.24813  ? 35  TRP A HB2  1 
ATOM   582  H HB3  . TRP A 1 37 ? -3.91222  -2.78013  -9.61042  1.000 7.24813  ? 35  TRP A HB3  1 
ATOM   583  H HD1  . TRP A 1 37 ? -5.42264  -5.75246  -8.20846  1.000 7.80402  ? 35  TRP A HD1  1 
ATOM   584  H HE1  . TRP A 1 37 ? -4.85135  -7.72108  -9.47169  1.000 7.96006  ? 35  TRP A HE1  1 
ATOM   585  H HE3  . TRP A 1 37 ? -1.94586  -3.85751  -11.08752 1.000 7.73069  ? 35  TRP A HE3  1 
ATOM   586  H HZ2  . TRP A 1 37 ? -3.04622  -8.39415  -11.46981 1.000 7.75624  ? 35  TRP A HZ2  1 
ATOM   587  H HZ3  . TRP A 1 37 ? -0.83242  -5.22336  -12.57324 1.000 8.26721  ? 35  TRP A HZ3  1 
ATOM   588  H HH2  . TRP A 1 37 ? -1.38061  -7.46280  -12.76261 1.000 8.34222  ? 35  TRP A HH2  1 
ATOM   589  N N    . GLU A 1 38 ? -1.21159  -2.01778  -9.05648  1.000 5.92974  ? 36  GLU A N    1 
ATOM   590  C CA   . GLU A 1 38 ? 0.15051   -1.96043  -9.57970  1.000 7.20029  ? 36  GLU A CA   1 
ATOM   591  C C    . GLU A 1 38 ? 1.18574   -1.93987  -8.46549  1.000 7.01711  ? 36  GLU A C    1 
ATOM   592  O O    . GLU A 1 38 ? 2.22699   -2.59701  -8.56917  1.000 8.14248  ? 36  GLU A O    1 
ATOM   593  C CB   . GLU A 1 38 ? 0.31177   -0.74574  -10.48563 1.000 9.68124  ? 36  GLU A CB   1 
ATOM   594  C CG   . GLU A 1 38 ? -0.42454  -0.90063  -11.79474 1.000 13.66190 ? 36  GLU A CG   1 
ATOM   595  C CD   . GLU A 1 38 ? -0.79705  0.42710   -12.41833 1.000 18.10270 ? 36  GLU A CD   1 
ATOM   596  O OE1  . GLU A 1 38 ? -0.19549  1.45349   -12.03453 1.000 19.79149 ? 36  GLU A OE1  1 
ATOM   597  O OE2  . GLU A 1 38 ? -1.70021  0.44610   -13.28426 1.000 19.93484 ? 36  GLU A OE2  1 
ATOM   598  H H    . GLU A 1 38 ? -1.69980  -1.34301  -9.27077  1.000 7.11388  ? 36  GLU A H    1 
ATOM   599  H HA   . GLU A 1 38 ? 0.30812   -2.75731  -10.10983 1.000 8.63854  ? 36  GLU A HA   1 
ATOM   600  H HB2  . GLU A 1 38 ? -0.03998  0.03641   -10.03241 1.000 11.61568 ? 36  GLU A HB2  1 
ATOM   601  H HB3  . GLU A 1 38 ? 1.25327   -0.61988  -10.68216 1.000 11.61568 ? 36  GLU A HB3  1 
ATOM   602  H HG2  . GLU A 1 38 ? 0.14176   -1.37777  -12.42127 1.000 16.39247 ? 36  GLU A HG2  1 
ATOM   603  H HG3  . GLU A 1 38 ? -1.24213  -1.39926  -11.64036 1.000 16.39247 ? 36  GLU A HG3  1 
ATOM   604  N N    . LEU A 1 39 ? 0.93040   -1.20039  -7.38922  1.000 6.98953  ? 37  LEU A N    1 
ATOM   605  C CA   . LEU A 1 39 ? 1.86858   -1.21405  -6.27442  1.000 6.96125  ? 37  LEU A CA   1 
ATOM   606  C C    . LEU A 1 39 ? 1.98723   -2.60475  -5.67336  1.000 7.34070  ? 37  LEU A C    1 
ATOM   607  O O    . LEU A 1 39 ? 3.06539   -3.00274  -5.21901  1.000 8.69623  ? 37  LEU A O    1 
ATOM   608  C CB   . LEU A 1 39 ? 1.43088   -0.22879  -5.19504  1.000 7.51188  ? 37  LEU A CB   1 
ATOM   609  C CG   . LEU A 1 39 ? 1.52093   1.25191   -5.54903  1.000 8.66129  ? 37  LEU A CG   1 
ATOM   610  C CD1  . LEU A 1 39 ? 1.05260   2.08099   -4.37911  1.000 9.42452  ? 37  LEU A CD1  1 
ATOM   611  C CD2  . LEU A 1 39 ? 2.92228   1.64485   -5.95726  1.000 9.60885  ? 37  LEU A CD2  1 
ATOM   612  H H    . LEU A 1 39 ? 0.24125   -0.69701  -7.28298  1.000 8.38562  ? 37  LEU A H    1 
ATOM   613  H HA   . LEU A 1 39 ? 2.73722   -0.93931  -6.60742  1.000 8.35169  ? 37  LEU A HA   1 
ATOM   614  H HB2  . LEU A 1 39 ? 0.50400   -0.41399  -4.97712  1.000 9.01244  ? 37  LEU A HB2  1 
ATOM   615  H HB3  . LEU A 1 39 ? 1.98971   -0.36994  -4.41486  1.000 9.01244  ? 37  LEU A HB3  1 
ATOM   616  H HG   . LEU A 1 39 ? 0.94732   1.42822   -6.31112  1.000 10.39174 ? 37  LEU A HG   1 
ATOM   617  H HD11 . LEU A 1 39 ? 1.14219   3.02077   -4.60206  1.000 11.30761 ? 37  LEU A HD11 1 
ATOM   618  H HD12 . LEU A 1 39 ? 0.12340   1.87170   -4.19558  1.000 11.30761 ? 37  LEU A HD12 1 
ATOM   619  H HD13 . LEU A 1 39 ? 1.59806   1.87124   -3.60492  1.000 11.30761 ? 37  LEU A HD13 1 
ATOM   620  H HD21 . LEU A 1 39 ? 2.96901   2.61045   -6.03678  1.000 11.52881 ? 37  LEU A HD21 1 
ATOM   621  H HD22 . LEU A 1 39 ? 3.54603   1.33810   -5.28070  1.000 11.52881 ? 37  LEU A HD22 1 
ATOM   622  H HD23 . LEU A 1 39 ? 3.13014   1.23228   -6.81019  1.000 11.52881 ? 37  LEU A HD23 1 
ATOM   623  N N    . GLU A 1 40 ? 0.88479   -3.34440  -5.62416  1.000 6.78044  ? 38  GLU A N    1 
ATOM   624  C CA   . GLU A 1 40 ? 0.92288   -4.67905  -5.04719  1.000 7.61715  ? 38  GLU A CA   1 
ATOM   625  C C    . GLU A 1 40 ? 1.57811   -5.69460  -5.97662  1.000 7.70104  ? 38  GLU A C    1 
ATOM   626  O O    . GLU A 1 40 ? 2.16706   -6.66613  -5.49336  1.000 10.03879 ? 38  GLU A O    1 
ATOM   627  C CB   . GLU A 1 40 ? -0.48279  -5.14673  -4.64478  1.000 8.00279  ? 38  GLU A CB   1 
ATOM   628  C CG   . GLU A 1 40 ? -1.04186  -4.35639  -3.46681  1.000 8.49819  ? 38  GLU A CG   1 
ATOM   629  C CD   . GLU A 1 40 ? -2.31408  -4.90830  -2.83502  1.000 9.98117  ? 38  GLU A CD   1 
ATOM   630  O OE1  . GLU A 1 40 ? -2.87239  -5.92412  -3.31503  1.000 10.55755 ? 38  GLU A OE1  1 
ATOM   631  O OE2  . GLU A 1 40 ? -2.75124  -4.30422  -1.82670  1.000 11.57269 ? 38  GLU A OE2  1 
ATOM   632  H H    . GLU A 1 40 ? 0.11323   -3.09919  -5.91427  1.000 8.13471  ? 38  GLU A H    1 
ATOM   633  H HA   . GLU A 1 40 ? 1.45161   -4.63864  -4.23497  1.000 9.13877  ? 38  GLU A HA   1 
ATOM   634  H HB2  . GLU A 1 40 ? -1.08311  -5.03162  -5.39794  1.000 9.60154  ? 38  GLU A HB2  1 
ATOM   635  H HB3  . GLU A 1 40 ? -0.44520  -6.08203  -4.39042  1.000 9.60154  ? 38  GLU A HB3  1 
ATOM   636  H HG2  . GLU A 1 40 ? -0.36598  -4.32903  -2.77159  1.000 10.19602 ? 38  GLU A HG2  1 
ATOM   637  H HG3  . GLU A 1 40 ? -1.24081  -3.45729  -3.77167  1.000 10.19602 ? 38  GLU A HG3  1 
ATOM   638  N N    . ASN A 1 41 ? 1.47521   -5.50411  -7.29810  1.000 6.77415  ? 39  ASN A N    1 
ATOM   639  C CA   . ASN A 1 41 ? 1.74024   -6.58213  -8.24528  1.000 7.43039  ? 39  ASN A CA   1 
ATOM   640  C C    . ASN A 1 41 ? 2.76902   -6.29482  -9.33060  1.000 8.47234  ? 39  ASN A C    1 
ATOM   641  O O    . ASN A 1 41 ? 3.07447   -7.19941  -10.11333 1.000 9.68442  ? 39  ASN A O    1 
ATOM   642  C CB   . ASN A 1 41 ? 0.42533   -7.01085  -8.90200  1.000 7.22413  ? 39  ASN A CB   1 
ATOM   643  C CG   . ASN A 1 41 ? -0.49390  -7.64023  -7.91727  1.000 7.55999  ? 39  ASN A CG   1 
ATOM   644  O OD1  . ASN A 1 41 ? -0.19641  -8.72182  -7.42172  1.000 9.76437  ? 39  ASN A OD1  1 
ATOM   645  N ND2  . ASN A 1 41 ? -1.59752  -6.97816  -7.60311  1.000 7.10305  ? 39  ASN A ND2  1 
ATOM   646  H H    . ASN A 1 41 ? 1.25348   -4.75881  -7.66546  1.000 8.12717  ? 39  ASN A H    1 
ATOM   647  H HA   . ASN A 1 41 ? 2.11069   -7.32161  -7.73847  1.000 8.91466  ? 39  ASN A HA   1 
ATOM   648  H HB2  . ASN A 1 41 ? -0.01522  -6.23224  -9.27695  1.000 8.66715  ? 39  ASN A HB2  1 
ATOM   649  H HB3  . ASN A 1 41 ? 0.61135   -7.65601  -9.60204  1.000 8.66715  ? 39  ASN A HB3  1 
ATOM   650  H HD21 . ASN A 1 41 ? -2.15256  -7.31155  -7.03709  1.000 8.52185  ? 39  ASN A HD21 1 
ATOM   651  H HD22 . ASN A 1 41 ? -1.75892  -6.21498  -7.96519  1.000 8.52185  ? 39  ASN A HD22 1 
ATOM   652  N N    . ARG A 1 42 ? 3.31721   -5.08524  -9.39874  1.000 8.51007  ? 40  ARG A N    1 
ATOM   653  C CA   . ARG A 1 42 ? 4.24395   -4.69533  -10.45250 1.000 9.79146  ? 40  ARG A CA   1 
ATOM   654  C C    . ARG A 1 42 ? 5.38579   -3.87435  -9.86405  1.000 11.05705 ? 40  ARG A C    1 
ATOM   655  O O    . ARG A 1 42 ? 5.21151   -3.12717  -8.90201  1.000 11.80853 ? 40  ARG A O    1 
ATOM   656  C CB   . ARG A 1 42 ? 3.56862   -3.80521  -11.51388 1.000 10.77743 ? 40  ARG A CB   1 
ATOM   657  C CG   . ARG A 1 42 ? 2.49918   -4.50635  -12.34789 1.000 11.94540 ? 40  ARG A CG   1 
ATOM   658  C CD   . ARG A 1 42 ? 3.14234   -5.53112  -13.28469 1.000 13.18228 ? 40  ARG A CD   1 
ATOM   659  N NE   . ARG A 1 42 ? 2.20617   -6.20795  -14.17051 1.000 14.26958 ? 40  ARG A NE   1 
ATOM   660  C CZ   . ARG A 1 42 ? 1.42184   -7.20371  -13.79363 1.000 14.18325 ? 40  ARG A CZ   1 
ATOM   661  N NH1  . ARG A 1 42 ? 1.39416   -7.61662  -12.54271 1.000 14.74712 ? 40  ARG A NH1  1 
ATOM   662  N NH2  . ARG A 1 42 ? 0.63620   -7.78864  -14.69245 1.000 12.94569 ? 40  ARG A NH2  1 
ATOM   663  H H    . ARG A 1 42 ? 3.16319   -4.45788  -8.83103  1.000 10.21028 ? 40  ARG A H    1 
ATOM   664  H HA   . ARG A 1 42 ? 4.58720   -5.50695  -10.85792 1.000 11.74794 ? 40  ARG A HA   1 
ATOM   665  H HB2  . ARG A 1 42 ? 3.14479   -3.05739  -11.06441 1.000 12.93110 ? 40  ARG A HB2  1 
ATOM   666  H HB3  . ARG A 1 42 ? 4.25001   -3.48253  -12.12420 1.000 12.93110 ? 40  ARG A HB3  1 
ATOM   667  H HG2  . ARG A 1 42 ? 1.87993   -4.96854  -11.76154 1.000 14.33267 ? 40  ARG A HG2  1 
ATOM   668  H HG3  . ARG A 1 42 ? 2.02347   -3.85257  -12.88378 1.000 14.33267 ? 40  ARG A HG3  1 
ATOM   669  H HD2  . ARG A 1 42 ? 3.79446   -5.07641  -13.84045 1.000 15.81692 ? 40  ARG A HD2  1 
ATOM   670  H HD3  . ARG A 1 42 ? 3.57999   -6.21004  -12.74762 1.000 15.81692 ? 40  ARG A HD3  1 
ATOM   671  H HE   . ARG A 1 42 ? 2.16045   -5.94444  -14.98787 1.000 17.12169 ? 40  ARG A HE   1 
ATOM   672  H HH11 . ARG A 1 42 ? 1.89241   -7.23700  -11.95346 1.000 17.69473 ? 40  ARG A HH11 1 
ATOM   673  H HH12 . ARG A 1 42 ? 0.87784   -8.26576  -12.31549 1.000 17.69473 ? 40  ARG A HH12 1 
ATOM   674  H HH21 . ARG A 1 42 ? 0.64170   -7.51865  -15.50896 1.000 15.53302 ? 40  ARG A HH21 1 
ATOM   675  H HH22 . ARG A 1 42 ? 0.12246   -8.43705  -14.45741 1.000 15.53302 ? 40  ARG A HH22 1 
ATOM   676  N N    . GLU A 1 43 ? 6.55490   -3.99496  -10.47715 1.000 12.88118 ? 41  GLU A N    1 
ATOM   677  C CA   . GLU A 1 43 ? 7.63655   -3.04533  -10.25679 1.000 15.28597 ? 41  GLU A CA   1 
ATOM   678  C C    . GLU A 1 43 ? 7.11646   -1.62099  -10.42188 1.000 15.47981 ? 41  GLU A C    1 
ATOM   679  O O    . GLU A 1 43 ? 6.50341   -1.29174  -11.44023 1.000 17.17084 ? 41  GLU A O    1 
ATOM   680  C CB   . GLU A 1 43 ? 8.72609   -3.31996  -11.29977 1.000 18.21749 ? 41  GLU A CB   1 
ATOM   681  C CG   . GLU A 1 43 ? 8.23259   -3.33918  -12.78985 1.000 21.28217 ? 41  GLU A CG   1 
ATOM   682  C CD   . GLU A 1 43 ? 7.60147   -4.67426  -13.25788 1.000 23.18994 ? 41  GLU A CD   1 
ATOM   683  O OE1  . GLU A 1 43 ? 7.22701   -5.51828  -12.40944 1.000 24.28114 ? 41  GLU A OE1  1 
ATOM   684  O OE2  . GLU A 1 43 ? 7.46336   -4.87673  -14.49100 1.000 23.24016 ? 41  GLU A OE2  1 
ATOM   685  H H    . GLU A 1 43 ? 6.75003   -4.62337  -11.03089 1.000 15.45560 ? 41  GLU A H    1 
ATOM   686  H HA   . GLU A 1 43 ? 8.00451   -3.14015  -9.36432  1.000 18.34136 ? 41  GLU A HA   1 
ATOM   687  H HB2  . GLU A 1 43 ? 9.40180   -2.62789  -11.22666 1.000 21.85918 ? 41  GLU A HB2  1 
ATOM   688  H HB3  . GLU A 1 43 ? 9.11795   -4.18731  -11.11254 1.000 21.85918 ? 41  GLU A HB3  1 
ATOM   689  H HG2  . GLU A 1 43 ? 7.56151   -2.64745  -12.89967 1.000 25.53680 ? 41  GLU A HG2  1 
ATOM   690  H HG3  . GLU A 1 43 ? 8.99151   -3.15972  -13.36666 1.000 25.53680 ? 41  GLU A HG3  1 
ATOM   691  N N    . SER A 1 44 ? 7.33990   -0.77250  -9.41725  1.000 14.81089 ? 42  SER A N    1 
ATOM   692  C CA   . SER A 1 44 ? 6.76261   0.56461   -9.44397  1.000 14.05947 ? 42  SER A CA   1 
ATOM   693  C C    . SER A 1 44 ? 7.69253   1.57995   -8.80525  1.000 13.86096 ? 42  SER A C    1 
ATOM   694  O O    . SER A 1 44 ? 8.47137   1.25855   -7.90597  1.000 14.28223 ? 42  SER A O    1 
ATOM   695  C CB   . SER A 1 44 ? 5.43253   0.62640   -8.68679  1.000 14.50919 ? 42  SER A CB   1 
ATOM   696  O OG   . SER A 1 44 ? 4.45998   -0.21916  -9.26746  1.000 15.05349 ? 42  SER A OG   1 
ATOM   697  H H    . SER A 1 44 ? 7.81491   -0.94786  -8.72211  1.000 17.77125 ? 42  SER A H    1 
ATOM   698  H HA   . SER A 1 44 ? 6.63910   0.79725   -10.37752 1.000 16.86955 ? 42  SER A HA   1 
ATOM   699  H HB2  . SER A 1 44 ? 5.58192   0.34692   -7.77002  1.000 17.40921 ? 42  SER A HB2  1 
ATOM   700  H HB3  . SER A 1 44 ? 5.10440   1.53901   -8.70613  1.000 17.40921 ? 42  SER A HB3  1 
ATOM   701  H HG   . SER A 1 44 ? 4.70783   -1.02009  -9.21565  1.000 18.06238 ? 42  SER A HG   1 
ATOM   702  N N    . GLN A 1 45 ? 7.58285   2.81975   -9.27495  1.000 13.66718 ? 43  GLN A N    1 
ATOM   703  C CA   . GLN A 1 45 ? 8.17387   3.93966   -8.56247  1.000 13.46815 ? 43  GLN A CA   1 
ATOM   704  C C    . GLN A 1 45 ? 7.64887   3.96567   -7.12760  1.000 12.53118 ? 43  GLN A C    1 
ATOM   705  O O    . GLN A 1 45 ? 6.48325   3.66757   -6.86693  1.000 12.38193 ? 43  GLN A O    1 
ATOM   706  C CB   . GLN A 1 45 ? 7.81719   5.23874   -9.29479  1.000 14.16791 ? 43  GLN A CB   1 
ATOM   707  C CG   . GLN A 1 45 ? 8.20573   6.53747   -8.59781  1.000 15.02622 ? 43  GLN A CG   1 
ATOM   708  C CD   . GLN A 1 45 ? 9.69624   6.80691   -8.62099  1.000 16.52933 ? 43  GLN A CD   1 
ATOM   709  O OE1  . GLN A 1 45 ? 10.42793  6.29784   -9.47546  1.000 17.75204 ? 43  GLN A OE1  1 
ATOM   710  N NE2  . GLN A 1 45 ? 10.15556  7.62416   -7.67934  1.000 16.32212 ? 43  GLN A NE2  1 
ATOM   711  H H    . GLN A 1 45 ? 7.17328   3.03514   -9.99983  1.000 16.39881 ? 43  GLN A H    1 
ATOM   712  H HA   . GLN A 1 45 ? 9.14023   3.86216   -8.53012  1.000 16.15996 ? 43  GLN A HA   1 
ATOM   713  H HB2  . GLN A 1 45 ? 8.26457   5.23240   -10.15544 1.000 16.99968 ? 43  GLN A HB2  1 
ATOM   714  H HB3  . GLN A 1 45 ? 6.85564   5.25967   -9.42086  1.000 16.99968 ? 43  GLN A HB3  1 
ATOM   715  H HG2  . GLN A 1 45 ? 7.76258   7.27712   -9.04216  1.000 18.02965 ? 43  GLN A HG2  1 
ATOM   716  H HG3  . GLN A 1 45 ? 7.92584   6.49199   -7.67018  1.000 18.02965 ? 43  GLN A HG3  1 
ATOM   717  H HE21 . GLN A 1 45 ? 9.61442   7.96484   -7.10428  1.000 19.58473 ? 43  GLN A HE21 1 
ATOM   718  H HE22 . GLN A 1 45 ? 10.99400  7.81242   -7.64495  1.000 19.58473 ? 43  GLN A HE22 1 
ATOM   719  N N    . ARG A 1 46 ? 8.51966   4.29122   -6.19068  1.000 10.80941 ? 44  ARG A N    1 
ATOM   720  C CA   . ARG A 1 46 ? 8.09033   4.49362   -4.81721  1.000 9.94389  ? 44  ARG A CA   1 
ATOM   721  C C    . ARG A 1 46 ? 6.89659   5.45048   -4.78142  1.000 9.44035  ? 44  ARG A C    1 
ATOM   722  O O    . ARG A 1 46 ? 6.91719   6.48208   -5.46309  1.000 10.11267 ? 44  ARG A O    1 
ATOM   723  C CB   . ARG A 1 46 ? 9.25304   5.10231   -4.03195  1.000 9.78614  ? 44  ARG A CB   1 
ATOM   724  C CG   . ARG A 1 46 ? 8.99224   5.25614   -2.55580  1.000 10.46248 ? 44  ARG A CG   1 
ATOM   725  C CD   . ARG A 1 46 ? 10.16963  5.93238   -1.85264  1.000 10.61576 ? 44  ARG A CD   1 
ATOM   726  N NE   . ARG A 1 46 ? 10.30450  7.33254   -2.23413  1.000 9.78672  ? 44  ARG A NE   1 
ATOM   727  C CZ   . ARG A 1 46 ? 11.15737  7.80617   -3.13720  1.000 9.73666  ? 44  ARG A CZ   1 
ATOM   728  N NH1  . ARG A 1 46 ? 12.03841  7.02906   -3.74557  1.000 9.62792  ? 44  ARG A NH1  1 
ATOM   729  N NH2  . ARG A 1 46 ? 11.12478  9.09808   -3.44030  1.000 10.45642 ? 44  ARG A NH2  1 
ATOM   730  H H    . ARG A 1 46 ? 9.36264   4.40133   -6.32056  1.000 12.96948 ? 44  ARG A H    1 
ATOM   731  H HA   . ARG A 1 46 ? 7.82215   3.65229   -4.41579  1.000 11.93086 ? 44  ARG A HA   1 
ATOM   732  H HB2  . ARG A 1 46 ? 10.02940  4.53000   -4.13496  1.000 11.74156 ? 44  ARG A HB2  1 
ATOM   733  H HB3  . ARG A 1 46 ? 9.44083   5.98386   -4.39045  1.000 11.74156 ? 44  ARG A HB3  1 
ATOM   734  H HG2  . ARG A 1 46 ? 8.20193   5.80275   -2.42340  1.000 12.55316 ? 44  ARG A HG2  1 
ATOM   735  H HG3  . ARG A 1 46 ? 8.86059   4.38091   -2.15887  1.000 12.55316 ? 44  ARG A HG3  1 
ATOM   736  H HD2  . ARG A 1 46 ? 10.03396  5.89187   -0.89302  1.000 12.73711 ? 44  ARG A HD2  1 
ATOM   737  H HD3  . ARG A 1 46 ? 10.99007  5.47327   -2.09137  1.000 12.73711 ? 44  ARG A HD3  1 
ATOM   738  H HE   . ARG A 1 46 ? 9.78968   7.89932   -1.84256  1.000 11.74225 ? 44  ARG A HE   1 
ATOM   739  H HH11 . ARG A 1 46 ? 12.07145  6.18980   -3.56078  1.000 11.55170 ? 44  ARG A HH11 1 
ATOM   740  H HH12 . ARG A 1 46 ? 12.57810  7.36316   -4.32584  1.000 11.55170 ? 44  ARG A HH12 1 
ATOM   741  H HH21 . ARG A 1 46 ? 10.55728  9.61617   -3.05413  1.000 12.54589 ? 44  ARG A HH21 1 
ATOM   742  H HH22 . ARG A 1 46 ? 11.67116  9.41701   -4.02283  1.000 12.54589 ? 44  ARG A HH22 1 
ATOM   743  N N    . PRO A 1 47 ? 5.85377   5.16452   -3.99549  1.000 9.16773  ? 45  PRO A N    1 
ATOM   744  C CA   . PRO A 1 47 ? 4.76072   6.13096   -3.84998  1.000 9.50252  ? 45  PRO A CA   1 
ATOM   745  C C    . PRO A 1 47 ? 5.27432   7.45860   -3.32403  1.000 8.88190  ? 45  PRO A C    1 
ATOM   746  O O    . PRO A 1 47 ? 6.27825   7.51486   -2.60632  1.000 8.95980  ? 45  PRO A O    1 
ATOM   747  C CB   . PRO A 1 47 ? 3.82782   5.46756   -2.83162  1.000 10.86366 ? 45  PRO A CB   1 
ATOM   748  C CG   . PRO A 1 47 ? 4.10332   4.01569   -2.95348  1.000 11.25817 ? 45  PRO A CG   1 
ATOM   749  C CD   . PRO A 1 47 ? 5.57166   3.91964   -3.26312  1.000 10.64180 ? 45  PRO A CD   1 
ATOM   750  H HA   . PRO A 1 47 ? 4.29746   6.25744   -4.69277  1.000 11.40122 ? 45  PRO A HA   1 
ATOM   751  H HB2  . PRO A 1 47 ? 4.03244   5.78655   -1.93872  1.000 13.03458 ? 45  PRO A HB2  1 
ATOM   752  H HB3  . PRO A 1 47 ? 2.90400   5.66578   -3.05113  1.000 13.03458 ? 45  PRO A HB3  1 
ATOM   753  H HG2  . PRO A 1 47 ? 3.89578   3.56900   -2.11784  1.000 13.50800 ? 45  PRO A HG2  1 
ATOM   754  H HG3  . PRO A 1 47 ? 3.57252   3.63813   -3.67224  1.000 13.50800 ? 45  PRO A HG3  1 
ATOM   755  H HD2  . PRO A 1 47 ? 6.09321   3.87529   -2.44647  1.000 12.76835 ? 45  PRO A HD2  1 
ATOM   756  H HD3  . PRO A 1 47 ? 5.75639   3.14521   -3.81721  1.000 12.76835 ? 45  PRO A HD3  1 
ATOM   757  N N    . SER A 1 48 ? 4.55489   8.52493   -3.67163  1.000 8.58459  ? 46  SER A N    1 
ATOM   758  C CA   . SER A 1 48 ? 4.89241   9.84312   -3.16218  1.000 9.02908  ? 46  SER A CA   1 
ATOM   759  C C    . SER A 1 48 ? 4.81121   9.84796   -1.64197  1.000 8.53013  ? 46  SER A C    1 
ATOM   760  O O    . SER A 1 48 ? 4.14489   9.01034   -1.03373  1.000 8.56810  ? 46  SER A O    1 
ATOM   761  C CB   . SER A 1 48 ? 3.91388   10.87720  -3.68599  1.000 9.49985  ? 46  SER A CB   1 
ATOM   762  O OG   . SER A 1 48 ? 2.65868   10.68569  -3.06071  1.000 10.15520 ? 46  SER A OG   1 
ATOM   763  H H    . SER A 1 48 ? 3.87370   8.50792   -4.19630  1.000 10.29970 ? 46  SER A H    1 
ATOM   764  H HA   . SER A 1 48 ? 5.79009   10.07486  -3.44745  1.000 10.83309 ? 46  SER A HA   1 
ATOM   765  H HB2  . SER A 1 48 ? 4.24381   11.76621  -3.48176  1.000 11.39801 ? 46  SER A HB2  1 
ATOM   766  H HB3  . SER A 1 48 ? 3.81592   10.77193  -4.64526  1.000 11.39801 ? 46  SER A HB3  1 
ATOM   767  H HG   . SER A 1 48 ? 2.10121   11.23802  -3.36031  1.000 12.18443 ? 46  SER A HG   1 
ATOM   768  N N    . ALA A 1 49 ? 5.46713   10.83142  -1.02277  1.000 7.89757  ? 47  ALA A N    1 
ATOM   769  C CA   . ALA A 1 49 ? 5.53172   10.84210  0.43137   1.000 8.24193  ? 47  ALA A CA   1 
ATOM   770  C C    . ALA A 1 49 ? 4.14401   10.91897  1.05492   1.000 8.05396  ? 47  ALA A C    1 
ATOM   771  O O    . ALA A 1 49 ? 3.87912   10.25705  2.06191   1.000 7.81731  ? 47  ALA A O    1 
ATOM   772  C CB   . ALA A 1 49 ? 6.42567   11.97878  0.91861   1.000 8.88774  ? 47  ALA A CB   1 
ATOM   773  H H    . ALA A 1 49 ? 5.87022   11.48344  -1.41263  1.000 9.47527  ? 47  ALA A H    1 
ATOM   774  H HA   . ALA A 1 49 ? 5.93540   10.01141  0.72785   1.000 9.88851  ? 47  ALA A HA   1 
ATOM   775  H HB1  . ALA A 1 49 ? 6.46736   11.95467  1.88741   1.000 10.66347 ? 47  ALA A HB1  1 
ATOM   776  H HB2  . ALA A 1 49 ? 7.31397   11.86370  0.54633   1.000 10.66347 ? 47  ALA A HB2  1 
ATOM   777  H HB3  . ALA A 1 49 ? 6.05070   12.82367  0.62458   1.000 10.66347 ? 47  ALA A HB3  1 
ATOM   778  N N    . GLU A 1 50 ? 3.24434   11.72809  0.49506   1.000 9.12330  ? 48  GLU A N    1 
ATOM   779  C CA   . GLU A 1 50 ? 1.91541   11.79597  1.10024   1.000 9.82759  ? 48  GLU A CA   1 
ATOM   780  C C    . GLU A 1 50 ? 1.16085   10.48282  0.95613   1.000 8.38944  ? 48  GLU A C    1 
ATOM   781  O O    . GLU A 1 50 ? 0.44048   10.08488  1.87332   1.000 8.62116  ? 48  GLU A O    1 
ATOM   782  C CB   . GLU A 1 50 ? 1.11652   12.98046  0.58128   1.000 12.08319 ? 48  GLU A CB   1 
ATOM   783  C CG   . GLU A 1 50 ? 0.70931   12.83990  -0.81502  1.000 14.07832 ? 48  GLU A CG   1 
ATOM   784  C CD   . GLU A 1 50 ? 0.19007   14.14513  -1.35967  1.000 15.74883 ? 48  GLU A CD   1 
ATOM   785  O OE1  . GLU A 1 50 ? 1.00181   15.08924  -1.48982  1.000 16.98335 ? 48  GLU A OE1  1 
ATOM   786  O OE2  . GLU A 1 50 ? -1.02767  14.24393  -1.62665  1.000 16.19514 ? 48  GLU A OE2  1 
ATOM   787  H H    . GLU A 1 50 ? 3.37087   12.22163  -0.19777  1.000 10.94616 ? 48  GLU A H    1 
ATOM   788  H HA   . GLU A 1 50 ? 2.03069   11.95508  2.05014   1.000 11.79130 ? 48  GLU A HA   1 
ATOM   789  H HB2  . GLU A 1 50 ? 0.31361   13.07545  1.11722   1.000 14.49802 ? 48  GLU A HB2  1 
ATOM   790  H HB3  . GLU A 1 50 ? 1.66019   13.78052  0.65353   1.000 14.49802 ? 48  GLU A HB3  1 
ATOM   791  H HG2  . GLU A 1 50 ? 1.47226   12.56623  -1.34787  1.000 16.89218 ? 48  GLU A HG2  1 
ATOM   792  H HG3  . GLU A 1 50 ? 0.00405   12.17717  -0.88053  1.000 16.89218 ? 48  GLU A HG3  1 
ATOM   793  N N    . LYS A 1 51 ? 1.30995   9.79055   -0.17349  1.000 8.13890  ? 49  LYS A N    1 
ATOM   794  C CA   . LYS A 1 51 ? 0.59195   8.52974   -0.33668  1.000 7.29837  ? 49  LYS A CA   1 
ATOM   795  C C    . LYS A 1 51 ? 1.21620   7.41372   0.48847   1.000 6.47434  ? 49  LYS A C    1 
ATOM   796  O O    . LYS A 1 51 ? 0.50069   6.55019   1.00455   1.000 6.35280  ? 49  LYS A O    1 
ATOM   797  C CB   . LYS A 1 51 ? 0.46824   8.17246   -1.81530  1.000 8.44541  ? 49  LYS A CB   1 
ATOM   798  C CG   . LYS A 1 51 ? -0.33312  9.19519   -2.61386  1.000 8.76849  ? 49  LYS A CG   1 
ATOM   799  C CD   . LYS A 1 51 ? -1.70088  9.51815   -1.99286  1.000 8.60312  ? 49  LYS A CD   1 
ATOM   800  C CE   . LYS A 1 51 ? -2.53077  10.39037  -2.91030  1.000 8.50389  ? 49  LYS A CE   1 
ATOM   801  N NZ   . LYS A 1 51 ? -3.80695  10.78635  -2.26332  1.000 8.96687  ? 49  LYS A NZ   1 
ATOM   802  H H    . LYS A 1 51 ? 1.80434   10.02148  -0.83822  1.000 9.76487  ? 49  LYS A H    1 
ATOM   803  H HA   . LYS A 1 51 ? -0.31352  8.63802   -0.00609  1.000 8.75623  ? 49  LYS A HA   1 
ATOM   804  H HB2  . LYS A 1 51 ? 1.35655   8.12135   -2.20156  1.000 10.13269 ? 49  LYS A HB2  1 
ATOM   805  H HB3  . LYS A 1 51 ? 0.02195   7.31493   -1.89505  1.000 10.13269 ? 49  LYS A HB3  1 
ATOM   806  H HG2  . LYS A 1 51 ? 0.17285   10.02129  -2.66338  1.000 10.52037 ? 49  LYS A HG2  1 
ATOM   807  H HG3  . LYS A 1 51 ? -0.48704  8.84644   -3.50581  1.000 10.52037 ? 49  LYS A HG3  1 
ATOM   808  H HD2  . LYS A 1 51 ? -2.18562  8.69291   -1.83501  1.000 10.32194 ? 49  LYS A HD2  1 
ATOM   809  H HD3  . LYS A 1 51 ? -1.57081  9.99170   -1.15636  1.000 10.32194 ? 49  LYS A HD3  1 
ATOM   810  H HE2  . LYS A 1 51 ? -2.03413  11.19505  -3.12651  1.000 10.20286 ? 49  LYS A HE2  1 
ATOM   811  H HE3  . LYS A 1 51 ? -2.73750  9.90012   -3.72137  1.000 10.20286 ? 49  LYS A HE3  1 
ATOM   812  H HZ1  . LYS A 1 51 ? -4.26779  11.32369  -2.80275  1.000 10.75844 ? 49  LYS A HZ1  1 
ATOM   813  H HZ2  . LYS A 1 51 ? -4.29641  10.06396  -2.08819  1.000 10.75844 ? 49  LYS A HZ2  1 
ATOM   814  H HZ3  . LYS A 1 51 ? -3.64162  11.21497  -1.50106  1.000 10.75844 ? 49  LYS A HZ3  1 
ATOM   815  N N    . LEU A 1 52 ? 2.54165   7.40986   0.61416   1.000 6.64124  ? 50  LEU A N    1 
ATOM   816  C CA   . LEU A 1 52 ? 3.18406   6.46836   1.51522   1.000 6.69171  ? 50  LEU A CA   1 
ATOM   817  C C    . LEU A 1 52 ? 2.71289   6.68662   2.94769   1.000 6.25480  ? 50  LEU A C    1 
ATOM   818  O O    . LEU A 1 52 ? 2.45786   5.72195   3.68000   1.000 6.70250  ? 50  LEU A O    1 
ATOM   819  C CB   . LEU A 1 52 ? 4.69309   6.62706   1.40190   1.000 8.00222  ? 50  LEU A CB   1 
ATOM   820  C CG   . LEU A 1 52 ? 5.51909   5.45931   1.88622   1.000 10.15605 ? 50  LEU A CG   1 
ATOM   821  C CD1  . LEU A 1 52 ? 5.20767   4.21605   1.05131   1.000 11.37458 ? 50  LEU A CD1  1 
ATOM   822  C CD2  . LEU A 1 52 ? 6.98510   5.80527   1.80703   1.000 11.38827 ? 50  LEU A CD2  1 
ATOM   823  H H    . LEU A 1 52 ? 3.07970   7.93388   0.19523   1.000 7.96768  ? 50  LEU A H    1 
ATOM   824  H HA   . LEU A 1 52 ? 2.95539   5.55906   1.26668   1.000 8.02825  ? 50  LEU A HA   1 
ATOM   825  H HB2  . LEU A 1 52 ? 4.91325   6.76686   0.46762   1.000 9.60086  ? 50  LEU A HB2  1 
ATOM   826  H HB3  . LEU A 1 52 ? 4.95592   7.40110   1.92410   1.000 9.60086  ? 50  LEU A HB3  1 
ATOM   827  H HG   . LEU A 1 52 ? 5.30275   5.26108   2.81078   1.000 12.18545 ? 50  LEU A HG   1 
ATOM   828  H HD11 . LEU A 1 52 ? 5.91262   3.56281   1.18253   1.000 13.64768 ? 50  LEU A HD11 1 
ATOM   829  H HD12 . LEU A 1 52 ? 4.35759   3.84756   1.33850   1.000 13.64768 ? 50  LEU A HD12 1 
ATOM   830  H HD13 . LEU A 1 52 ? 5.15993   4.46775   0.11574   1.000 13.64768 ? 50  LEU A HD13 1 
ATOM   831  H HD21 . LEU A 1 52 ? 7.50417   5.06115   2.15019   1.000 13.66411 ? 50  LEU A HD21 1 
ATOM   832  H HD22 . LEU A 1 52 ? 7.22031   5.97355   0.88115   1.000 13.66411 ? 50  LEU A HD22 1 
ATOM   833  H HD23 . LEU A 1 52 ? 7.15164   6.59841   2.34003   1.000 13.66411 ? 50  LEU A HD23 1 
ATOM   834  N N    . THR A 1 53 ? 2.58532   7.95798   3.35766   1.000 5.89730  ? 51  THR A N    1 
ATOM   835  C CA   . THR A 1 53 ? 2.08448   8.27573   4.69028   1.000 6.49983  ? 51  THR A CA   1 
ATOM   836  C C    . THR A 1 53 ? 0.65393   7.77937   4.86431   1.000 6.49132  ? 51  THR A C    1 
ATOM   837  O O    . THR A 1 53 ? 0.32250   7.16044   5.88180   1.000 7.04325  ? 51  THR A O    1 
ATOM   838  C CB   . THR A 1 53 ? 2.16798   9.78734   4.92658   1.000 7.22711  ? 51  THR A CB   1 
ATOM   839  O OG1  . THR A 1 53 ? 3.54646   10.17747  4.91347   1.000 7.38913  ? 51  THR A OG1  1 
ATOM   840  C CG2  . THR A 1 53 ? 1.55991   10.16102  6.26766   1.000 8.56680  ? 51  THR A CG2  1 
ATOM   841  H H    . THR A 1 53 ? 2.78212   8.64706   2.88222   1.000 7.07496  ? 51  THR A H    1 
ATOM   842  H HA   . THR A 1 53 ? 2.63774   7.83702   5.35536   1.000 7.79799  ? 51  THR A HA   1 
ATOM   843  H HB   . THR A 1 53 ? 1.67684   10.25522  4.23320   1.000 8.67072  ? 51  THR A HB   1 
ATOM   844  H HG1  . THR A 1 53 ? 3.84797   10.14086  4.13030   1.000 8.86514  ? 51  THR A HG1  1 
ATOM   845  H HG21 . THR A 1 53 ? 1.74404   11.09219  6.46750   1.000 10.27835 ? 51  THR A HG21 1 
ATOM   846  H HG22 . THR A 1 53 ? 0.59936   10.02788  6.24503   1.000 10.27835 ? 51  THR A HG22 1 
ATOM   847  H HG23 . THR A 1 53 ? 1.93797   9.60781   6.96904   1.000 10.27835 ? 51  THR A HG23 1 
ATOM   848  N N    . ALA A 1 54 ? -0.20473  8.01040   3.86456   1.000 6.23459  ? 52  ALA A N    1 
ATOM   849  C CA   . ALA A 1 54 ? -1.58816  7.55608   3.97358   1.000 6.47293  ? 52  ALA A CA   1 
ATOM   850  C C    . ALA A 1 54 ? -1.65978  6.03737   4.06757   1.000 5.92908  ? 52  ALA A C    1 
ATOM   851  O O    . ALA A 1 54 ? -2.41007  5.49210   4.88394   1.000 6.47101  ? 52  ALA A O    1 
ATOM   852  C CB   . ALA A 1 54 ? -2.42084  8.07188   2.79839   1.000 7.09169  ? 52  ALA A CB   1 
ATOM   853  H H    . ALA A 1 54 ? -0.01339  8.41809   3.13191   1.000 7.47970  ? 52  ALA A H    1 
ATOM   854  H HA   . ALA A 1 54 ? -1.97020  7.92701   4.78436   1.000 7.76570  ? 52  ALA A HA   1 
ATOM   855  H HB1  . ALA A 1 54 ? -3.33802  7.77543   2.90703   1.000 8.50822  ? 52  ALA A HB1  1 
ATOM   856  H HB2  . ALA A 1 54 ? -2.38558  9.04117   2.78772   1.000 8.50822  ? 52  ALA A HB2  1 
ATOM   857  H HB3  . ALA A 1 54 ? -2.05458  7.71844   1.97265   1.000 8.50822  ? 52  ALA A HB3  1 
ATOM   858  N N    . LEU A 1 55 ? -0.90233  5.33495   3.21741   1.000 5.76592  ? 53  LEU A N    1 
ATOM   859  C CA   . LEU A 1 55 ? -0.93078  3.87579   3.22224   1.000 5.53068  ? 53  LEU A CA   1 
ATOM   860  C C    . LEU A 1 55 ? -0.42558  3.33128   4.54602   1.000 5.88040  ? 53  LEU A C    1 
ATOM   861  O O    . LEU A 1 55 ? -1.04739  2.44831   5.14235   1.000 6.26459  ? 53  LEU A O    1 
ATOM   862  C CB   . LEU A 1 55 ? -0.12490  3.31671   2.04533   1.000 5.89430  ? 53  LEU A CB   1 
ATOM   863  C CG   . LEU A 1 55 ? -0.74251  3.52711   0.66466   1.000 6.35895  ? 53  LEU A CG   1 
ATOM   864  C CD1  . LEU A 1 55 ? 0.28094   3.28760   -0.41289  1.000 7.66908  ? 53  LEU A CD1  1 
ATOM   865  C CD2  . LEU A 1 55 ? -1.95456  2.63768   0.47723   1.000 7.13648  ? 53  LEU A CD2  1 
ATOM   866  H H    . LEU A 1 55 ? -0.37028  5.67830   2.63549   1.000 6.91729  ? 53  LEU A H    1 
ATOM   867  H HA   . LEU A 1 55 ? -1.84729  3.58008   3.10616   1.000 6.63500  ? 53  LEU A HA   1 
ATOM   868  H HB2  . LEU A 1 55 ? 0.74502   3.74581   2.04129   1.000 7.07135  ? 53  LEU A HB2  1 
ATOM   869  H HB3  . LEU A 1 55 ? -0.02265  2.36068   2.17362   1.000 7.07135  ? 53  LEU A HB3  1 
ATOM   870  H HG   . LEU A 1 55 ? -1.04203  4.44651   0.58806   1.000 7.62893  ? 53  LEU A HG   1 
ATOM   871  H HD11 . LEU A 1 55 ? -0.12756  3.44861   -1.27782  1.000 9.20109  ? 53  LEU A HD11 1 
ATOM   872  H HD12 . LEU A 1 55 ? 1.02625   3.89425   -0.28101  1.000 9.20109  ? 53  LEU A HD12 1 
ATOM   873  H HD13 . LEU A 1 55 ? 0.58826   2.36921   -0.35803  1.000 9.20109  ? 53  LEU A HD13 1 
ATOM   874  H HD21 . LEU A 1 55 ? -2.28175  2.73692   -0.43051  1.000 8.56196  ? 53  LEU A HD21 1 
ATOM   875  H HD22 . LEU A 1 55 ? -1.69780  1.71610   0.63739   1.000 8.56196  ? 53  LEU A HD22 1 
ATOM   876  H HD23 . LEU A 1 55 ? -2.64209  2.90383   1.10760   1.000 8.56196  ? 53  LEU A HD23 1 
ATOM   877  N N    . ALA A 1 56 ? 0.70353   3.85532   5.02804   1.000 5.79699  ? 54  ALA A N    1 
ATOM   878  C CA   . ALA A 1 56 ? 1.25498   3.37306   6.28768   1.000 6.51509  ? 54  ALA A CA   1 
ATOM   879  C C    . ALA A 1 56 ? 0.28811   3.62178   7.43718   1.000 6.44527  ? 54  ALA A C    1 
ATOM   880  O O    . ALA A 1 56 ? 0.03622   2.73132   8.25223   1.000 6.77057  ? 54  ALA A O    1 
ATOM   881  C CB   . ALA A 1 56 ? 2.60226   4.04636   6.54697   1.000 7.17560  ? 54  ALA A CB   1 
ATOM   882  H H    . ALA A 1 56 ? 1.15907   4.47925   4.65015   1.000 6.95458  ? 54  ALA A H    1 
ATOM   883  H HA   . ALA A 1 56 ? 1.40257   2.41620   6.22827   1.000 7.81630  ? 54  ALA A HA   1 
ATOM   884  H HB1  . ALA A 1 56 ? 2.96100   3.72160   7.38764   1.000 8.60891  ? 54  ALA A HB1  1 
ATOM   885  H HB2  . ALA A 1 56 ? 3.20893   3.82833   5.82219   1.000 8.60891  ? 54  ALA A HB2  1 
ATOM   886  H HB3  . ALA A 1 56 ? 2.47202   5.00653   6.59182   1.000 8.60891  ? 54  ALA A HB3  1 
ATOM   887  N N    . ASP A 1 57 ? -0.27274  4.82783   7.51593   1.000 6.81112  ? 55  ASP A N    1 
ATOM   888  C CA   . ASP A 1 57 ? -1.20143  5.11945   8.60207   1.000 7.75240  ? 55  ASP A CA   1 
ATOM   889  C C    . ASP A 1 57 ? -2.45710  4.25074   8.51826   1.000 7.50690  ? 55  ASP A C    1 
ATOM   890  O O    . ASP A 1 57 ? -2.97121  3.79762   9.54909   1.000 9.10329  ? 55  ASP A O    1 
ATOM   891  C CB   . ASP A 1 57 ? -1.59027  6.59532   8.59395   1.000 8.86827  ? 55  ASP A CB   1 
ATOM   892  C CG   . ASP A 1 57 ? -0.53413  7.50337   9.23232   1.000 10.72473 ? 55  ASP A CG   1 
ATOM   893  O OD1  . ASP A 1 57 ? 0.61462   7.08191   9.49840   1.000 12.56868 ? 55  ASP A OD1  1 
ATOM   894  O OD2  . ASP A 1 57 ? -0.86673  8.68677   9.44719   1.000 11.49412 ? 55  ASP A OD2  1 
ATOM   895  H H    . ASP A 1 57 ? -0.13569  5.47642   6.96808   1.000 8.17153  ? 55  ASP A H    1 
ATOM   896  H HA   . ASP A 1 57 ? -0.75106  4.92755   9.43948   1.000 9.30107  ? 55  ASP A HA   1 
ATOM   897  H HB2  . ASP A 1 57 ? -1.71400  6.88246   7.67572   1.000 10.64011 ? 55  ASP A HB2  1 
ATOM   898  H HB3  . ASP A 1 57 ? -2.41649  6.70517   9.09011   1.000 10.64011 ? 55  ASP A HB3  1 
ATOM   899  N N    . ALA A 1 58 ? -2.95815  3.99463   7.30149   1.000 7.19588  ? 56  ALA A N    1 
ATOM   900  C CA   . ALA A 1 58 ? -4.13478  3.14354   7.14460   1.000 7.55669  ? 56  ALA A CA   1 
ATOM   901  C C    . ALA A 1 58 ? -3.86877  1.74259   7.66416   1.000 8.12368  ? 56  ALA A C    1 
ATOM   902  O O    . ALA A 1 58 ? -4.78387  1.07006   8.15021   1.000 10.10208 ? 56  ALA A O    1 
ATOM   903  C CB   . ALA A 1 58 ? -4.53008  3.07556   5.67279   1.000 7.82672  ? 56  ALA A CB   1 
ATOM   904  H H    . ALA A 1 58 ? -2.63739  4.29880   6.56379   1.000 8.63324  ? 56  ALA A H    1 
ATOM   905  H HA   . ALA A 1 58 ? -4.87140  3.52742   7.64553   1.000 9.06622  ? 56  ALA A HA   1 
ATOM   906  H HB1  . ALA A 1 58 ? -5.32879  2.53217   5.58509   1.000 9.39025  ? 56  ALA A HB1  1 
ATOM   907  H HB2  . ALA A 1 58 ? -4.70411  3.97384   5.35072   1.000 9.39025  ? 56  ALA A HB2  1 
ATOM   908  H HB3  . ALA A 1 58 ? -3.80283  2.67846   5.16848   1.000 9.39025  ? 56  ALA A HB3  1 
ATOM   909  N N    . LEU A 1 59 ? -2.62477  1.28998   7.56495   1.000 6.54260  ? 57  LEU A N    1 
ATOM   910  C CA   . LEU A 1 59 ? -2.25175  -0.07379  7.89361   1.000 7.26935  ? 57  LEU A CA   1 
ATOM   911  C C    . LEU A 1 59 ? -1.62315  -0.20612  9.27475   1.000 7.68483  ? 57  LEU A C    1 
ATOM   912  O O    . LEU A 1 59 ? -1.29554  -1.32100  9.68745   1.000 9.11470  ? 57  LEU A O    1 
ATOM   913  C CB   . LEU A 1 59 ? -1.31797  -0.62342  6.80989   1.000 7.17178  ? 57  LEU A CB   1 
ATOM   914  C CG   . LEU A 1 59 ? -1.98805  -0.67143  5.42720   1.000 8.46009  ? 57  LEU A CG   1 
ATOM   915  C CD1  . LEU A 1 59 ? -0.95733  -1.00948  4.37812   1.000 8.78674  ? 57  LEU A CD1  1 
ATOM   916  C CD2  . LEU A 1 59 ? -3.13955  -1.65489  5.40446   1.000 9.35249  ? 57  LEU A CD2  1 
ATOM   917  H H    . LEU A 1 59 ? -1.96173  1.77018   7.30153   1.000 7.84932  ? 57  LEU A H    1 
ATOM   918  H HA   . LEU A 1 59 ? -3.04627  -0.63019  7.90101   1.000 8.72141  ? 57  LEU A HA   1 
ATOM   919  H HB2  . LEU A 1 59 ? -0.53589  -0.05304  6.74724   1.000 8.60433  ? 57  LEU A HB2  1 
ATOM   920  H HB3  . LEU A 1 59 ? -1.05255  -1.52531  7.04875   1.000 8.60433  ? 57  LEU A HB3  1 
ATOM   921  H HG   . LEU A 1 59 ? -2.36347  0.19911   5.22202   1.000 10.15030 ? 57  LEU A HG   1 
ATOM   922  H HD11 . LEU A 1 59 ? -1.39187  -1.05684  3.51219   1.000 10.54227 ? 57  LEU A HD11 1 
ATOM   923  H HD12 . LEU A 1 59 ? -0.27704  -0.31809  4.36946   1.000 10.54227 ? 57  LEU A HD12 1 
ATOM   924  H HD13 . LEU A 1 59 ? -0.55598  -1.86574  4.59409   1.000 10.54227 ? 57  LEU A HD13 1 
ATOM   925  H HD21 . LEU A 1 59 ? -3.43376  -1.77554  4.48807   1.000 11.22118 ? 57  LEU A HD21 1 
ATOM   926  H HD22 . LEU A 1 59 ? -2.83883  -2.50175  5.76955   1.000 11.22118 ? 57  LEU A HD22 1 
ATOM   927  H HD23 . LEU A 1 59 ? -3.86640  -1.30257  5.94157   1.000 11.22118 ? 57  LEU A HD23 1 
ATOM   928  N N    . GLY A 1 60 ? -1.42972  0.90087   9.99276   1.000 7.59885  ? 58  GLY A N    1 
ATOM   929  C CA   . GLY A 1 60 ? -0.90436  0.84140   11.34390  1.000 7.43435  ? 58  GLY A CA   1 
ATOM   930  C C    . GLY A 1 60 ? 0.58928   0.64114   11.44644  1.000 7.31998  ? 58  GLY A C    1 
ATOM   931  O O    . GLY A 1 60 ? 1.06709   0.26587   12.51414  1.000 8.88743  ? 58  GLY A O    1 
ATOM   932  H H    . GLY A 1 60 ? -1.59689  1.69737   9.71482   1.000 9.11681  ? 58  GLY A H    1 
ATOM   933  H HA2  . GLY A 1 60 ? -1.12155  1.67126   11.79672  1.000 8.91941  ? 58  GLY A HA2  1 
ATOM   934  H HA3  . GLY A 1 60 ? -1.33229  0.10606   11.80977  1.000 8.91941  ? 58  GLY A HA3  1 
ATOM   935  N N    . VAL A 1 61 ? 1.34102   0.87670   10.37281  1.000 6.55005  ? 59  VAL A N    1 
ATOM   936  C CA   . VAL A 1 61 ? 2.78474   0.67615   10.35239  1.000 6.99219  ? 59  VAL A CA   1 
ATOM   937  C C    . VAL A 1 61 ? 3.47742   2.01466   10.08561  1.000 6.84022  ? 59  VAL A C    1 
ATOM   938  O O    . VAL A 1 61 ? 2.85781   2.98578   9.67660   1.000 7.49930  ? 59  VAL A O    1 
ATOM   939  C CB   . VAL A 1 61 ? 3.20813   -0.39088  9.32021   1.000 7.78599  ? 59  VAL A CB   1 
ATOM   940  C CG1  . VAL A 1 61 ? 2.62604   -1.75339  9.68477   1.000 9.02292  ? 59  VAL A CG1  1 
ATOM   941  C CG2  . VAL A 1 61 ? 2.79990   0.03505   7.92047   1.000 7.42913  ? 59  VAL A CG2  1 
ATOM   942  H H    . VAL A 1 61 ? 1.02694   1.16110   9.62443   1.000 7.85825  ? 59  VAL A H    1 
ATOM   943  H HA   . VAL A 1 61 ? 3.07070   0.37597   11.22932  1.000 8.38882  ? 59  VAL A HA   1 
ATOM   944  H HB   . VAL A 1 61 ? 4.17419   -0.47779  9.33000   1.000 9.34138  ? 59  VAL A HB   1 
ATOM   945  H HG11 . VAL A 1 61 ? 2.94982   -2.41441  9.05301   1.000 10.82570 ? 59  VAL A HG11 1 
ATOM   946  H HG12 . VAL A 1 61 ? 2.90878   -1.98761  10.58261  1.000 10.82570 ? 59  VAL A HG12 1 
ATOM   947  H HG13 . VAL A 1 61 ? 1.65811   -1.70415  9.64507   1.000 10.82570 ? 59  VAL A HG13 1 
ATOM   948  H HG21 . VAL A 1 61 ? 3.03711   -0.66728  7.29488   1.000 8.91315  ? 59  VAL A HG21 1 
ATOM   949  H HG22 . VAL A 1 61 ? 1.84160   0.18413   7.90262   1.000 8.91315  ? 59  VAL A HG22 1 
ATOM   950  H HG23 . VAL A 1 61 ? 3.26639   0.85394   7.69089   1.000 8.91315  ? 59  VAL A HG23 1 
ATOM   951  N N    . GLY A 1 62 ? 4.78913   2.05240   10.29441  1.000 6.76605  ? 60  GLY A N    1 
ATOM   952  C CA   . GLY A 1 62 ? 5.54348   3.23250   9.91858   1.000 7.11101  ? 60  GLY A CA   1 
ATOM   953  C C    . GLY A 1 62 ? 5.81703   3.27662   8.42425   1.000 6.37136  ? 60  GLY A C    1 
ATOM   954  O O    . GLY A 1 62 ? 5.88409   2.24894   7.75835   1.000 6.32543  ? 60  GLY A O    1 
ATOM   955  H H    . GLY A 1 62 ? 5.25359   1.41926   10.64512  1.000 8.11745  ? 60  GLY A H    1 
ATOM   956  H HA2  . GLY A 1 62 ? 5.04395   4.02696   10.16393  1.000 8.53140  ? 60  GLY A HA2  1 
ATOM   957  H HA3  . GLY A 1 62 ? 6.39262   3.23603   10.38745  1.000 8.53140  ? 60  GLY A HA3  1 
ATOM   958  N N    . THR A 1 63 ? 6.02986   4.47877   7.87563   1.000 6.26510  ? 61  THR A N    1 
ATOM   959  C CA   . THR A 1 63 ? 6.47825   4.54480   6.48789   1.000 6.96039  ? 61  THR A CA   1 
ATOM   960  C C    . THR A 1 63 ? 7.78593   3.79101   6.29841   1.000 6.29905  ? 61  THR A C    1 
ATOM   961  O O    . THR A 1 63 ? 8.04172   3.26213   5.21208   1.000 6.85905  ? 61  THR A O    1 
ATOM   962  C CB   . THR A 1 63 ? 6.63321   5.98617   6.00971   1.000 8.58937  ? 61  THR A CB   1 
ATOM   963  O OG1  . THR A 1 63 ? 7.55454   6.66116   6.86419   1.000 10.35938 ? 61  THR A OG1  1 
ATOM   964  C CG2  . THR A 1 63 ? 5.29438   6.70652   5.98123   1.000 9.15823  ? 61  THR A CG2  1 
ATOM   965  H H    . THR A 1 63 ? 5.92577   5.23568   8.27040   1.000 7.51631  ? 61  THR A H    1 
ATOM   966  H HA   . THR A 1 63 ? 5.79251   4.13766   5.93570   1.000 8.35066  ? 61  THR A HA   1 
ATOM   967  H HB   . THR A 1 63 ? 6.97339   5.99813   5.10139   1.000 10.30544 ? 61  THR A HB   1 
ATOM   968  H HG1  . THR A 1 63 ? 7.24180   6.71015   7.64227   1.000 12.42944 ? 61  THR A HG1  1 
ATOM   969  H HG21 . THR A 1 63 ? 5.41441   7.61766   5.67089   1.000 10.98807 ? 61  THR A HG21 1 
ATOM   970  H HG22 . THR A 1 63 ? 4.68366   6.24810   5.38310   1.000 10.98807 ? 61  THR A HG22 1 
ATOM   971  H HG23 . THR A 1 63 ? 4.90876   6.72528   6.87108   1.000 10.98807 ? 61  THR A HG23 1 
ATOM   972  N N    . SER A 1 64 ? 8.61128   3.71851   7.35356   1.000 6.50580  ? 62  SER A N    1 
ATOM   973  C CA   . SER A 1 64 ? 9.86723   2.98064   7.27699   1.000 6.82113  ? 62  SER A CA   1 
ATOM   974  C C    . SER A 1 64 ? 9.65480   1.51404   6.91068   1.000 6.60737  ? 62  SER A C    1 
ATOM   975  O O    . SER A 1 64 ? 10.56506  0.88444   6.36224   1.000 7.43734  ? 62  SER A O    1 
ATOM   976  C CB   . SER A 1 64 ? 10.60528  3.09199   8.60530   1.000 7.84093  ? 62  SER A CB   1 
ATOM   977  O OG   . SER A 1 64 ? 9.80206   2.60512   9.65382   1.000 8.49712  ? 62  SER A OG   1 
ATOM   978  H H    . SER A 1 64 ? 8.46385   4.08649   8.11675   1.000 7.80515  ? 62  SER A H    1 
ATOM   979  H HA   . SER A 1 64 ? 10.41702  3.37563   6.58229   1.000 8.18355  ? 62  SER A HA   1 
ATOM   980  H HB2  . SER A 1 64 ? 11.42082  2.56875   8.56050   1.000 9.40731  ? 62  SER A HB2  1 
ATOM   981  H HB3  . SER A 1 64 ? 10.81751  4.02338   8.77378   1.000 9.40731  ? 62  SER A HB3  1 
ATOM   982  H HG   . SER A 1 64 ? 10.19672  2.70557   10.38850  1.000 10.19474 ? 62  SER A HG   1 
ATOM   983  N N    . PHE A 1 65 ? 8.48224   0.95072   7.22677   1.000 6.19843  ? 63  PHE A N    1 
ATOM   984  C CA   . PHE A 1 65 ? 8.17929   -0.42764  6.84585   1.000 6.48156  ? 63  PHE A CA   1 
ATOM   985  C C    . PHE A 1 65 ? 8.39186   -0.63901  5.35854   1.000 6.65929  ? 63  PHE A C    1 
ATOM   986  O O    . PHE A 1 65 ? 8.87376   -1.69299  4.92950   1.000 7.95176  ? 63  PHE A O    1 
ATOM   987  C CB   . PHE A 1 65 ? 6.72928   -0.74133  7.22385   1.000 6.83045  ? 63  PHE A CB   1 
ATOM   988  C CG   . PHE A 1 65 ? 6.28920   -2.16800  6.94943   1.000 7.19934  ? 63  PHE A CG   1 
ATOM   989  C CD1  . PHE A 1 65 ? 6.83284   -3.24458  7.61835   1.000 8.71630  ? 63  PHE A CD1  1 
ATOM   990  C CD2  . PHE A 1 65 ? 5.26284   -2.41976  6.06086   1.000 8.82490  ? 63  PHE A CD2  1 
ATOM   991  C CE1  . PHE A 1 65 ? 6.38531   -4.53962  7.36240   1.000 9.11627  ? 63  PHE A CE1  1 
ATOM   992  C CE2  . PHE A 1 65 ? 4.81026   -3.70096  5.82670   1.000 9.89873  ? 63  PHE A CE2  1 
ATOM   993  C CZ   . PHE A 1 65 ? 5.38594   -4.75708  6.46798   1.000 9.71247  ? 63  PHE A CZ   1 
ATOM   994  H H    . PHE A 1 65 ? 7.85101   1.34425   7.65837   1.000 7.43631  ? 63  PHE A H    1 
ATOM   995  H HA   . PHE A 1 65 ? 8.76595   -1.03489  7.32333   1.000 7.77606  ? 63  PHE A HA   1 
ATOM   996  H HB2  . PHE A 1 65 ? 6.61789   -0.58035  8.17389   1.000 8.19473  ? 63  PHE A HB2  1 
ATOM   997  H HB3  . PHE A 1 65 ? 6.14609   -0.15463  6.71733   1.000 8.19473  ? 63  PHE A HB3  1 
ATOM   998  H HD1  . PHE A 1 65 ? 7.50452   -3.10516  8.24627   1.000 10.45775 ? 63  PHE A HD1  1 
ATOM   999  H HD2  . PHE A 1 65 ? 4.86768   -1.70883  5.60993   1.000 10.58807 ? 63  PHE A HD2  1 
ATOM   1000 H HE1  . PHE A 1 65 ? 6.77302   -5.25895  7.80640   1.000 10.93772 ? 63  PHE A HE1  1 
ATOM   1001 H HE2  . PHE A 1 65 ? 4.11124   -3.84477  5.23039   1.000 11.87667 ? 63  PHE A HE2  1 
ATOM   1002 H HZ   . PHE A 1 65 ? 5.09571   -5.62332  6.29394   1.000 11.65315 ? 63  PHE A HZ   1 
ATOM   1003 N N    . PHE A 1 66 ? 8.00784   0.34877   4.55184   1.000 6.35435  ? 64  PHE A N    1 
ATOM   1004 C CA   . PHE A 1 66 ? 8.07614   0.25151   3.10443   1.000 7.46823  ? 64  PHE A CA   1 
ATOM   1005 C C    . PHE A 1 66 ? 9.39683   0.74220   2.54972   1.000 9.00037  ? 64  PHE A C    1 
ATOM   1006 O O    . PHE A 1 66 ? 9.72383   0.42481   1.40456   1.000 11.49289 ? 64  PHE A O    1 
ATOM   1007 C CB   . PHE A 1 66 ? 6.93785   1.06816   2.49424   1.000 7.53254  ? 64  PHE A CB   1 
ATOM   1008 C CG   . PHE A 1 66 ? 5.57854   0.58271   2.90940   1.000 8.08017  ? 64  PHE A CG   1 
ATOM   1009 C CD1  . PHE A 1 66 ? 5.12180   -0.66327  2.50737   1.000 8.29922  ? 64  PHE A CD1  1 
ATOM   1010 C CD2  . PHE A 1 66 ? 4.77787   1.33923   3.74131   1.000 9.98092  ? 64  PHE A CD2  1 
ATOM   1011 C CE1  . PHE A 1 66 ? 3.87666   -1.12190  2.89415   1.000 8.84188  ? 64  PHE A CE1  1 
ATOM   1012 C CE2  . PHE A 1 66 ? 3.54597   0.87780   4.13564   1.000 10.93637 ? 64  PHE A CE2  1 
ATOM   1013 C CZ   . PHE A 1 66 ? 3.09623   -0.34437  3.71411   1.000 10.39854 ? 64  PHE A CZ   1 
ATOM   1014 H H    . PHE A 1 66 ? 7.69745   1.10137   4.82906   1.000 7.62341  ? 64  PHE A H    1 
ATOM   1015 H HA   . PHE A 1 66 ? 7.96910   -0.67405  2.83466   1.000 8.96007  ? 64  PHE A HA   1 
ATOM   1016 H HB2  . PHE A 1 66 ? 7.02546   1.99147   2.77838   1.000 9.03723  ? 64  PHE A HB2  1 
ATOM   1017 H HB3  . PHE A 1 66 ? 6.99324   1.01189   1.52746   1.000 9.03723  ? 64  PHE A HB3  1 
ATOM   1018 H HD1  . PHE A 1 66 ? 5.66077   -1.19777  1.97004   1.000 9.95725  ? 64  PHE A HD1  1 
ATOM   1019 H HD2  . PHE A 1 66 ? 5.07544   2.16906   4.03750   1.000 11.97529 ? 64  PHE A HD2  1 
ATOM   1020 H HE1  . PHE A 1 66 ? 3.57006   -1.94976  2.60168   1.000 10.60844 ? 64  PHE A HE1  1 
ATOM   1021 H HE2  . PHE A 1 66 ? 3.01393   1.39900   4.69259   1.000 13.12183 ? 64  PHE A HE2  1 
ATOM   1022 H HZ   . PHE A 1 66 ? 2.25992   -0.64900  3.98371   1.000 12.47644 ? 64  PHE A HZ   1 
ATOM   1023 N N    . LEU A 1 67 ? 10.15894  1.48758   3.33828   1.000 9.50412  ? 65  LEU A N    1 
ATOM   1024 C CA   . LEU A 1 67 ? 11.40176  2.09008   2.87807   1.000 9.89362  ? 65  LEU A CA   1 
ATOM   1025 C C    . LEU A 1 67 ? 12.61529  1.24541   3.19907   1.000 11.87876 ? 65  LEU A C    1 
ATOM   1026 O O    . LEU A 1 67 ? 13.64138  1.35972   2.51940   1.000 14.04930 ? 65  LEU A O    1 
ATOM   1027 C CB   . LEU A 1 67 ? 11.57191  3.46425   3.52147   1.000 9.62783  ? 65  LEU A CB   1 
ATOM   1028 C CG   . LEU A 1 67 ? 10.48752  4.43751   3.07673   1.000 11.39520 ? 65  LEU A CG   1 
ATOM   1029 C CD1  . LEU A 1 67 ? 10.37926  5.59844   4.05059   1.000 11.45973 ? 65  LEU A CD1  1 
ATOM   1030 C CD2  . LEU A 1 67 ? 10.72928  4.95144   1.65897   1.000 12.89109 ? 65  LEU A CD2  1 
ATOM   1031 H H    . LEU A 1 67 ? 9.97516   1.66305   4.15989   1.000 11.40313 ? 65  LEU A H    1 
ATOM   1032 H HA   . LEU A 1 67 ? 11.35963  2.20048   1.91529   1.000 11.87053 ? 65  LEU A HA   1 
ATOM   1033 H HB2  . LEU A 1 67 ? 11.52228  3.37267   4.48585   1.000 11.55159 ? 65  LEU A HB2  1 
ATOM   1034 H HB3  . LEU A 1 67 ? 12.43323  3.83061   3.26688   1.000 11.55159 ? 65  LEU A HB3  1 
ATOM   1035 H HG   . LEU A 1 67 ? 9.64298   3.96046   3.06869   1.000 13.67243 ? 65  LEU A HG   1 
ATOM   1036 H HD11 . LEU A 1 67 ? 9.71632   6.22563   3.72186   1.000 13.74987 ? 65  LEU A HD11 1 
ATOM   1037 H HD12 . LEU A 1 67 ? 10.11121  5.25852   4.91863   1.000 13.74987 ? 65  LEU A HD12 1 
ATOM   1038 H HD13 . LEU A 1 67 ? 11.24270  6.03517   4.11859   1.000 13.74987 ? 65  LEU A HD13 1 
ATOM   1039 H HD21 . LEU A 1 67 ? 10.06030  5.62126   1.44750   1.000 15.46749 ? 65  LEU A HD21 1 
ATOM   1040 H HD22 . LEU A 1 67 ? 11.61560  5.34272   1.61174   1.000 15.46749 ? 65  LEU A HD22 1 
ATOM   1041 H HD23 . LEU A 1 67 ? 10.66190  4.20914   1.03820   1.000 15.46749 ? 65  LEU A HD23 1 
ATOM   1042 N N    . GLU A 1 68 ? 12.53194  0.41764   4.22278   1.000 13.04948 ? 66  GLU A N    1 
ATOM   1043 C CA   . GLU A 1 68 ? 13.60335  -0.51757  4.48647   1.000 14.55484 ? 66  GLU A CA   1 
ATOM   1044 C C    . GLU A 1 68 ? 13.34403  -1.78912  3.69233   1.000 17.39941 ? 66  GLU A C    1 
ATOM   1045 O O    . GLU A 1 68 ? 12.24093  -2.02288  3.19671   1.000 19.17715 ? 66  GLU A O    1 
ATOM   1046 C CB   . GLU A 1 68 ? 13.74798  -0.75404  5.98895   1.000 14.34002 ? 66  GLU A CB   1 
ATOM   1047 C CG   . GLU A 1 68 ? 14.14482  0.52883   6.73633   1.000 14.41078 ? 66  GLU A CG   1 
ATOM   1048 C CD   . GLU A 1 68 ? 15.46390  1.12750   6.23644   1.000 14.77163 ? 66  GLU A CD   1 
ATOM   1049 O OE1  . GLU A 1 68 ? 16.37050  0.35847   5.86189   1.000 15.79281 ? 66  GLU A OE1  1 
ATOM   1050 O OE2  . GLU A 1 68 ? 15.60868  2.36677   6.21226   1.000 15.42736 ? 66  GLU A OE2  1 
ATOM   1051 H H    . GLU A 1 68 ? 11.87182  0.37951   4.77269   1.000 15.65757 ? 66  GLU A H    1 
ATOM   1052 H HA   . GLU A 1 68 ? 14.46447  -0.17386  4.20146   1.000 17.46400 ? 66  GLU A HA   1 
ATOM   1053 H HB2  . GLU A 1 68 ? 12.90100  -1.06402  6.34591   1.000 17.20622 ? 66  GLU A HB2  1 
ATOM   1054 H HB3  . GLU A 1 68 ? 14.43626  -1.42017  6.14207   1.000 17.20622 ? 66  GLU A HB3  1 
ATOM   1055 H HG2  . GLU A 1 68 ? 13.44906  1.19346   6.61346   1.000 17.29112 ? 66  GLU A HG2  1 
ATOM   1056 H HG3  . GLU A 1 68 ? 14.24680  0.32573   7.67932   1.000 17.29112 ? 66  GLU A HG3  1 
ATOM   1057 N N    . ASP A 1 69 ? 14.39409  -2.57942  3.52440   1.000 18.64905 ? 67  ASP A N    1 
ATOM   1058 C CA   . ASP A 1 69 ? 14.39864  -3.66519  2.54745   1.000 19.86214 ? 67  ASP A CA   1 
ATOM   1059 C C    . ASP A 1 69 ? 13.13870  -4.51814  2.60346   1.000 21.08042 ? 67  ASP A C    1 
ATOM   1060 O O    . ASP A 1 69 ? 12.71074  -5.05420  1.57860   1.000 21.96668 ? 67  ASP A O    1 
ATOM   1061 C CB   . ASP A 1 69 ? 15.61981  -4.55764  2.75631   1.000 20.21877 ? 67  ASP A CB   1 
ATOM   1062 O OXT  . ASP A 1 69 ? 12.53140  -4.68922  3.66408   1.000 21.50672 ? 67  ASP A OXT  1 
ATOM   1063 H H    . ASP A 1 69 ? 15.12731  -2.50910  3.96828   1.000 22.37706 ? 67  ASP A H    1 
ATOM   1064 H HA   . ASP A 1 69 ? 14.43577  -3.26523  1.66453   1.000 23.83275 ? 67  ASP A HA   1 
HETATM 1065 S S    . SO4 B 2 .  ? -9.70649  -8.20548  -1.88924  1.000 10.09159 ? 101 SO4 A S    1 
HETATM 1066 O O1   . SO4 B 2 .  ? -8.98822  -9.21246  -2.66427  1.000 11.47316 ? 101 SO4 A O1   1 
HETATM 1067 O O2   . SO4 B 2 .  ? -11.07795 -8.64967  -1.73035  1.000 11.93724 ? 101 SO4 A O2   1 
HETATM 1068 O O3   . SO4 B 2 .  ? -9.65134  -6.93201  -2.59556  1.000 10.47473 ? 101 SO4 A O3   1 
HETATM 1069 O O4   . SO4 B 2 .  ? -9.08020  -8.09082  -0.58037  1.000 11.23326 ? 101 SO4 A O4   1 
HETATM 1070 S S    A SO4 C 2 .  ? -5.26701  -10.82998 -5.44194  0.515 11.16859 ? 102 SO4 A S    1 
HETATM 1071 S S    B SO4 C 2 .  ? -5.13703  -10.87463 -5.39987  0.485 8.92897  ? 102 SO4 A S    1 
HETATM 1072 O O1   A SO4 C 2 .  ? -6.57429  -11.47816 -5.47687  0.515 12.33510 ? 102 SO4 A O1   1 
HETATM 1073 O O1   B SO4 C 2 .  ? -5.44740  -12.08738 -4.65301  0.485 10.49747 ? 102 SO4 A O1   1 
HETATM 1074 O O2   A SO4 C 2 .  ? -4.28415  -11.67637 -6.11925  0.515 11.56016 ? 102 SO4 A O2   1 
HETATM 1075 O O2   B SO4 C 2 .  ? -4.01950  -11.16201 -6.30669  0.485 9.56282  ? 102 SO4 A O2   1 
HETATM 1076 O O3   A SO4 C 2 .  ? -5.35602  -9.52806  -6.10996  0.515 11.65320 ? 102 SO4 A O3   1 
HETATM 1077 O O3   B SO4 C 2 .  ? -6.30026  -10.40549 -6.15315  0.485 9.31770  ? 102 SO4 A O3   1 
HETATM 1078 O O4   A SO4 C 2 .  ? -4.84157  -10.64220 -4.05986  0.515 11.22011 ? 102 SO4 A O4   1 
HETATM 1079 O O4   B SO4 C 2 .  ? -4.70340  -9.83199  -4.46614  0.485 9.48005  ? 102 SO4 A O4   1 
HETATM 1080 O O    . HOH D 3 .  ? -13.80251 7.15434   1.02100   1.000 17.23692 ? 201 HOH A O    1 
HETATM 1081 O O    . HOH D 3 .  ? 7.32124   -3.33912  -4.88787  1.000 32.23658 ? 202 HOH A O    1 
HETATM 1082 O O    . HOH D 3 .  ? -12.18798 6.35736   -4.74302  1.000 26.75230 ? 203 HOH A O    1 
HETATM 1083 O O    . HOH D 3 .  ? -8.99607  -11.50949 -5.76140  1.000 17.14077 ? 204 HOH A O    1 
HETATM 1084 O O    . HOH D 3 .  ? -14.86191 3.61814   0.21111   1.000 34.81917 ? 205 HOH A O    1 
HETATM 1085 O O    . HOH D 3 .  ? -11.33122 2.27970   -4.93991  1.000 17.76172 ? 206 HOH A O    1 
HETATM 1086 O O    . HOH D 3 .  ? 1.82581   5.01392   10.83747  1.000 21.34698 ? 207 HOH A O    1 
HETATM 1087 O O    . HOH D 3 .  ? 5.42316   -2.94889  -6.22482  1.000 13.79001 ? 208 HOH A O    1 
HETATM 1088 O O    . HOH D 3 .  ? -3.01646  -13.90259 -5.84719  1.000 21.65480 ? 209 HOH A O    1 
HETATM 1089 O O    . HOH D 3 .  ? 2.41953   -7.70676  -16.57542 1.000 35.80993 ? 210 HOH A O    1 
HETATM 1090 O O    . HOH D 3 .  ? 4.44200   4.89947   -7.90986  1.000 17.10559 ? 211 HOH A O    1 
HETATM 1091 O O    . HOH D 3 .  ? -13.49249 8.71163   -1.69803  1.000 23.41440 ? 212 HOH A O    1 
HETATM 1092 O O    . HOH D 3 .  ? -13.18356 -6.47303  6.91605   1.000 35.18644 ? 213 HOH A O    1 
HETATM 1093 O O    . HOH D 3 .  ? 8.63090   -10.97536 -9.51343  1.000 20.96231 ? 214 HOH A O    1 
HETATM 1094 O O    . HOH D 3 .  ? 17.85759  1.55005   3.96062   1.000 14.40559 ? 215 HOH A O    1 
HETATM 1095 O O    . HOH D 3 .  ? -6.32503  -9.58007  -2.08030  1.000 10.79597 ? 216 HOH A O    1 
HETATM 1096 O O    . HOH D 3 .  ? -7.41143  1.30924   8.71062   1.000 23.09788 ? 217 HOH A O    1 
HETATM 1097 O O    . HOH D 3 .  ? 16.80338  -2.17001  5.01636   1.000 19.56740 ? 218 HOH A O    1 
HETATM 1098 O O    . HOH D 3 .  ? -6.24714  -9.06181  -8.63149  1.000 7.95491  ? 219 HOH A O    1 
HETATM 1099 O O    . HOH D 3 .  ? -3.15570  -7.70661  -5.34819  1.000 13.74466 ? 220 HOH A O    1 
HETATM 1100 O O    . HOH D 3 .  ? -10.63370 8.48826   -2.37574  1.000 13.23766 ? 221 HOH A O    1 
HETATM 1101 O O    . HOH D 3 .  ? 0.89449   12.07966  -4.62198  1.000 20.95295 ? 222 HOH A O    1 
HETATM 1102 O O    . HOH D 3 .  ? -0.73073  -12.45289 2.84641   1.000 24.58527 ? 223 HOH A O    1 
HETATM 1103 O O    . HOH D 3 .  ? -10.28044 4.57709   -5.62272  1.000 15.59886 ? 224 HOH A O    1 
HETATM 1104 O O    . HOH D 3 .  ? 8.00510   1.04847   -5.20321  1.000 19.92664 ? 225 HOH A O    1 
HETATM 1105 O O    . HOH D 3 .  ? -1.33497  -10.59578 -5.75066  1.000 15.23134 ? 226 HOH A O    1 
HETATM 1106 O O    . HOH D 3 .  ? -7.02654  -13.22917 -2.67963  1.000 35.42951 ? 227 HOH A O    1 
HETATM 1107 O O    . HOH D 3 .  ? -14.80883 -2.79675  -0.50438  1.000 19.97972 ? 228 HOH A O    1 
HETATM 1108 O O    . HOH D 3 .  ? -8.49151  -10.13087 1.20760   1.000 19.94858 ? 229 HOH A O    1 
HETATM 1109 O O    . HOH D 3 .  ? -12.74343 -7.05098  -3.30207  1.000 15.48120 ? 230 HOH A O    1 
HETATM 1110 O O    . HOH D 3 .  ? 16.20544  0.38561   1.98084   1.000 21.20647 ? 231 HOH A O    1 
HETATM 1111 O O    . HOH D 3 .  ? -12.11770 -9.40355  0.76214   1.000 29.10112 ? 232 HOH A O    1 
HETATM 1112 O O    . HOH D 3 .  ? -9.06487  -11.87356 -1.74591  1.000 24.15444 ? 233 HOH A O    1 
HETATM 1113 O O    . HOH D 3 .  ? -2.07471  -11.23337 4.95320   1.000 12.56712 ? 234 HOH A O    1 
HETATM 1114 O O    . HOH D 3 .  ? -13.39155 -5.98792  3.81365   1.000 27.76274 ? 235 HOH A O    1 
HETATM 1115 O O    . HOH D 3 .  ? -2.95873  12.60862  -0.24079  1.000 10.85541 ? 236 HOH A O    1 
HETATM 1116 O O    . HOH D 3 .  ? 5.79487   3.20699   -11.47709 1.000 28.33318 ? 237 HOH A O    1 
HETATM 1117 O O    . HOH D 3 .  ? -11.22579 -3.73413  8.40267   1.000 30.19931 ? 238 HOH A O    1 
HETATM 1118 O O    . HOH D 3 .  ? 9.49750   -2.39531  0.92748   1.000 22.06797 ? 239 HOH A O    1 
HETATM 1119 O O    . HOH D 3 .  ? -9.03281  -8.16577  2.53851   1.000 27.52653 ? 240 HOH A O    1 
HETATM 1120 O O    . HOH D 3 .  ? -6.43092  -14.31842 -0.84421  1.000 29.95565 ? 241 HOH A O    1 
HETATM 1121 O O    . HOH D 3 .  ? 2.12802   7.93124   -5.18953  1.000 15.71663 ? 242 HOH A O    1 
HETATM 1122 O O    . HOH D 3 .  ? 6.66409   8.70733   8.69629   1.000 21.65538 ? 243 HOH A O    1 
HETATM 1123 O O    . HOH D 3 .  ? 5.11501   -8.47020  -11.71964 1.000 16.75624 ? 244 HOH A O    1 
HETATM 1124 O O    . HOH D 3 .  ? 3.81948   14.00384  -1.19460  1.000 16.56946 ? 245 HOH A O    1 
HETATM 1125 O O    . HOH D 3 .  ? -4.53266  12.56722  -4.43524  1.000 24.72472 ? 246 HOH A O    1 
HETATM 1126 O O    . HOH D 3 .  ? 1.84372   -8.67379  -3.41658  1.000 26.97825 ? 247 HOH A O    1 
HETATM 1127 O O    . HOH D 3 .  ? 11.35674  4.20814   -6.81914  1.000 16.67923 ? 248 HOH A O    1 
HETATM 1128 O O    . HOH D 3 .  ? -11.71553 -4.54998  -3.99366  1.000 11.12945 ? 249 HOH A O    1 
HETATM 1129 O O    . HOH D 3 .  ? -3.87729  7.02131   -8.06413  1.000 12.59194 ? 250 HOH A O    1 
HETATM 1130 O O    . HOH D 3 .  ? 1.20188   -10.58410 -0.69394  1.000 18.76219 ? 251 HOH A O    1 
HETATM 1131 O O    . HOH D 3 .  ? 18.88360  0.07831   7.39577   1.000 23.44239 ? 252 HOH A O    1 
HETATM 1132 O O    . HOH D 3 .  ? 5.45649   6.70339   9.74090   1.000 13.46031 ? 253 HOH A O    1 
HETATM 1133 O O    . HOH D 3 .  ? 3.85250   0.25513   -12.12939 1.000 29.51039 ? 254 HOH A O    1 
HETATM 1134 O O    . HOH D 3 .  ? 5.07125   7.71384   -7.43628  1.000 27.90128 ? 255 HOH A O    1 
HETATM 1135 O O    . HOH D 3 .  ? -6.18206  -9.33748  12.24349  1.000 29.70000 ? 256 HOH A O    1 
HETATM 1136 O O    . HOH D 3 .  ? -12.12963 -5.18073  -6.96546  1.000 13.08009 ? 257 HOH A O    1 
HETATM 1137 O O    . HOH D 3 .  ? -3.47019  -1.97271  -13.24509 1.000 20.20438 ? 258 HOH A O    1 
HETATM 1138 O O    . HOH D 3 .  ? -12.76458 -3.43430  3.16490   1.000 12.57775 ? 259 HOH A O    1 
HETATM 1139 O O    . HOH D 3 .  ? 10.57441  2.15743   -0.90997  1.000 21.12614 ? 260 HOH A O    1 
HETATM 1140 O O    . HOH D 3 .  ? 9.74491   -3.16862  -4.03088  1.000 23.97471 ? 261 HOH A O    1 
HETATM 1141 O O    . HOH D 3 .  ? 11.11919  -5.21733  -4.76706  1.000 27.72047 ? 262 HOH A O    1 
HETATM 1142 O O    . HOH D 3 .  ? -3.75848  1.15911   13.98621  1.000 25.01268 ? 263 HOH A O    1 
HETATM 1143 O O    . HOH D 3 .  ? -15.64445 -0.41574  -1.22325  1.000 28.08631 ? 264 HOH A O    1 
HETATM 1144 O O    . HOH D 3 .  ? -9.53946  7.50526   -4.83371  1.000 22.68398 ? 265 HOH A O    1 
HETATM 1145 O O    . HOH D 3 .  ? 0.27572   -7.23367  -17.72011 1.000 20.82768 ? 266 HOH A O    1 
HETATM 1146 O O    . HOH D 3 .  ? 1.04040   2.53987   14.72273  1.000 28.79483 ? 267 HOH A O    1 
HETATM 1147 O O    . HOH D 3 .  ? -8.30901  -14.32286 -5.51137  1.000 36.11139 ? 268 HOH A O    1 
HETATM 1148 O O    . HOH D 3 .  ? 10.87151  -2.53165  -1.31374  1.000 26.98870 ? 269 HOH A O    1 
HETATM 1149 O O    . HOH D 3 .  ? 16.92868  -2.49069  1.20478   1.000 29.67932 ? 270 HOH A O    1 
HETATM 1150 O O    . HOH D 3 .  ? 7.81529   -1.64590  -6.01013  1.000 22.50502 ? 271 HOH A O    1 
HETATM 1151 O O    . HOH D 3 .  ? 2.47998   3.42026   13.27165  1.000 30.42816 ? 272 HOH A O    1 
HETATM 1152 O O    . HOH D 3 .  ? 17.65543  1.19184   9.13417   1.000 20.01520 ? 273 HOH A O    1 
HETATM 1153 O O    . HOH D 3 .  ? -3.77324  6.93186   -11.73845 1.000 19.86068 ? 274 HOH A O    1 
HETATM 1154 O O    . HOH D 3 .  ? 4.85275   -10.73832 -3.17487  1.000 28.54625 ? 275 HOH A O    1 
HETATM 1155 O O    . HOH D 3 .  ? -0.99610  -14.59254 -4.07394  1.000 23.39427 ? 276 HOH A O    1 
HETATM 1156 O O    . HOH D 3 .  ? 0.38240   -12.31118 -4.60784  1.000 24.12009 ? 277 HOH A O    1 
HETATM 1157 O O    . HOH D 3 .  ? -3.55806  11.69856  -6.42232  1.000 34.94801 ? 278 HOH A O    1 
HETATM 1158 O O    . HOH D 3 .  ? -13.87473 -6.09490  -7.13434  1.000 30.40619 ? 279 HOH A O    1 
HETATM 1159 O O    . HOH D 3 .  ? -12.72207 1.37023   -7.34865  1.000 32.47034 ? 280 HOH A O    1 
HETATM 1160 O O    . HOH D 3 .  ? 0.22763   9.44886   -6.22952  1.000 26.25103 ? 281 HOH A O    1 
HETATM 1161 O O    . HOH D 3 .  ? 14.42862  4.82462   -9.52549  1.000 29.12023 ? 282 HOH A O    1 
HETATM 1162 O O    . HOH D 3 .  ? 10.04234  1.43090   -3.33978  1.000 23.43493 ? 283 HOH A O    1 
HETATM 1163 O O    . HOH D 3 .  ? 2.29420   -10.86170 -2.99808  1.000 27.37590 ? 284 HOH A O    1 
HETATM 1164 O O    . HOH D 3 .  ? -10.94544 5.54622   -8.22419  1.000 25.03526 ? 285 HOH A O    1 
HETATM 1165 O O    . HOH D 3 .  ? 11.46928  -1.56991  -3.50581  1.000 29.34669 ? 286 HOH A O    1 
HETATM 1166 O O    . HOH D 3 .  ? 5.03009   -12.68821 -3.94263  1.000 34.95951 ? 287 HOH A O    1 
# 
loop_
_atom_site_anisotrop.id 
_atom_site_anisotrop.type_symbol 
_atom_site_anisotrop.pdbx_label_atom_id 
_atom_site_anisotrop.pdbx_label_alt_id 
_atom_site_anisotrop.pdbx_label_comp_id 
_atom_site_anisotrop.pdbx_label_asym_id 
_atom_site_anisotrop.pdbx_label_seq_id 
_atom_site_anisotrop.pdbx_PDB_ins_code 
_atom_site_anisotrop.U[1][1] 
_atom_site_anisotrop.U[2][2] 
_atom_site_anisotrop.U[3][3] 
_atom_site_anisotrop.U[1][2] 
_atom_site_anisotrop.U[1][3] 
_atom_site_anisotrop.U[2][3] 
_atom_site_anisotrop.pdbx_auth_seq_id 
_atom_site_anisotrop.pdbx_auth_comp_id 
_atom_site_anisotrop.pdbx_auth_asym_id 
_atom_site_anisotrop.pdbx_auth_atom_id 
1    N N   . ALA A 4  ? 0.27092 0.28392 0.24280 -0.00825 0.02183  -0.03969 2   ALA A N   
2    C CA  . ALA A 4  ? 0.25805 0.26647 0.22877 -0.00486 0.02304  -0.03900 2   ALA A CA  
3    C C   . ALA A 4  ? 0.23610 0.25580 0.22563 0.00406  0.01796  -0.03147 2   ALA A C   
4    O O   . ALA A 4  ? 0.22005 0.25823 0.23357 0.00508  0.01580  -0.03570 2   ALA A O   
5    C CB  . ALA A 4  ? 0.26136 0.25777 0.22877 -0.01004 0.03072  -0.04637 2   ALA A CB  
10   N N   . THR A 5  ? 0.23114 0.24188 0.21657 0.01153  0.01635  -0.02000 3   THR A N   
11   C CA  . THR A 5  ? 0.20818 0.24716 0.21236 0.01941  0.01424  -0.00559 3   THR A CA  
12   C C   . THR A 5  ? 0.18785 0.24056 0.20655 0.01644  0.00459  0.00173  3   THR A C   
13   O O   . THR A 5  ? 0.17388 0.23807 0.20855 0.01748  0.00688  0.00051  3   THR A O   
14   C CB  . THR A 5  ? 0.21914 0.25486 0.21512 0.02091  0.02254  0.00208  3   THR A CB  
15   O OG1 . THR A 5  ? 0.21594 0.24818 0.22265 0.02647  0.02692  0.00473  3   THR A OG1 
16   C CG2 . THR A 5  ? 0.23379 0.26205 0.21564 0.01505  0.02249  0.00729  3   THR A CG2 
24   N N   . ARG A 6  ? 0.17882 0.22935 0.20607 0.01681  0.00610  0.00007  4   ARG A N   
25   C CA  . ARG A 6  ? 0.17651 0.20929 0.19512 0.02221  0.00269  0.00910  4   ARG A CA  
26   C C   . ARG A 6  ? 0.14767 0.17831 0.17844 0.02332  0.01198  0.02687  4   ARG A C   
27   O O   . ARG A 6  ? 0.12973 0.17785 0.17262 0.00491  0.00152  0.04950  4   ARG A O   
28   C CB  . ARG A 6  ? 0.20049 0.22886 0.21283 0.01422  -0.00430 0.00267  4   ARG A CB  
29   C CG  . ARG A 6  ? 0.21393 0.23674 0.20645 0.00682  -0.00879 0.00335  4   ARG A CG  
30   C CD  . ARG A 6  ? 0.23182 0.23838 0.20376 -0.00540 -0.01207 0.00807  4   ARG A CD  
31   N NE  . ARG A 6  ? 0.23932 0.23664 0.19456 -0.01202 -0.01940 0.01493  4   ARG A NE  
32   C CZ  . ARG A 6  ? 0.23155 0.22973 0.18639 -0.01065 -0.02181 0.01289  4   ARG A CZ  
33   N NH1 . ARG A 6  ? 0.22715 0.22613 0.17712 -0.00529 -0.02978 0.00152  4   ARG A NH1 
34   N NH2 . ARG A 6  ? 0.23427 0.23380 0.19328 -0.01384 -0.01775 0.01607  4   ARG A NH2 
48   N N   . LEU A 7  ? 0.15583 0.18131 0.17535 0.02322  0.04195  0.02696  5   LEU A N   
49   C CA  . LEU A 7  ? 0.15796 0.18564 0.17732 0.02353  0.04727  0.03533  5   LEU A CA  
50   C C   . LEU A 7  ? 0.14401 0.19343 0.14354 0.03422  0.03286  0.03084  5   LEU A C   
51   O O   . LEU A 7  ? 0.13004 0.16864 0.13070 0.03024  0.03880  0.02957  5   LEU A O   
52   C CB  . LEU A 7  ? 0.18701 0.19561 0.20456 0.00612  0.05310  0.05220  5   LEU A CB  
53   C CG  . LEU A 7  ? 0.20943 0.22678 0.20763 0.00158  0.04503  0.05179  5   LEU A CG  
54   C CD1 . LEU A 7  ? 0.20909 0.24681 0.20579 0.00641  0.03861  0.04733  5   LEU A CD1 
55   C CD2 . LEU A 7  ? 0.22660 0.23701 0.21226 -0.00327 0.03877  0.05083  5   LEU A CD2 
67   N N   . GLY A 8  ? 0.15094 0.23850 0.12539 0.04116  0.01522  0.01719  6   GLY A N   
68   C CA  . GLY A 8  ? 0.14136 0.25320 0.12089 0.05127  -0.00455 -0.01167 6   GLY A CA  
69   C C   . GLY A 8  ? 0.11939 0.23958 0.13434 0.04688  -0.00797 -0.04190 6   GLY A C   
70   O O   . GLY A 8  ? 0.10715 0.26857 0.11968 0.04393  -0.01561 -0.06619 6   GLY A O   
74   N N   . GLU A 9  ? 0.11283 0.20332 0.16662 0.04965  0.00202  -0.04098 7   GLU A N   
75   C CA  . GLU A 9  ? 0.12908 0.16635 0.20176 0.02753  0.00860  -0.01658 7   GLU A CA  
76   C C   . GLU A 9  ? 0.10895 0.12184 0.19842 0.00929  0.00285  0.01413  7   GLU A C   
77   O O   . GLU A 9  ? 0.10684 0.11955 0.21513 0.01466  -0.00338 0.02552  7   GLU A O   
78   C CB  . GLU A 9  ? 0.17178 0.18085 0.23234 0.02090  0.00973  -0.00519 7   GLU A CB  
79   C CG  . GLU A 9  ? 0.19089 0.20860 0.25304 0.01712  0.00545  0.00924  7   GLU A CG  
80   C CD  . GLU A 9  ? 0.21094 0.23903 0.26408 0.00814  -0.00242 0.02618  7   GLU A CD  
81   O OE1 . GLU A 9  ? 0.21211 0.25749 0.26691 0.00917  -0.01038 0.02512  7   GLU A OE1 
82   O OE2 . GLU A 9  ? 0.23069 0.26085 0.27566 0.00253  -0.00314 0.03084  7   GLU A OE2 
89   N N   . LYS A 10 ? 0.09217 0.12751 0.17636 -0.01002 -0.01239 0.02568  8   LYS A N   
90   C CA  . LYS A 10 ? 0.08947 0.16543 0.13010 -0.02466 -0.01860 0.02493  8   LYS A CA  
91   C C   . LYS A 10 ? 0.11572 0.14967 0.10689 -0.03573 -0.00675 0.02073  8   LYS A C   
92   O O   . LYS A 10 ? 0.10473 0.17709 0.09932 -0.04357 -0.00819 0.02871  8   LYS A O   
93   C CB  . LYS A 10 ? 0.10754 0.20148 0.14630 -0.04023 -0.00811 -0.00646 8   LYS A CB  
94   C CG  . LYS A 10 ? 0.12029 0.20667 0.17432 -0.03267 0.00729  -0.05035 8   LYS A CG  
95   C CD  . LYS A 10 ? 0.15600 0.21384 0.21284 -0.04074 0.01602  -0.08235 8   LYS A CD  
96   C CE  . LYS A 10 ? 0.18718 0.21600 0.23518 -0.03880 0.01266  -0.10177 8   LYS A CE  
97   N NZ  . LYS A 10 ? 0.18487 0.21899 0.26031 -0.03547 0.01854  -0.12105 8   LYS A NZ  
111  N N   . LEU A 11 ? 0.13251 0.12288 0.09178 -0.02538 0.00444  0.00317  9   LEU A N   
112  C CA  . LEU A 11 ? 0.13999 0.12875 0.09808 -0.01758 0.01405  0.00646  9   LEU A CA  
113  C C   . LEU A 11 ? 0.10540 0.12678 0.07422 0.00017  0.00155  0.00529  9   LEU A C   
114  O O   . LEU A 11 ? 0.12894 0.11515 0.08622 -0.00946 0.01255  0.00414  9   LEU A O   
115  C CB  . LEU A 11 ? 0.17221 0.12930 0.12942 -0.02139 0.02194  0.01095  9   LEU A CB  
116  C CG  . LEU A 11 ? 0.16790 0.18077 0.14463 -0.01044 0.00529  0.01889  9   LEU A CG  
117  C CD1 . LEU A 11 ? 0.19167 0.19276 0.13783 -0.00969 0.00107  0.02356  9   LEU A CD1 
118  C CD2 . LEU A 11 ? 0.18216 0.18371 0.14530 -0.00929 -0.00729 0.03567  9   LEU A CD2 
130  N N   . ARG A 12 ? 0.09235 0.12982 0.06933 -0.00058 -0.00642 -0.00400 10  ARG A N   
131  C CA  . ARG A 12 ? 0.09517 0.13950 0.08012 0.00275  -0.02184 -0.01290 10  ARG A CA  
132  C C   . ARG A 12 ? 0.08682 0.11984 0.08502 0.00588  -0.01971 -0.01399 10  ARG A C   
133  O O   . ARG A 12 ? 0.08806 0.11723 0.08912 -0.00157 -0.02828 -0.00782 10  ARG A O   
134  C CB  . ARG A 12 ? 0.12337 0.14128 0.09851 -0.00182 -0.02686 -0.01469 10  ARG A CB  
135  C CG  . ARG A 12 ? 0.14772 0.13356 0.11206 -0.00320 -0.03195 -0.01516 10  ARG A CG  
136  C CD  . ARG A 12 ? 0.18119 0.14487 0.13121 -0.00173 -0.03928 -0.03080 10  ARG A CD  
137  N NE  . ARG A 12 ? 0.20279 0.14504 0.14194 0.00873  -0.05539 -0.03599 10  ARG A NE  
138  C CZ  . ARG A 12 ? 0.22857 0.15135 0.18379 0.00764  -0.05727 -0.03158 10  ARG A CZ  
139  N NH1 . ARG A 12 ? 0.23287 0.15979 0.20232 0.01215  -0.06268 -0.01491 10  ARG A NH1 
140  N NH2 . ARG A 12 ? 0.24996 0.16531 0.20581 0.00266  -0.05285 -0.03021 10  ARG A NH2 
154  N N   . ASP A 13 ? 0.08641 0.11302 0.08477 0.00528  -0.01866 -0.00635 11  ASP A N   
155  C CA  . ASP A 13 ? 0.10388 0.09311 0.09845 0.00272  -0.02064 0.00271  11  ASP A CA  
156  C C   . ASP A 13 ? 0.08482 0.09940 0.08770 -0.00852 -0.02513 0.01187  11  ASP A C   
157  O O   . ASP A 13 ? 0.10449 0.09689 0.09661 -0.02110 -0.01753 0.00587  11  ASP A O   
158  C CB  . ASP A 13 ? 0.12480 0.11041 0.12056 0.02660  -0.03282 -0.01015 11  ASP A CB  
159  C CG  . ASP A 13 ? 0.14419 0.13464 0.15206 0.03532  -0.04851 -0.02418 11  ASP A CG  
160  O OD1 . ASP A 13 ? 0.16290 0.13205 0.16972 0.02413  -0.04455 -0.03045 11  ASP A OD1 
161  O OD2 . ASP A 13 ? 0.15504 0.14986 0.16761 0.05336  -0.05929 -0.03388 11  ASP A OD2 
166  N N   . LEU A 14 ? 0.08522 0.08534 0.07982 -0.00881 -0.01950 0.00641  12  LEU A N   
167  C CA  . LEU A 14 ? 0.09305 0.09499 0.07866 -0.01200 -0.01926 0.00051  12  LEU A CA  
168  C C   . LEU A 14 ? 0.09880 0.10892 0.07276 -0.00368 -0.01060 -0.00593 12  LEU A C   
169  O O   . LEU A 14 ? 0.09471 0.14259 0.06609 -0.00346 -0.01197 0.00013  12  LEU A O   
170  C CB  . LEU A 14 ? 0.09831 0.10524 0.12014 -0.01531 -0.01646 0.00114  12  LEU A CB  
171  C CG  . LEU A 14 ? 0.13477 0.13328 0.17152 -0.02485 -0.02139 -0.00249 12  LEU A CG  
172  C CD1 . LEU A 14 ? 0.17337 0.16956 0.15983 -0.02690 -0.03156 -0.00101 12  LEU A CD1 
173  C CD2 . LEU A 14 ? 0.12484 0.16198 0.17370 -0.01272 -0.04114 0.01571  12  LEU A CD2 
185  N N   . ARG A 15 ? 0.08675 0.10188 0.07437 -0.00377 -0.01286 0.00075  13  ARG A N   
186  C CA  . ARG A 15 ? 0.08547 0.09976 0.08280 0.00107  -0.00288 -0.00119 13  ARG A CA  
187  C C   . ARG A 15 ? 0.08022 0.11576 0.08983 0.00591  -0.00950 0.01619  13  ARG A C   
188  O O   . ARG A 15 ? 0.08372 0.14936 0.10680 0.00257  -0.00172 0.01850  13  ARG A O   
189  C CB  . ARG A 15 ? 0.09259 0.09571 0.08211 -0.00298 -0.01040 0.00204  13  ARG A CB  
190  C CG  . ARG A 15 ? 0.08192 0.09304 0.08583 -0.00498 -0.00932 0.00664  13  ARG A CG  
191  C CD  . ARG A 15 ? 0.08333 0.09828 0.09105 -0.00946 -0.00209 0.00085  13  ARG A CD  
192  N NE  . ARG A 15 ? 0.08585 0.10677 0.08863 -0.00082 0.00265  0.00815  13  ARG A NE  
193  C CZ  . ARG A 15 ? 0.09155 0.10281 0.09560 0.01010  -0.00575 0.00438  13  ARG A CZ  
194  N NH1 . ARG A 15 ? 0.09732 0.08995 0.10813 0.00453  -0.00378 -0.00082 13  ARG A NH1 
195  N NH2 . ARG A 15 ? 0.11572 0.11282 0.10783 0.00760  -0.01331 -0.01611 13  ARG A NH2 
209  N N   . LYS A 16 ? 0.08395 0.11377 0.11492 0.00106  -0.00672 0.02957  14  LYS A N   
210  C CA  . LYS A 16 ? 0.09992 0.13070 0.15316 -0.00721 -0.01246 0.05883  14  LYS A CA  
211  C C   . LYS A 16 ? 0.11037 0.16236 0.18435 0.00065  0.00030  0.08732  14  LYS A C   
212  O O   . LYS A 16 ? 0.10058 0.18910 0.20736 -0.00999 0.00792  0.10705  14  LYS A O   
213  C CB  . LYS A 16 ? 0.12360 0.13413 0.16136 -0.01677 -0.02420 0.05876  14  LYS A CB  
214  C CG  . LYS A 16 ? 0.13263 0.13403 0.16729 -0.01405 -0.03608 0.04768  14  LYS A CG  
215  C CD  . LYS A 16 ? 0.16602 0.14388 0.17682 -0.00911 -0.03913 0.03114  14  LYS A CD  
216  C CE  . LYS A 16 ? 0.19655 0.14095 0.19290 -0.01585 -0.03855 0.02473  14  LYS A CE  
217  N NZ  . LYS A 16 ? 0.21088 0.14308 0.20197 -0.03269 -0.03347 0.02287  14  LYS A NZ  
231  N N   . GLN A 17 ? 0.12821 0.19009 0.16062 0.01288  -0.00072 0.10286  15  GLN A N   
232  C CA  A GLN A 17 ? 0.13000 0.21952 0.15642 0.01869  0.00529  0.09689  15  GLN A CA  
233  C CA  B GLN A 17 ? 0.13168 0.22210 0.16002 0.01756  0.00933  0.09751  15  GLN A CA  
234  C C   . GLN A 17 ? 0.13173 0.25657 0.14779 0.02523  0.01019  0.10168  15  GLN A C   
235  O O   . GLN A 17 ? 0.15837 0.29133 0.16423 0.02263  0.02892  0.10368  15  GLN A O   
236  C CB  A GLN A 17 ? 0.13242 0.20052 0.14781 0.01169  0.00716  0.08133  15  GLN A CB  
237  C CB  B GLN A 17 ? 0.13881 0.20818 0.16297 0.01132  0.01847  0.08256  15  GLN A CB  
238  C CG  A GLN A 17 ? 0.15076 0.17129 0.12718 0.00073  0.00729  0.05685  15  GLN A CG  
239  C CG  B GLN A 17 ? 0.14610 0.18315 0.15507 0.00602  0.02492  0.07160  15  GLN A CG  
240  C CD  A GLN A 17 ? 0.16096 0.12817 0.11183 0.01307  -0.00280 0.04341  15  GLN A CD  
241  C CD  B GLN A 17 ? 0.16320 0.16240 0.14807 0.00226  0.03384  0.05416  15  GLN A CD  
242  O OE1 A GLN A 17 ? 0.16562 0.15192 0.10210 0.00913  -0.01361 0.02938  15  GLN A OE1 
243  O OE1 B GLN A 17 ? 0.15712 0.15581 0.15874 0.00936  0.04422  0.03279  15  GLN A OE1 
244  N NE2 A GLN A 17 ? 0.17233 0.11485 0.12106 0.00834  -0.00066 0.04333  15  GLN A NE2 
245  N NE2 B GLN A 17 ? 0.17263 0.15943 0.13295 0.00358  0.02603  0.05911  15  GLN A NE2 
260  N N   . ARG A 18 ? 0.13696 0.26866 0.12737 0.03108  -0.00079 0.09057  16  ARG A N   
261  C CA  . ARG A 18 ? 0.15337 0.28117 0.12609 0.04200  0.00146  0.05781  16  ARG A CA  
262  C C   . ARG A 18 ? 0.14522 0.28964 0.13964 0.04538  0.01634  0.05217  16  ARG A C   
263  O O   . ARG A 18 ? 0.14628 0.32334 0.15596 0.04873  0.03581  0.02951  16  ARG A O   
264  C CB  . ARG A 18 ? 0.18574 0.26060 0.11927 0.04553  -0.00361 0.02751  16  ARG A CB  
265  C CG  . ARG A 18 ? 0.21583 0.23916 0.15015 0.03629  0.00719  -0.00272 16  ARG A CG  
266  C CD  . ARG A 18 ? 0.22488 0.22210 0.17237 0.03109  0.00998  -0.01858 16  ARG A CD  
267  N NE  . ARG A 18 ? 0.21974 0.21692 0.18141 0.03075  -0.00025 -0.02184 16  ARG A NE  
268  C CZ  . ARG A 18 ? 0.22652 0.18751 0.18747 0.03234  -0.00197 -0.02700 16  ARG A CZ  
269  N NH1 . ARG A 18 ? 0.22745 0.18604 0.19008 0.02758  -0.00558 -0.02267 16  ARG A NH1 
270  N NH2 . ARG A 18 ? 0.23964 0.18456 0.19802 0.02441  -0.00625 -0.02011 16  ARG A NH2 
284  N N   . GLY A 19 ? 0.12981 0.24914 0.15681 0.02482  0.01750  0.07740  17  GLY A N   
285  C CA  . GLY A 19 ? 0.11880 0.22254 0.16092 0.01118  0.02524  0.07684  17  GLY A CA  
286  C C   . GLY A 19 ? 0.09983 0.19699 0.15891 0.00708  0.02113  0.06480  17  GLY A C   
287  O O   . GLY A 19 ? 0.10642 0.21757 0.18156 0.00032  0.02127  0.07673  17  GLY A O   
291  N N   . LEU A 20 ? 0.08161 0.14350 0.12798 0.01094  0.01285  0.04168  18  LEU A N   
292  C CA  . LEU A 20 ? 0.08141 0.12778 0.10572 0.00910  0.00727  0.01857  18  LEU A CA  
293  C C   . LEU A 20 ? 0.08364 0.10751 0.09677 0.00111  0.00710  0.01364  18  LEU A C   
294  O O   . LEU A 20 ? 0.09063 0.11980 0.10415 0.00906  0.00369  0.00330  18  LEU A O   
295  C CB  . LEU A 20 ? 0.10129 0.13217 0.08729 0.00453  0.00833  0.01386  18  LEU A CB  
296  C CG  . LEU A 20 ? 0.11331 0.13913 0.09515 0.00753  0.00763  0.00844  18  LEU A CG  
297  C CD1 . LEU A 20 ? 0.13125 0.15468 0.11267 0.00693  0.00456  -0.00355 18  LEU A CD1 
298  C CD2 . LEU A 20 ? 0.12499 0.15706 0.11478 0.00325  0.01461  -0.00207 18  LEU A CD2 
310  N N   . THR A 21 ? 0.08462 0.09377 0.08201 -0.00535 0.01224  0.00743  19  THR A N   
311  C CA  . THR A 21 ? 0.08442 0.08019 0.09241 -0.00572 0.00443  -0.00233 19  THR A CA  
312  C C   . THR A 21 ? 0.06519 0.08295 0.09122 -0.00388 0.00387  0.00323  19  THR A C   
313  O O   . THR A 21 ? 0.07426 0.07699 0.08317 -0.00602 0.00311  -0.00458 19  THR A O   
314  C CB  . THR A 21 ? 0.09434 0.10228 0.11029 -0.02006 -0.00685 -0.00239 19  THR A CB  
315  O OG1 . THR A 21 ? 0.06832 0.11232 0.12028 -0.00961 -0.01020 0.00323  19  THR A OG1 
316  C CG2 . THR A 21 ? 0.11370 0.13299 0.13725 -0.03777 -0.00969 0.00349  19  THR A CG2 
324  N N   . LEU A 22 ? 0.08746 0.07474 0.09013 -0.00922 0.00493  0.00086  20  LEU A N   
325  C CA  . LEU A 22 ? 0.08753 0.07628 0.08124 -0.00187 0.00701  -0.00558 20  LEU A CA  
326  C C   . LEU A 22 ? 0.09347 0.07643 0.07432 -0.00074 -0.00570 -0.00763 20  LEU A C   
327  O O   . LEU A 22 ? 0.09583 0.06906 0.09115 -0.00198 0.00407  -0.00857 20  LEU A O   
328  C CB  . LEU A 22 ? 0.11783 0.08235 0.09068 -0.01163 0.01663  -0.01471 20  LEU A CB  
329  C CG  . LEU A 22 ? 0.13762 0.09738 0.11087 -0.00732 0.02736  -0.01671 20  LEU A CG  
330  C CD1 . LEU A 22 ? 0.14932 0.12246 0.13577 -0.01384 0.02655  -0.01913 20  LEU A CD1 
331  C CD2 . LEU A 22 ? 0.14921 0.13198 0.12340 -0.01230 0.02876  -0.02439 20  LEU A CD2 
343  N N   . GLU A 23 ? 0.09963 0.09226 0.08283 -0.00145 -0.01519 -0.01060 21  GLU A N   
344  C CA  . GLU A 23 ? 0.10486 0.11807 0.09838 0.00837  -0.02798 -0.01302 21  GLU A CA  
345  C C   . GLU A 23 ? 0.08259 0.09234 0.09409 0.01081  -0.00502 -0.00539 21  GLU A C   
346  O O   . GLU A 23 ? 0.10232 0.08137 0.10932 0.01574  0.00026  0.00034  21  GLU A O   
347  C CB  . GLU A 23 ? 0.13210 0.17180 0.13220 0.01775  -0.05087 -0.00856 21  GLU A CB  
348  C CG  . GLU A 23 ? 0.16232 0.23188 0.20354 0.01650  -0.03907 -0.00684 21  GLU A CG  
349  C CD  . GLU A 23 ? 0.21493 0.28090 0.25070 0.01131  -0.02837 -0.01503 21  GLU A CD  
350  O OE1 . GLU A 23 ? 0.23553 0.30101 0.27105 0.00008  -0.02690 -0.01730 21  GLU A OE1 
351  O OE2 . GLU A 23 ? 0.24335 0.29913 0.27358 0.00764  -0.01628 -0.02039 21  GLU A OE2 
358  N N   . LYS A 24 ? 0.07759 0.08160 0.08922 0.00206  0.00470  -0.01176 22  LYS A N   
359  C CA  . LYS A 24 ? 0.07306 0.09475 0.09947 -0.00582 0.01327  -0.01167 22  LYS A CA  
360  C C   . LYS A 24 ? 0.08131 0.07991 0.09062 0.00461  0.01086  -0.01207 22  LYS A C   
361  O O   . LYS A 24 ? 0.08263 0.08016 0.10557 0.00333  0.01374  -0.02038 22  LYS A O   
362  C CB  . LYS A 24 ? 0.09031 0.12021 0.11497 -0.01714 0.02030  -0.02350 22  LYS A CB  
363  C CG  . LYS A 24 ? 0.10541 0.13550 0.12360 -0.02398 0.01947  -0.02633 22  LYS A CG  
364  C CD  . LYS A 24 ? 0.10600 0.17719 0.15073 -0.00888 0.02156  -0.04072 22  LYS A CD  
365  C CE  . LYS A 24 ? 0.11497 0.21350 0.17776 -0.00036 0.02203  -0.05104 22  LYS A CE  
366  N NZ  . LYS A 24 ? 0.11608 0.25092 0.19169 0.00925  0.01485  -0.05609 22  LYS A NZ  
380  N N   . LEU A 25 ? 0.07439 0.06846 0.07909 0.00021  0.00606  -0.01059 23  LEU A N   
381  C CA  . LEU A 25 ? 0.08044 0.06596 0.07497 -0.00745 0.00087  -0.00691 23  LEU A CA  
382  C C   . LEU A 25 ? 0.07172 0.06185 0.07809 0.00227  0.00054  -0.00451 23  LEU A C   
383  O O   . LEU A 25 ? 0.07539 0.06549 0.08035 -0.00571 0.00161  -0.00633 23  LEU A O   
384  C CB  . LEU A 25 ? 0.08345 0.07167 0.06920 -0.00310 -0.00703 -0.00415 23  LEU A CB  
385  C CG  . LEU A 25 ? 0.08649 0.08740 0.07717 -0.00668 -0.01395 0.00207  23  LEU A CG  
386  C CD1 . LEU A 25 ? 0.09573 0.10658 0.08879 -0.01336 -0.00975 -0.00949 23  LEU A CD1 
387  C CD2 . LEU A 25 ? 0.08888 0.10502 0.08923 -0.00835 -0.02272 -0.00010 23  LEU A CD2 
399  N N   . ALA A 26 ? 0.07623 0.05970 0.07978 -0.00282 0.00221  -0.00632 24  ALA A N   
400  C CA  . ALA A 26 ? 0.08031 0.07052 0.08437 0.00728  0.00399  -0.00980 24  ALA A CA  
401  C C   . ALA A 26 ? 0.08696 0.06935 0.08606 0.00342  0.00016  -0.00266 24  ALA A C   
402  O O   . ALA A 26 ? 0.09950 0.06855 0.10316 -0.00128 0.01029  -0.00412 24  ALA A O   
403  C CB  . ALA A 26 ? 0.09034 0.06935 0.08674 0.01576  0.00141  -0.01148 24  ALA A CB  
409  N N   . ASP A 27 ? 0.08966 0.07308 0.10086 0.01409  -0.00743 -0.00842 25  ASP A N   
410  C CA  A ASP A 27 ? 0.09173 0.08840 0.11133 0.02050  -0.00029 -0.01055 25  ASP A CA  
411  C CA  B ASP A 27 ? 0.09128 0.09413 0.12423 0.01120  -0.00238 -0.01135 25  ASP A CA  
412  C C   . ASP A 27 ? 0.08357 0.08749 0.11505 0.01895  0.00507  -0.01808 25  ASP A C   
413  O O   . ASP A 27 ? 0.11395 0.07709 0.11266 0.01802  0.00201  -0.01045 25  ASP A O   
414  C CB  A ASP A 27 ? 0.10946 0.10616 0.12258 0.02584  0.00307  -0.01765 25  ASP A CB  
415  C CB  B ASP A 27 ? 0.10622 0.12049 0.16098 0.00701  -0.00300 -0.01308 25  ASP A CB  
416  C CG  A ASP A 27 ? 0.11754 0.13846 0.12951 0.03025  -0.01126 -0.01209 25  ASP A CG  
417  C CG  B ASP A 27 ? 0.12752 0.16108 0.19315 0.00391  -0.00939 -0.00902 25  ASP A CG  
418  O OD1 A ASP A 27 ? 0.13005 0.14269 0.13373 0.03411  -0.01508 -0.00778 25  ASP A OD1 
419  O OD1 B ASP A 27 ? 0.12719 0.18256 0.19632 0.00339  -0.01034 -0.01195 25  ASP A OD1 
420  O OD2 A ASP A 27 ? 0.10309 0.14916 0.13359 0.03128  -0.00834 -0.01791 25  ASP A OD2 
421  O OD2 B ASP A 27 ? 0.14795 0.17036 0.20801 -0.00298 -0.00899 -0.00528 25  ASP A OD2 
428  N N   . MET A 28 ? 0.08929 0.07609 0.09488 0.00777  0.01174  -0.01065 26  MET A N   
429  C CA  . MET A 28 ? 0.09145 0.08094 0.08881 0.00700  0.02208  -0.01328 26  MET A CA  
430  C C   . MET A 28 ? 0.10129 0.07138 0.08499 0.00484  0.01232  -0.01050 26  MET A C   
431  O O   . MET A 28 ? 0.11769 0.07382 0.09757 0.00276  0.01851  -0.01240 26  MET A O   
432  C CB  . MET A 28 ? 0.11524 0.07734 0.09175 0.00792  0.03041  -0.00474 26  MET A CB  
433  C CG  . MET A 28 ? 0.14521 0.07431 0.12489 0.01039  0.04605  0.00870  26  MET A CG  
434  S SD  . MET A 28 ? 0.16678 0.09702 0.17034 0.03028  0.06770  0.03410  26  MET A SD  
435  C CE  . MET A 28 ? 0.15764 0.14340 0.17985 0.02068  0.04947  0.05668  26  MET A CE  
445  N N   . ALA A 29 ? 0.09074 0.07123 0.08092 0.00279  0.00174  -0.00833 27  ALA A N   
446  C CA  . ALA A 29 ? 0.09252 0.08321 0.08915 0.00304  0.01068  -0.02386 27  ALA A CA  
447  C C   . ALA A 29 ? 0.09348 0.07937 0.09157 -0.00428 0.01190  -0.01492 27  ALA A C   
448  O O   . ALA A 29 ? 0.10841 0.09918 0.11510 -0.01760 0.01960  -0.01170 27  ALA A O   
449  C CB  . ALA A 29 ? 0.09545 0.10158 0.10845 0.00190  0.00397  -0.02073 27  ALA A CB  
455  N N   . GLY A 30 ? 0.09870 0.08020 0.09843 -0.00868 0.00031  -0.01149 28  GLY A N   
456  C CA  . GLY A 30 ? 0.12844 0.08283 0.10437 -0.00548 -0.00497 -0.00890 28  GLY A CA  
457  C C   . GLY A 30 ? 0.15914 0.08075 0.09754 -0.01949 0.00178  -0.00474 28  GLY A C   
458  O O   . GLY A 30 ? 0.20576 0.09879 0.10959 -0.02666 0.01210  -0.00543 28  GLY A O   
462  N N   . LEU A 31 ? 0.14863 0.08848 0.08460 -0.01776 -0.00388 -0.00168 29  LEU A N   
463  C CA  . LEU A 31 ? 0.13762 0.09905 0.08180 -0.00939 -0.01492 -0.00609 29  LEU A CA  
464  C C   . LEU A 31 ? 0.13313 0.09055 0.08373 -0.00321 -0.02394 -0.01057 29  LEU A C   
465  O O   . LEU A 31 ? 0.13493 0.10695 0.10286 -0.01680 -0.01495 -0.01316 29  LEU A O   
466  C CB  . LEU A 31 ? 0.12609 0.14289 0.09204 0.00319  -0.02572 -0.00974 29  LEU A CB  
467  C CG  . LEU A 31 ? 0.14086 0.16838 0.11964 0.01640  -0.02476 -0.02721 29  LEU A CG  
468  C CD1 . LEU A 31 ? 0.14352 0.19365 0.13121 0.03064  -0.02228 -0.01830 29  LEU A CD1 
469  C CD2 . LEU A 31 ? 0.15767 0.15544 0.14463 -0.00051 -0.02719 -0.04853 29  LEU A CD2 
481  N N   . SER A 32 ? 0.13447 0.08571 0.08297 0.00935  -0.02483 -0.01389 30  SER A N   
482  C CA  . SER A 32 ? 0.12897 0.08618 0.08922 0.01954  -0.02971 -0.01936 30  SER A CA  
483  C C   . SER A 32 ? 0.11077 0.08629 0.09166 0.01839  -0.03037 -0.01318 30  SER A C   
484  O O   . SER A 32 ? 0.10959 0.07604 0.08178 0.00771  -0.02753 -0.00979 30  SER A O   
485  C CB  . SER A 32 ? 0.15086 0.09171 0.08428 0.02510  -0.03299 -0.01474 30  SER A CB  
486  O OG  . SER A 32 ? 0.16514 0.11094 0.07901 0.01358  -0.02942 -0.00640 30  SER A OG  
492  N N   . LYS A 33 ? 0.11130 0.08697 0.11232 0.01310  -0.02873 -0.01830 31  LYS A N   
493  C CA  . LYS A 33 ? 0.09810 0.09334 0.12801 0.00379  -0.02348 -0.01206 31  LYS A CA  
494  C C   . LYS A 33 ? 0.09900 0.07598 0.09981 0.00202  -0.02849 -0.00395 31  LYS A C   
495  O O   . LYS A 33 ? 0.09262 0.07565 0.08852 0.00221  -0.01950 -0.00356 31  LYS A O   
496  C CB  . LYS A 33 ? 0.10756 0.11685 0.16964 -0.00254 -0.01530 -0.01007 31  LYS A CB  
497  C CG  . LYS A 33 ? 0.15000 0.16054 0.20343 -0.02107 -0.01167 -0.00834 31  LYS A CG  
498  C CD  . LYS A 33 ? 0.19564 0.19823 0.22035 -0.03837 -0.01367 -0.00701 31  LYS A CD  
499  C CE  . LYS A 33 ? 0.23200 0.22597 0.23375 -0.05468 -0.01666 -0.00485 31  LYS A CE  
500  N NZ  . LYS A 33 ? 0.24214 0.24220 0.23911 -0.05907 -0.02146 -0.00695 31  LYS A NZ  
514  N N   . SER A 34 ? 0.11848 0.08369 0.08917 0.00407  -0.03029 -0.00400 32  SER A N   
515  C CA  . SER A 34 ? 0.14942 0.08471 0.06605 -0.01334 -0.02925 -0.00008 32  SER A CA  
516  C C   . SER A 34 ? 0.13689 0.07840 0.06152 -0.00643 -0.00822 -0.00689 32  SER A C   
517  O O   . SER A 34 ? 0.13540 0.08748 0.07467 0.00484  -0.00106 -0.00937 32  SER A O   
518  C CB  . SER A 34 ? 0.17492 0.11805 0.08977 -0.02619 -0.04465 0.01066  32  SER A CB  
519  O OG  . SER A 34 ? 0.19226 0.13963 0.09678 -0.02498 -0.04410 0.02303  32  SER A OG  
525  N N   . TYR A 35 ? 0.11850 0.08477 0.06847 -0.00307 -0.01080 0.00079  33  TYR A N   
526  C CA  . TYR A 35 ? 0.10539 0.08732 0.07983 -0.01207 -0.00799 0.00249  33  TYR A CA  
527  C C   . TYR A 35 ? 0.09333 0.08271 0.07101 -0.00599 -0.00984 -0.00311 33  TYR A C   
528  O O   . TYR A 35 ? 0.09965 0.07923 0.06560 -0.00927 -0.00331 0.00178  33  TYR A O   
529  C CB  . TYR A 35 ? 0.12464 0.09587 0.08118 -0.02120 -0.01793 0.01320  33  TYR A CB  
530  C CG  . TYR A 35 ? 0.11828 0.11439 0.10834 -0.03272 -0.01721 0.00587  33  TYR A CG  
531  C CD1 . TYR A 35 ? 0.13768 0.16323 0.13086 -0.03379 -0.00965 -0.00638 33  TYR A CD1 
532  C CD2 . TYR A 35 ? 0.13433 0.17307 0.13477 -0.03271 -0.01184 -0.03217 33  TYR A CD2 
533  C CE1 . TYR A 35 ? 0.12637 0.17799 0.14374 -0.03695 -0.01180 -0.00631 33  TYR A CE1 
534  C CE2 . TYR A 35 ? 0.14785 0.17543 0.14237 -0.03810 -0.01669 -0.03656 33  TYR A CE2 
535  C CZ  . TYR A 35 ? 0.13539 0.15700 0.15428 -0.03952 -0.01859 -0.01836 33  TYR A CZ  
536  O OH  . TYR A 35 ? 0.11761 0.16864 0.17804 -0.03543 -0.02374 -0.02388 33  TYR A OH  
546  N N   . LEU A 36 ? 0.09537 0.05959 0.06393 -0.00068 -0.01780 -0.00660 34  LEU A N   
547  C CA  . LEU A 36 ? 0.08113 0.07098 0.05991 -0.00514 -0.01084 -0.01010 34  LEU A CA  
548  C C   . LEU A 36 ? 0.07566 0.08052 0.05088 -0.00082 -0.00565 -0.00477 34  LEU A C   
549  O O   . LEU A 36 ? 0.07038 0.07434 0.06325 0.00169  -0.00585 -0.01071 34  LEU A O   
550  C CB  . LEU A 36 ? 0.07365 0.07820 0.06477 0.00886  -0.00044 -0.01860 34  LEU A CB  
551  C CG  . LEU A 36 ? 0.07306 0.11767 0.06617 0.01063  -0.00177 -0.00408 34  LEU A CG  
552  C CD1 . LEU A 36 ? 0.09308 0.13705 0.07604 0.00880  -0.00475 -0.00429 34  LEU A CD1 
553  C CD2 . LEU A 36 ? 0.09138 0.12472 0.07670 0.01191  0.00695  -0.00802 34  LEU A CD2 
565  N N   . TRP A 37 ? 0.07165 0.07249 0.05902 0.00419  -0.00317 -0.00684 35  TRP A N   
566  C CA  . TRP A 37 ? 0.08468 0.06603 0.06398 -0.00430 -0.00108 -0.00803 35  TRP A CA  
567  C C   . TRP A 37 ? 0.08134 0.07255 0.05667 -0.00861 -0.00134 -0.01402 35  TRP A C   
568  O O   . TRP A 37 ? 0.07972 0.07191 0.06855 -0.00304 -0.00411 -0.01247 35  TRP A O   
569  C CB  . TRP A 37 ? 0.08409 0.07418 0.07128 -0.00505 -0.01440 -0.00864 35  TRP A CB  
570  C CG  . TRP A 37 ? 0.07422 0.07825 0.07361 -0.00152 -0.01336 -0.02507 35  TRP A CG  
571  C CD1 . TRP A 37 ? 0.07758 0.08909 0.08049 -0.00637 -0.00538 -0.02207 35  TRP A CD1 
572  C CD2 . TRP A 37 ? 0.08630 0.07748 0.06852 -0.00029 -0.01705 -0.01886 35  TRP A CD2 
573  N NE1 . TRP A 37 ? 0.09652 0.07500 0.08059 -0.01610 -0.00901 -0.01519 35  TRP A NE1 
574  C CE2 . TRP A 37 ? 0.09197 0.07302 0.07178 -0.00494 -0.01595 -0.01029 35  TRP A CE2 
575  C CE3 . TRP A 37 ? 0.09895 0.07716 0.06872 -0.00484 -0.01279 -0.01377 35  TRP A CE3 
576  C CZ2 . TRP A 37 ? 0.09402 0.06857 0.08306 -0.00603 -0.00932 -0.01788 35  TRP A CZ2 
577  C CZ3 . TRP A 37 ? 0.09468 0.09804 0.06911 0.00197  -0.01582 -0.01266 35  TRP A CZ3 
578  C CH2 . TRP A 37 ? 0.09614 0.08781 0.08025 -0.00083 -0.01424 -0.02388 35  TRP A CH2 
589  N N   . GLU A 38 ? 0.07888 0.08023 0.06619 -0.00169 0.01138  -0.01074 36  GLU A N   
590  C CA  . GLU A 38 ? 0.11403 0.09058 0.06898 -0.01073 0.01007  -0.01192 36  GLU A CA  
591  C C   . GLU A 38 ? 0.09271 0.09948 0.07442 -0.01114 0.00450  -0.01111 36  GLU A C   
592  O O   . GLU A 38 ? 0.08577 0.12103 0.10258 0.00175  0.00458  -0.01366 36  GLU A O   
593  C CB  . GLU A 38 ? 0.15099 0.11985 0.09700 -0.01395 0.01285  -0.00178 36  GLU A CB  
594  C CG  . GLU A 38 ? 0.20370 0.18214 0.13325 -0.01263 0.00527  -0.00199 36  GLU A CG  
595  C CD  . GLU A 38 ? 0.26647 0.24065 0.18070 -0.02020 -0.00085 -0.00384 36  GLU A CD  
596  O OE1 . GLU A 38 ? 0.30058 0.24694 0.20447 -0.02448 0.00486  -0.00582 36  GLU A OE1 
597  O OE2 . GLU A 38 ? 0.28714 0.27216 0.19814 -0.02476 -0.00866 0.00278  36  GLU A OE2 
604  N N   . LEU A 39 ? 0.08764 0.10266 0.07527 -0.00826 0.00061  -0.01716 37  LEU A N   
605  C CA  . LEU A 39 ? 0.07473 0.11337 0.07639 -0.01039 0.00000  -0.01869 37  LEU A CA  
606  C C   . LEU A 39 ? 0.08282 0.11144 0.08466 -0.00131 -0.00454 -0.01815 37  LEU A C   
607  O O   . LEU A 39 ? 0.09068 0.12694 0.11280 0.00569  -0.01802 -0.02116 37  LEU A O   
608  C CB  . LEU A 39 ? 0.09183 0.10419 0.08940 -0.01378 0.00472  -0.01627 37  LEU A CB  
609  C CG  . LEU A 39 ? 0.10492 0.11172 0.11246 -0.01635 0.00360  -0.01628 37  LEU A CG  
610  C CD1 . LEU A 39 ? 0.12678 0.11095 0.12036 -0.02975 0.00293  -0.01830 37  LEU A CD1 
611  C CD2 . LEU A 39 ? 0.11063 0.11329 0.14118 -0.02207 0.01159  -0.01076 37  LEU A CD2 
623  N N   . GLU A 40 ? 0.08149 0.10067 0.07546 -0.00411 -0.00253 -0.00960 38  GLU A N   
624  C CA  . GLU A 40 ? 0.09525 0.10795 0.08622 -0.00275 -0.00495 -0.00665 38  GLU A CA  
625  C C   . GLU A 40 ? 0.09253 0.10461 0.09546 0.00621  -0.00857 0.00022  38  GLU A C   
626  O O   . GLU A 40 ? 0.14460 0.13253 0.10430 0.03502  -0.00979 -0.00899 38  GLU A O   
627  C CB  . GLU A 40 ? 0.09886 0.11228 0.09292 -0.00596 -0.00210 -0.00351 38  GLU A CB  
628  C CG  . GLU A 40 ? 0.10824 0.11938 0.09527 -0.00201 -0.00795 -0.00449 38  GLU A CG  
629  C CD  . GLU A 40 ? 0.13425 0.12940 0.11559 -0.00809 -0.00151 -0.01668 38  GLU A CD  
630  O OE1 . GLU A 40 ? 0.14062 0.13684 0.12368 -0.00905 -0.00644 -0.01581 38  GLU A OE1 
631  O OE2 . GLU A 40 ? 0.13689 0.16920 0.13362 -0.02309 0.00603  -0.02276 38  GLU A OE2 
638  N N   . ASN A 41 ? 0.08005 0.08999 0.08734 -0.00995 -0.00421 -0.01010 39  ASN A N   
639  C CA  . ASN A 41 ? 0.09555 0.08400 0.10276 -0.00677 -0.00115 -0.01427 39  ASN A CA  
640  C C   . ASN A 41 ? 0.09809 0.09413 0.12969 -0.00588 0.01717  -0.03001 39  ASN A C   
641  O O   . ASN A 41 ? 0.12162 0.10507 0.14128 -0.00779 0.03180  -0.03567 39  ASN A O   
642  C CB  . ASN A 41 ? 0.09116 0.07962 0.10371 -0.00009 -0.00431 -0.02366 39  ASN A CB  
643  C CG  . ASN A 41 ? 0.08791 0.08757 0.11176 -0.01313 -0.01489 0.00014  39  ASN A CG  
644  O OD1 . ASN A 41 ? 0.09442 0.10994 0.16665 -0.01698 -0.01562 0.03376  39  ASN A OD1 
645  N ND2 . ASN A 41 ? 0.10268 0.08074 0.08646 -0.01895 -0.01075 -0.00536 39  ASN A ND2 
652  N N   . ARG A 42 ? 0.08628 0.10960 0.12746 -0.01222 0.01958  -0.03300 40  ARG A N   
653  C CA  . ARG A 42 ? 0.10015 0.12287 0.14900 -0.01909 0.02759  -0.03966 40  ARG A CA  
654  C C   . ARG A 42 ? 0.08927 0.14941 0.18144 -0.02173 0.02792  -0.04420 40  ARG A C   
655  O O   . ARG A 42 ? 0.10229 0.17891 0.16748 -0.03280 0.01169  -0.05376 40  ARG A O   
656  C CB  . ARG A 42 ? 0.13811 0.14325 0.12814 -0.02869 0.01506  -0.02869 40  ARG A CB  
657  C CG  . ARG A 42 ? 0.16713 0.16272 0.12402 -0.04071 0.00539  -0.02181 40  ARG A CG  
658  C CD  . ARG A 42 ? 0.19055 0.17244 0.13788 -0.04854 0.01165  -0.03249 40  ARG A CD  
659  N NE  . ARG A 42 ? 0.19903 0.18322 0.15993 -0.04769 0.00514  -0.02518 40  ARG A NE  
660  C CZ  . ARG A 42 ? 0.19295 0.18254 0.16340 -0.04691 0.00206  -0.02532 40  ARG A CZ  
661  N NH1 . ARG A 42 ? 0.20665 0.18676 0.16692 -0.05059 -0.00326 -0.02111 40  ARG A NH1 
662  N NH2 . ARG A 42 ? 0.17144 0.15934 0.16110 -0.05618 0.00020  -0.02084 40  ARG A NH2 
676  N N   . GLU A 43 ? 0.09972 0.16024 0.22947 -0.02185 0.04605  -0.05250 41  GLU A N   
677  C CA  . GLU A 43 ? 0.12655 0.19636 0.25788 -0.02396 0.04668  -0.04865 41  GLU A CA  
678  C C   . GLU A 43 ? 0.15821 0.19207 0.23789 -0.03158 0.03630  -0.04639 41  GLU A C   
679  O O   . GLU A 43 ? 0.21597 0.20078 0.23566 -0.03763 0.02938  -0.04279 41  GLU A O   
680  C CB  . GLU A 43 ? 0.17482 0.22979 0.28758 -0.02769 0.05086  -0.04699 41  GLU A CB  
681  C CG  . GLU A 43 ? 0.23453 0.26961 0.30449 -0.02721 0.04553  -0.03980 41  GLU A CG  
682  C CD  . GLU A 43 ? 0.27013 0.29616 0.31482 -0.02272 0.04764  -0.04118 41  GLU A CD  
683  O OE1 . GLU A 43 ? 0.28803 0.31446 0.32008 -0.01899 0.04875  -0.04049 41  GLU A OE1 
684  O OE2 . GLU A 43 ? 0.27491 0.29043 0.31769 -0.01802 0.05607  -0.05545 41  GLU A OE2 
691  N N   . SER A 44 ? 0.14695 0.19832 0.21748 -0.02322 0.02100  -0.04453 42  SER A N   
692  C CA  . SER A 44 ? 0.15354 0.18639 0.19426 -0.02421 0.01037  -0.03845 42  SER A CA  
693  C C   . SER A 44 ? 0.17308 0.18688 0.16670 -0.03197 -0.00649 -0.03325 42  SER A C   
694  O O   . SER A 44 ? 0.19581 0.18966 0.15718 -0.03005 -0.01663 -0.02881 42  SER A O   
695  C CB  . SER A 44 ? 0.15174 0.18065 0.21889 -0.02671 0.01486  -0.02688 42  SER A CB  
696  O OG  . SER A 44 ? 0.15018 0.18975 0.23203 -0.02379 0.00803  -0.01318 42  SER A OG  
702  N N   . GLN A 45 ? 0.16533 0.18930 0.16468 -0.03077 -0.01208 -0.03906 43  GLN A N   
703  C CA  . GLN A 45 ? 0.15881 0.18704 0.16588 -0.03301 -0.02038 -0.03322 43  GLN A CA  
704  C C   . GLN A 45 ? 0.15054 0.17308 0.15251 -0.02491 -0.02015 -0.02824 43  GLN A C   
705  O O   . GLN A 45 ? 0.14628 0.17956 0.14462 -0.02767 -0.02480 -0.02683 43  GLN A O   
706  C CB  . GLN A 45 ? 0.16771 0.19933 0.17127 -0.04185 -0.03098 -0.02297 43  GLN A CB  
707  C CG  . GLN A 45 ? 0.17515 0.19892 0.19686 -0.04887 -0.03232 -0.01454 43  GLN A CG  
708  C CD  . GLN A 45 ? 0.19532 0.21179 0.22094 -0.05342 -0.02889 -0.00934 43  GLN A CD  
709  O OE1 . GLN A 45 ? 0.21658 0.21715 0.24077 -0.05957 -0.01472 -0.00787 43  GLN A OE1 
710  N NE2 . GLN A 45 ? 0.17966 0.22384 0.21666 -0.04960 -0.04925 0.00358  43  GLN A NE2 
719  N N   . ARG A 46 ? 0.14415 0.13890 0.12765 -0.01668 -0.02388 -0.01998 44  ARG A N   
720  C CA  . ARG A 46 ? 0.13887 0.12033 0.11863 -0.01883 -0.02590 -0.00422 44  ARG A CA  
721  C C   . ARG A 46 ? 0.13968 0.10549 0.11352 -0.03153 -0.03100 -0.00185 44  ARG A C   
722  O O   . ARG A 46 ? 0.14807 0.10721 0.12895 -0.02670 -0.02257 0.00808  44  ARG A O   
723  C CB  . ARG A 46 ? 0.13013 0.11840 0.12331 -0.01471 -0.02701 -0.00010 44  ARG A CB  
724  C CG  . ARG A 46 ? 0.14438 0.12800 0.12514 -0.01155 -0.02344 0.00344  44  ARG A CG  
725  C CD  . ARG A 46 ? 0.12856 0.15514 0.11966 -0.00970 -0.02212 0.00326  44  ARG A CD  
726  N NE  . ARG A 46 ? 0.10266 0.14931 0.11987 -0.00496 -0.01576 -0.00680 44  ARG A NE  
727  C CZ  . ARG A 46 ? 0.10756 0.14195 0.12044 -0.00990 -0.01397 -0.01007 44  ARG A CZ  
728  N NH1 . ARG A 46 ? 0.11806 0.13259 0.11516 -0.00918 -0.00966 -0.00170 44  ARG A NH1 
729  N NH2 . ARG A 46 ? 0.12465 0.13960 0.13305 -0.02115 -0.01181 -0.00769 44  ARG A NH2 
743  N N   . PRO A 47 ? 0.12680 0.10283 0.11870 -0.03830 -0.03685 0.00227  45  PRO A N   
744  C CA  . PRO A 47 ? 0.11878 0.11123 0.13105 -0.03958 -0.03330 0.00174  45  PRO A CA  
745  C C   . PRO A 47 ? 0.10425 0.11135 0.12186 -0.03362 -0.03391 0.01211  45  PRO A C   
746  O O   . PRO A 47 ? 0.10779 0.10168 0.13095 -0.02931 -0.03563 -0.00482 45  PRO A O   
747  C CB  . PRO A 47 ? 0.12366 0.13165 0.15746 -0.04761 -0.02952 -0.00269 45  PRO A CB  
748  C CG  . PRO A 47 ? 0.14247 0.12463 0.16066 -0.05255 -0.02770 -0.00022 45  PRO A CG  
749  C CD  . PRO A 47 ? 0.13740 0.12087 0.14606 -0.04397 -0.02945 0.00178  45  PRO A CD  
757  N N   . SER A 48 ? 0.09625 0.10733 0.12258 -0.04018 -0.02484 0.01491  46  SER A N   
758  C CA  . SER A 48 ? 0.09427 0.11324 0.13555 -0.03538 -0.01168 0.01199  46  SER A CA  
759  C C   . SER A 48 ? 0.09660 0.10206 0.12545 -0.03513 -0.01651 0.01105  46  SER A C   
760  O O   . SER A 48 ? 0.09889 0.10033 0.12631 -0.03970 -0.00586 0.01133  46  SER A O   
761  C CB  . SER A 48 ? 0.10607 0.11451 0.14037 -0.02427 -0.00823 0.01550  46  SER A CB  
762  O OG  . SER A 48 ? 0.09723 0.13154 0.15708 -0.01309 -0.01016 0.02316  46  SER A OG  
768  N N   . ALA A 49 ? 0.08209 0.08697 0.13101 -0.03591 -0.01722 0.02140  47  ALA A N   
769  C CA  . ALA A 49 ? 0.09078 0.07722 0.14515 -0.02822 -0.01396 0.00525  47  ALA A CA  
770  C C   . ALA A 49 ? 0.08959 0.06820 0.14822 -0.01759 -0.01718 -0.00098 47  ALA A C   
771  O O   . ALA A 49 ? 0.08792 0.07568 0.13344 -0.01144 -0.01136 -0.00590 47  ALA A O   
772  C CB  . ALA A 49 ? 0.09561 0.09042 0.15166 -0.02196 -0.01113 -0.01079 47  ALA A CB  
778  N N   . GLU A 50 ? 0.09493 0.08196 0.16975 -0.02141 -0.02324 0.00900  48  GLU A N   
779  C CA  . GLU A 50 ? 0.10036 0.08347 0.18956 -0.00948 -0.02094 0.00424  48  GLU A CA  
780  C C   . GLU A 50 ? 0.08131 0.07583 0.16161 -0.00108 -0.03130 0.00771  48  GLU A C   
781  O O   . GLU A 50 ? 0.08580 0.07120 0.17057 0.00436  -0.02780 0.00411  48  GLU A O   
782  C CB  . GLU A 50 ? 0.14339 0.09226 0.22346 -0.01016 -0.00836 0.01133  48  GLU A CB  
783  C CG  . GLU A 50 ? 0.16875 0.12682 0.23936 -0.00901 -0.01001 0.01322  48  GLU A CG  
784  C CD  . GLU A 50 ? 0.17901 0.16331 0.25606 -0.00601 -0.01054 0.01986  48  GLU A CD  
785  O OE1 . GLU A 50 ? 0.20896 0.17007 0.26626 -0.01382 -0.01102 0.02744  48  GLU A OE1 
786  O OE2 . GLU A 50 ? 0.16117 0.18665 0.26752 0.00722  -0.01087 0.02561  48  GLU A OE2 
793  N N   . LYS A 51 ? 0.08617 0.08890 0.13417 -0.01443 -0.02045 0.00739  49  LYS A N   
794  C CA  . LYS A 51 ? 0.07111 0.09746 0.10873 -0.02156 -0.01961 0.00103  49  LYS A CA  
795  C C   . LYS A 51 ? 0.07696 0.07577 0.09326 -0.02281 -0.00182 -0.00542 49  LYS A C   
796  O O   . LYS A 51 ? 0.06924 0.07873 0.09341 -0.01896 -0.00051 -0.00693 49  LYS A O   
797  C CB  . LYS A 51 ? 0.09240 0.12162 0.10687 -0.02814 -0.00837 0.00742  49  LYS A CB  
798  C CG  . LYS A 51 ? 0.09018 0.13571 0.10728 -0.02579 -0.00336 0.02109  49  LYS A CG  
799  C CD  . LYS A 51 ? 0.09663 0.12271 0.10753 -0.01407 -0.00040 0.01018  49  LYS A CD  
800  C CE  . LYS A 51 ? 0.09522 0.12207 0.10582 0.00058  -0.00308 0.01319  49  LYS A CE  
801  N NZ  . LYS A 51 ? 0.10563 0.11806 0.11699 0.00158  0.00088  0.01145  49  LYS A NZ  
815  N N   . LEU A 52 ? 0.08068 0.07275 0.09892 -0.01161 -0.00176 0.00136  50  LEU A N   
816  C CA  . LEU A 52 ? 0.07135 0.07414 0.10877 -0.00050 -0.00114 -0.01469 50  LEU A CA  
817  C C   . LEU A 52 ? 0.06689 0.06916 0.10161 -0.00396 -0.00619 -0.01101 50  LEU A C   
818  O O   . LEU A 52 ? 0.06576 0.08458 0.10431 0.00517  -0.00194 -0.00827 50  LEU A O   
819  C CB  . LEU A 52 ? 0.07929 0.09321 0.13156 0.00833  0.00963  -0.02551 50  LEU A CB  
820  C CG  . LEU A 52 ? 0.10377 0.12114 0.16097 0.00812  -0.00415 0.00064  50  LEU A CG  
821  C CD1 . LEU A 52 ? 0.12851 0.11099 0.19268 0.01692  0.00478  -0.00833 50  LEU A CD1 
822  C CD2 . LEU A 52 ? 0.09904 0.14252 0.19114 0.01116  -0.00042 0.00673  50  LEU A CD2 
834  N N   . THR A 53 ? 0.06256 0.06689 0.09462 0.00404  -0.01397 -0.00584 51  THR A N   
835  C CA  . THR A 53 ? 0.07064 0.08151 0.09481 0.00994  -0.01674 -0.01298 51  THR A CA  
836  C C   . THR A 53 ? 0.08406 0.06477 0.09781 0.01037  -0.01094 -0.01453 51  THR A C   
837  O O   . THR A 53 ? 0.07588 0.08562 0.10612 0.00831  -0.01650 -0.01305 51  THR A O   
838  C CB  . THR A 53 ? 0.07884 0.08348 0.11228 -0.00758 -0.00648 -0.03281 51  THR A CB  
839  O OG1 . THR A 53 ? 0.07513 0.09311 0.11252 -0.00952 -0.00048 -0.03534 51  THR A OG1 
840  C CG2 . THR A 53 ? 0.08813 0.09818 0.13918 -0.01587 0.00221  -0.04823 51  THR A CG2 
848  N N   . ALA A 54 ? 0.07498 0.06551 0.09640 0.00787  -0.01049 -0.01447 52  ALA A N   
849  C CA  . ALA A 54 ? 0.06827 0.07005 0.10763 0.00638  -0.01005 -0.00936 52  ALA A CA  
850  C C   . ALA A 54 ? 0.05465 0.06763 0.10298 0.00643  -0.01316 -0.01155 52  ALA A C   
851  O O   . ALA A 54 ? 0.06818 0.07321 0.10449 0.00275  -0.00332 -0.01513 52  ALA A O   
852  C CB  . ALA A 54 ? 0.07009 0.08424 0.11512 0.00337  -0.01953 -0.00455 52  ALA A CB  
858  N N   . LEU A 55 ? 0.05890 0.06631 0.09386 0.00144  -0.00924 -0.00931 53  LEU A N   
859  C CA  . LEU A 55 ? 0.06825 0.05756 0.08433 0.00093  -0.00217 -0.00526 53  LEU A CA  
860  C C   . LEU A 55 ? 0.07132 0.06391 0.08819 -0.00329 0.00159  -0.01035 53  LEU A C   
861  O O   . LEU A 55 ? 0.06850 0.06970 0.09982 0.00199  -0.00783 -0.00959 53  LEU A O   
862  C CB  . LEU A 55 ? 0.07940 0.06531 0.07925 -0.00170 0.00069  -0.00808 53  LEU A CB  
863  C CG  . LEU A 55 ? 0.09568 0.07349 0.07244 0.00178  -0.00621 -0.01192 53  LEU A CG  
864  C CD1 . LEU A 55 ? 0.11700 0.08252 0.09187 -0.00028 -0.00372 -0.00792 53  LEU A CD1 
865  C CD2 . LEU A 55 ? 0.09730 0.08745 0.08642 -0.00912 -0.01475 -0.00677 53  LEU A CD2 
877  N N   . ALA A 56 ? 0.06263 0.06901 0.08862 -0.00327 -0.00052 -0.00441 54  ALA A N   
878  C CA  . ALA A 56 ? 0.08106 0.07999 0.08649 0.00204  -0.00385 0.00677  54  ALA A CA  
879  C C   . ALA A 56 ? 0.07133 0.08608 0.08747 -0.00093 -0.00614 -0.00415 54  ALA A C   
880  O O   . ALA A 56 ? 0.07612 0.09220 0.08894 -0.00124 -0.00896 0.00901  54  ALA A O   
881  C CB  . ALA A 56 ? 0.07537 0.10465 0.09263 0.00102  -0.01437 0.01879  54  ALA A CB  
887  N N   . ASP A 57 ? 0.08453 0.08010 0.09417 0.00742  0.00006  -0.00760 55  ASP A N   
888  C CA  . ASP A 57 ? 0.10858 0.09315 0.09283 0.01172  -0.00346 -0.01511 55  ASP A CA  
889  C C   . ASP A 57 ? 0.10124 0.10455 0.07944 0.00582  0.00540  -0.02231 55  ASP A C   
890  O O   . ASP A 57 ? 0.10955 0.14982 0.08651 -0.00721 0.00661  -0.02772 55  ASP A O   
891  C CB  . ASP A 57 ? 0.11018 0.10541 0.12137 0.02585  -0.01119 -0.01982 55  ASP A CB  
892  C CG  . ASP A 57 ? 0.14680 0.10773 0.15295 0.02820  -0.02666 -0.02124 55  ASP A CG  
893  O OD1 . ASP A 57 ? 0.17128 0.12759 0.17868 0.01896  -0.03815 -0.03863 55  ASP A OD1 
894  O OD2 . ASP A 57 ? 0.16470 0.09861 0.17341 0.03142  -0.02104 -0.02706 55  ASP A OD2 
899  N N   . ALA A 58 ? 0.08795 0.10260 0.08287 0.01611  0.00385  -0.01372 56  ALA A N   
900  C CA  . ALA A 58 ? 0.07163 0.12227 0.09322 0.00612  -0.00441 -0.00838 56  ALA A CA  
901  C C   . ALA A 58 ? 0.06955 0.12840 0.11070 -0.00197 -0.00076 -0.00040 56  ALA A C   
902  O O   . ALA A 58 ? 0.07557 0.16488 0.14338 0.00111  0.01484  0.03216  56  ALA A O   
903  C CB  . ALA A 58 ? 0.07819 0.12178 0.09742 0.00501  -0.00499 -0.00509 56  ALA A CB  
909  N N   . LEU A 59 ? 0.06678 0.08791 0.09390 -0.00682 -0.01111 -0.00160 57  LEU A N   
910  C CA  . LEU A 59 ? 0.08315 0.09364 0.09941 -0.01265 -0.01376 -0.00391 57  LEU A CA  
911  C C   . LEU A 59 ? 0.09218 0.09827 0.10153 -0.01578 -0.01583 0.00267  57  LEU A C   
912  O O   . LEU A 59 ? 0.13239 0.09796 0.11596 -0.02411 -0.02622 0.01054  57  LEU A O   
913  C CB  . LEU A 59 ? 0.08224 0.08657 0.10369 -0.00760 -0.01359 -0.01216 57  LEU A CB  
914  C CG  . LEU A 59 ? 0.10814 0.09884 0.11445 -0.01034 -0.01337 -0.01427 57  LEU A CG  
915  C CD1 . LEU A 59 ? 0.12271 0.10464 0.10651 -0.00310 -0.00677 -0.01321 57  LEU A CD1 
916  C CD2 . LEU A 59 ? 0.11351 0.12523 0.11660 -0.01793 -0.02819 -0.00684 57  LEU A CD2 
928  N N   . GLY A 60 ? 0.08252 0.10884 0.09736 -0.00464 -0.00740 -0.00462 58  GLY A N   
929  C CA  . GLY A 60 ? 0.08872 0.10759 0.08616 -0.00541 -0.01059 0.00094  58  GLY A CA  
930  C C   . GLY A 60 ? 0.08933 0.10523 0.08356 -0.00958 -0.01583 0.01010  58  GLY A C   
931  O O   . GLY A 60 ? 0.10187 0.14505 0.09076 -0.01217 -0.01689 0.02114  58  GLY A O   
935  N N   . VAL A 61 ? 0.07016 0.09693 0.08179 0.00133  -0.01031 0.01158  59  VAL A N   
936  C CA  . VAL A 61 ? 0.09147 0.09142 0.08278 -0.00105 -0.01558 0.01019  59  VAL A CA  
937  C C   . VAL A 61 ? 0.08302 0.09266 0.08421 0.00254  -0.01899 0.00101  59  VAL A C   
938  O O   . VAL A 61 ? 0.08705 0.08501 0.11287 0.00065  -0.02837 0.00668  59  VAL A O   
939  C CB  . VAL A 61 ? 0.09259 0.09286 0.11038 0.00719  -0.00801 -0.00361 59  VAL A CB  
940  C CG1 . VAL A 61 ? 0.11976 0.08681 0.13625 0.00621  -0.00319 -0.00464 59  VAL A CG1 
941  C CG2 . VAL A 61 ? 0.08965 0.09616 0.09647 0.01233  -0.00484 -0.00857 59  VAL A CG2 
951  N N   . GLY A 62 ? 0.07823 0.08828 0.09057 0.00064  -0.01629 0.01067  60  GLY A N   
952  C CA  . GLY A 62 ? 0.07634 0.09165 0.10220 -0.00422 -0.01625 0.00275  60  GLY A CA  
953  C C   . GLY A 62 ? 0.06994 0.07465 0.09750 -0.00719 -0.01412 0.00054  60  GLY A C   
954  O O   . GLY A 62 ? 0.07201 0.07113 0.09720 -0.00686 -0.00481 0.00043  60  GLY A O   
958  N N   . THR A 63 ? 0.07807 0.06253 0.09745 -0.00806 -0.00913 0.00165  61  THR A N   
959  C CA  . THR A 63 ? 0.08904 0.07163 0.10379 -0.01241 -0.01239 0.00977  61  THR A CA  
960  C C   . THR A 63 ? 0.08241 0.06404 0.09289 -0.01898 -0.01168 0.01048  61  THR A C   
961  O O   . THR A 63 ? 0.08827 0.08218 0.09017 -0.01887 -0.01802 0.01949  61  THR A O   
962  C CB  . THR A 63 ? 0.10725 0.08893 0.13018 -0.01627 -0.01342 0.02001  61  THR A CB  
963  O OG1 . THR A 63 ? 0.14310 0.09371 0.15680 -0.03454 -0.02032 0.02759  61  THR A OG1 
964  C CG2 . THR A 63 ? 0.12424 0.07976 0.14397 -0.01077 -0.00494 0.02191  61  THR A CG2 
972  N N   . SER A 64 ? 0.08101 0.08219 0.08398 -0.01294 -0.01595 0.00380  62  SER A N   
973  C CA  . SER A 64 ? 0.07781 0.09260 0.08875 -0.01204 -0.01605 0.00418  62  SER A CA  
974  C C   . SER A 64 ? 0.07081 0.09797 0.08228 -0.00639 -0.01648 0.00586  62  SER A C   
975  O O   . SER A 64 ? 0.06801 0.11384 0.10073 0.00381  -0.00466 -0.00371 62  SER A O   
976  C CB  . SER A 64 ? 0.09882 0.09535 0.10375 -0.01666 -0.01745 0.00587  62  SER A CB  
977  O OG  . SER A 64 ? 0.12473 0.10252 0.09559 -0.02214 -0.03087 0.01059  62  SER A OG  
983  N N   . PHE A 65 ? 0.07583 0.07970 0.07999 -0.00317 -0.00876 0.01093  63  PHE A N   
984  C CA  . PHE A 65 ? 0.07810 0.07662 0.09155 -0.00507 -0.00594 0.00417  63  PHE A CA  
985  C C   . PHE A 65 ? 0.07967 0.08028 0.09308 -0.00477 -0.01034 0.00278  63  PHE A C   
986  O O   . PHE A 65 ? 0.10833 0.08643 0.10738 0.00889  0.00169  -0.00450 63  PHE A O   
987  C CB  . PHE A 65 ? 0.09500 0.07568 0.08885 -0.00590 -0.01027 0.00621  63  PHE A CB  
988  C CG  . PHE A 65 ? 0.10321 0.07667 0.09366 -0.00675 -0.00200 0.01507  63  PHE A CG  
989  C CD1 . PHE A 65 ? 0.12607 0.09426 0.11084 -0.01007 -0.00895 0.03122  63  PHE A CD1 
990  C CD2 . PHE A 65 ? 0.13415 0.08202 0.11913 -0.00175 -0.00504 0.00993  63  PHE A CD2 
991  C CE1 . PHE A 65 ? 0.13117 0.08716 0.12806 -0.00204 -0.00325 0.03479  63  PHE A CE1 
992  C CE2 . PHE A 65 ? 0.13682 0.09121 0.14808 -0.00366 -0.00437 0.00119  63  PHE A CE2 
993  C CZ  . PHE A 65 ? 0.12517 0.09097 0.15288 -0.00259 0.00066  0.01644  63  PHE A CZ  
1003 N N   . PHE A 66 ? 0.07629 0.08320 0.08194 -0.00290 -0.00958 0.00324  64  PHE A N   
1004 C CA  . PHE A 66 ? 0.08019 0.11805 0.08552 -0.00802 -0.00314 -0.00714 64  PHE A CA  
1005 C C   . PHE A 66 ? 0.09533 0.15647 0.09017 -0.02001 0.00682  -0.01138 64  PHE A C   
1006 O O   . PHE A 66 ? 0.11043 0.21014 0.11611 -0.03706 0.02433  -0.03550 64  PHE A O   
1007 C CB  . PHE A 66 ? 0.09242 0.11964 0.07414 -0.00755 -0.00315 0.00084  64  PHE A CB  
1008 C CG  . PHE A 66 ? 0.09113 0.12808 0.08780 -0.00613 -0.01166 0.00327  64  PHE A CG  
1009 C CD1 . PHE A 66 ? 0.08401 0.12796 0.10335 -0.00473 -0.01357 0.00178  64  PHE A CD1 
1010 C CD2 . PHE A 66 ? 0.11013 0.15117 0.11792 -0.00901 0.00331  -0.01150 64  PHE A CD2 
1011 C CE1 . PHE A 66 ? 0.09384 0.13385 0.10826 -0.01853 -0.01629 0.01707  64  PHE A CE1 
1012 C CE2 . PHE A 66 ? 0.11641 0.15986 0.13927 -0.00507 0.01126  -0.00398 64  PHE A CE2 
1013 C CZ  . PHE A 66 ? 0.09796 0.16347 0.13366 -0.01088 -0.00465 0.01018  64  PHE A CZ  
1023 N N   . LEU A 67 ? 0.09468 0.16369 0.10273 -0.03690 0.00414  0.00688  65  LEU A N   
1024 C CA  . LEU A 67 ? 0.08859 0.15590 0.13142 -0.02778 0.00056  0.01594  65  LEU A CA  
1025 C C   . LEU A 67 ? 0.10346 0.15371 0.19416 -0.02263 0.02145  0.00873  65  LEU A C   
1026 O O   . LEU A 67 ? 0.12730 0.17447 0.23205 -0.01736 0.04704  0.01674  65  LEU A O   
1027 C CB  . LEU A 67 ? 0.08696 0.14335 0.13550 -0.02437 -0.01349 0.03273  65  LEU A CB  
1028 C CG  . LEU A 67 ? 0.11195 0.15924 0.16177 -0.01980 -0.00843 0.03447  65  LEU A CG  
1029 C CD1 . LEU A 67 ? 0.13760 0.12828 0.16954 -0.02983 -0.01398 0.03472  65  LEU A CD1 
1030 C CD2 . LEU A 67 ? 0.12778 0.19756 0.16446 -0.00509 -0.01326 0.03725  65  LEU A CD2 
1042 N N   . GLU A 68 ? 0.09759 0.17228 0.22595 -0.00349 -0.00389 0.00630  66  GLU A N   
1043 C CA  . GLU A 68 ? 0.11989 0.17147 0.26165 -0.00180 -0.01009 0.00551  66  GLU A CA  
1044 C C   . GLU A 68 ? 0.15341 0.20889 0.29880 0.00494  -0.01493 -0.02907 66  GLU A C   
1045 O O   . GLU A 68 ? 0.16043 0.24292 0.32529 0.00780  -0.02386 -0.04858 66  GLU A O   
1046 C CB  . GLU A 68 ? 0.12599 0.14640 0.27245 -0.00744 -0.00941 0.03797  66  GLU A CB  
1047 C CG  . GLU A 68 ? 0.13511 0.13153 0.28091 0.00332  -0.01325 0.04547  66  GLU A CG  
1048 C CD  . GLU A 68 ? 0.12817 0.12779 0.30530 0.00066  -0.00727 0.04186  66  GLU A CD  
1049 O OE1 . GLU A 68 ? 0.13089 0.14409 0.32508 0.00282  0.00287  0.02843  66  GLU A OE1 
1050 O OE2 . GLU A 68 ? 0.14051 0.13730 0.30835 -0.00656 -0.02183 0.04280  66  GLU A OE2 
1057 N N   . ASP A 69 ? 0.18528 0.21791 0.30538 0.01021  -0.00961 -0.03802 67  ASP A N   
1058 C CA  . ASP A 69 ? 0.21041 0.23951 0.30474 0.00588  -0.00576 -0.03427 67  ASP A CA  
1059 C C   . ASP A 69 ? 0.23902 0.25643 0.30551 -0.00496 -0.00237 -0.02881 67  ASP A C   
1060 O O   . ASP A 69 ? 0.25689 0.27069 0.30705 -0.01187 -0.00446 -0.02910 67  ASP A O   
1061 C CB  . ASP A 69 ? 0.22006 0.24556 0.30259 0.01203  -0.01084 -0.03695 67  ASP A CB  
1062 O OXT . ASP A 69 ? 0.24736 0.25785 0.31195 -0.00735 0.00299  -0.02518 67  ASP A OXT 
1065 S S   . SO4 B .  ? 0.14280 0.10097 0.13967 -0.03494 -0.00094 -0.02144 101 SO4 A S   
1066 O O1  . SO4 B .  ? 0.17482 0.11491 0.14620 -0.01845 -0.00047 -0.02439 101 SO4 A O1  
1067 O O2  . SO4 B .  ? 0.14371 0.15000 0.15986 -0.04300 0.00412  -0.02137 101 SO4 A O2  
1068 O O3  . SO4 B .  ? 0.15214 0.10703 0.13882 -0.03662 0.01207  -0.02533 101 SO4 A O3  
1069 O O4  . SO4 B .  ? 0.15860 0.12271 0.14551 -0.03481 -0.00741 -0.02518 101 SO4 A O4  
1070 S S   A SO4 C .  ? 0.16391 0.14849 0.11195 -0.01623 -0.02728 -0.01844 102 SO4 A S   
1071 S S   B SO4 C .  ? 0.12361 0.11486 0.10078 -0.02135 -0.02699 -0.01311 102 SO4 A S   
1072 O O1  A SO4 C .  ? 0.16420 0.17727 0.12720 -0.02533 -0.02431 -0.01445 102 SO4 A O1  
1073 O O1  B SO4 C .  ? 0.15365 0.12799 0.11721 -0.02243 -0.03511 0.00332  102 SO4 A O1  
1074 O O2  A SO4 C .  ? 0.18956 0.12481 0.12487 -0.00712 -0.01908 -0.02942 102 SO4 A O2  
1075 O O2  B SO4 C .  ? 0.11604 0.13470 0.11261 -0.03036 -0.00783 -0.02198 102 SO4 A O2  
1076 O O3  A SO4 C .  ? 0.15167 0.15596 0.13514 -0.01953 -0.02487 -0.01960 102 SO4 A O3  
1077 O O3  B SO4 C .  ? 0.13325 0.11814 0.10264 -0.01625 -0.03781 -0.01351 102 SO4 A O3  
1078 O O4  A SO4 C .  ? 0.17067 0.16143 0.09422 -0.01396 -0.03042 -0.01431 102 SO4 A O4  
1079 O O4  B SO4 C .  ? 0.13434 0.11600 0.10986 -0.01923 -0.02347 -0.01832 102 SO4 A O4  
# 
